data_5BKE
#
_entry.id   5BKE
#
_cell.length_a   266.432
_cell.length_b   55.494
_cell.length_c   183.663
_cell.angle_alpha   90.00
_cell.angle_beta   118.97
_cell.angle_gamma   90.00
#
_symmetry.space_group_name_H-M   'C 1 2 1'
#
loop_
_entity.id
_entity.type
_entity.pdbx_description
1 polymer 'Alpha-ketoglutarate-dependent 2,4-dichlorophenoxyacetate dioxygenase'
2 non-polymer 'MANGANESE (II) ION'
3 non-polymer N-OXALYLGLYCINE
4 non-polymer 'POTASSIUM ION'
5 water water
#
_entity_poly.entity_id   1
_entity_poly.type   'polypeptide(L)'
_entity_poly.pdbx_seq_one_letter_code
;MTIAIRQLQTHFVGQVSGLDLRKPLTPGEAREVESAMDKYAVLVFHDQDITDEQQMAFALNFGQREDARGGTVTKEKDYR
LQSGLNDVSNLGKDGKPLAKDSRTHLFNLGNCLWHSDSSFRPIPAKFSLLSARVVNPTGGNTEFADMRAAYDALDDETKA
EIEDLVCEHSLMYSRGSLGFTEYTDEEKQMFKPVLQRLVRTHPVHRRKSLYLSSHAGKIASMSVPEGRLLLRDLNEHATQ
PEFVYVHKWKLHDLVMWDNRQTMHRVRRYDQSQPRDMRRATVAGTEPTVQQQAAE
;
_entity_poly.pdbx_strand_id   A,B,C,D,E,F,G
#
# COMPACT_ATOMS: atom_id res chain seq x y z
N MET A 1 -28.68 -0.97 1.33
CA MET A 1 -28.60 -2.34 1.93
C MET A 1 -27.32 -2.50 2.73
N THR A 2 -27.48 -2.96 3.98
CA THR A 2 -26.35 -3.19 4.89
C THR A 2 -26.11 -4.69 5.12
N ILE A 3 -24.96 -5.00 5.71
CA ILE A 3 -24.49 -6.37 5.90
C ILE A 3 -25.28 -7.11 6.99
N ALA A 4 -25.77 -8.28 6.64
CA ALA A 4 -26.38 -9.23 7.58
C ALA A 4 -25.59 -10.53 7.57
N ILE A 5 -25.41 -11.12 8.74
CA ILE A 5 -24.70 -12.39 8.87
C ILE A 5 -25.56 -13.42 9.61
N ARG A 6 -25.65 -14.61 9.05
CA ARG A 6 -26.41 -15.72 9.62
C ARG A 6 -25.43 -16.86 9.92
N GLN A 7 -25.50 -17.37 11.16
CA GLN A 7 -24.70 -18.50 11.63
C GLN A 7 -25.04 -19.78 10.86
N LEU A 8 -24.02 -20.49 10.38
CA LEU A 8 -24.23 -21.71 9.59
C LEU A 8 -23.84 -23.04 10.28
N GLN A 9 -23.11 -22.96 11.39
CA GLN A 9 -22.62 -24.16 12.09
C GLN A 9 -22.49 -23.76 13.56
N THR A 10 -22.55 -24.76 14.44
CA THR A 10 -22.54 -24.53 15.89
C THR A 10 -21.49 -23.52 16.36
N HIS A 11 -20.25 -23.70 15.92
CA HIS A 11 -19.10 -22.97 16.48
C HIS A 11 -18.62 -21.81 15.62
N PHE A 12 -18.95 -21.84 14.32
CA PHE A 12 -18.35 -20.93 13.34
C PHE A 12 -19.13 -20.88 12.02
N VAL A 13 -18.57 -20.14 11.05
CA VAL A 13 -19.10 -19.96 9.68
C VAL A 13 -20.32 -19.05 9.65
N GLY A 14 -20.21 -18.00 8.86
CA GLY A 14 -21.30 -17.05 8.65
C GLY A 14 -21.66 -16.89 7.18
N GLN A 15 -22.96 -16.81 6.93
CA GLN A 15 -23.51 -16.44 5.63
C GLN A 15 -23.78 -14.94 5.61
N VAL A 16 -23.23 -14.29 4.59
CA VAL A 16 -23.27 -12.83 4.47
C VAL A 16 -24.21 -12.43 3.35
N SER A 17 -25.10 -11.49 3.66
CA SER A 17 -25.98 -10.89 2.66
CA SER A 17 -25.99 -10.90 2.68
C SER A 17 -25.87 -9.38 2.72
N GLY A 18 -26.22 -8.73 1.61
CA GLY A 18 -26.26 -7.27 1.55
C GLY A 18 -25.00 -6.61 1.05
N LEU A 19 -24.12 -7.40 0.43
CA LEU A 19 -22.90 -6.85 -0.13
C LEU A 19 -22.74 -7.28 -1.57
N ASP A 20 -22.45 -6.32 -2.43
CA ASP A 20 -22.20 -6.58 -3.84
C ASP A 20 -20.68 -6.50 -4.06
N LEU A 21 -20.06 -7.65 -4.32
CA LEU A 21 -18.59 -7.73 -4.44
C LEU A 21 -18.04 -7.25 -5.78
N ARG A 22 -18.91 -6.85 -6.69
CA ARG A 22 -18.53 -6.18 -7.94
C ARG A 22 -18.14 -4.72 -7.68
N LYS A 23 -18.51 -4.21 -6.50
CA LYS A 23 -18.36 -2.82 -6.14
C LYS A 23 -17.27 -2.65 -5.07
N PRO A 24 -16.51 -1.53 -5.13
CA PRO A 24 -15.52 -1.31 -4.06
C PRO A 24 -16.21 -1.12 -2.72
N LEU A 25 -15.54 -1.51 -1.63
CA LEU A 25 -16.10 -1.42 -0.30
C LEU A 25 -15.84 -0.06 0.30
N THR A 26 -16.75 0.38 1.18
CA THR A 26 -16.51 1.56 2.02
C THR A 26 -15.53 1.16 3.15
N PRO A 27 -14.92 2.16 3.81
CA PRO A 27 -14.12 1.78 4.97
C PRO A 27 -14.90 0.96 6.01
N GLY A 28 -16.17 1.31 6.24
CA GLY A 28 -17.04 0.62 7.19
C GLY A 28 -17.31 -0.83 6.84
N GLU A 29 -17.58 -1.08 5.57
CA GLU A 29 -17.81 -2.44 5.07
C GLU A 29 -16.56 -3.33 5.17
N ALA A 30 -15.38 -2.77 4.88
CA ALA A 30 -14.09 -3.46 5.07
C ALA A 30 -13.91 -3.86 6.53
N ARG A 31 -14.22 -2.94 7.45
CA ARG A 31 -14.18 -3.20 8.89
C ARG A 31 -15.15 -4.28 9.34
N GLU A 32 -16.38 -4.23 8.84
CA GLU A 32 -17.43 -5.20 9.20
C GLU A 32 -17.08 -6.61 8.74
N VAL A 33 -16.66 -6.73 7.48
CA VAL A 33 -16.23 -8.02 6.93
C VAL A 33 -15.02 -8.59 7.70
N GLU A 34 -14.05 -7.74 8.04
CA GLU A 34 -12.88 -8.24 8.79
C GLU A 34 -13.24 -8.71 10.22
N SER A 35 -14.03 -7.91 10.95
CA SER A 35 -14.55 -8.33 12.26
C SER A 35 -15.31 -9.65 12.17
N ALA A 36 -16.14 -9.79 11.13
CA ALA A 36 -16.88 -11.03 10.88
C ALA A 36 -15.94 -12.21 10.60
N MET A 37 -14.84 -11.95 9.90
CA MET A 37 -13.82 -12.98 9.69
C MET A 37 -13.16 -13.39 10.99
N ASP A 38 -12.91 -12.41 11.86
CA ASP A 38 -12.36 -12.67 13.21
C ASP A 38 -13.29 -13.62 14.00
N LYS A 39 -14.59 -13.30 14.01
CA LYS A 39 -15.58 -14.05 14.79
C LYS A 39 -15.95 -15.41 14.18
N TYR A 40 -16.31 -15.42 12.90
CA TYR A 40 -16.85 -16.62 12.21
C TYR A 40 -15.81 -17.48 11.49
N ALA A 41 -14.65 -16.89 11.18
CA ALA A 41 -13.50 -17.57 10.51
C ALA A 41 -13.69 -17.99 9.03
N VAL A 42 -14.94 -18.23 8.64
CA VAL A 42 -15.32 -18.62 7.27
C VAL A 42 -16.59 -17.83 6.93
N LEU A 43 -16.57 -17.16 5.79
CA LEU A 43 -17.75 -16.41 5.33
C LEU A 43 -18.20 -16.88 3.96
N VAL A 44 -19.52 -17.06 3.84
CA VAL A 44 -20.17 -17.58 2.64
C VAL A 44 -20.99 -16.46 2.01
N PHE A 45 -20.69 -16.17 0.73
CA PHE A 45 -21.40 -15.15 -0.06
C PHE A 45 -22.02 -15.88 -1.24
N HIS A 46 -23.30 -15.64 -1.49
CA HIS A 46 -23.98 -16.24 -2.65
C HIS A 46 -24.13 -15.18 -3.72
N ASP A 47 -24.25 -15.61 -4.98
CA ASP A 47 -24.62 -14.74 -6.14
C ASP A 47 -23.63 -13.58 -6.35
N GLN A 48 -22.35 -13.92 -6.43
CA GLN A 48 -21.30 -12.93 -6.64
C GLN A 48 -20.64 -13.16 -8.00
N ASP A 49 -21.29 -12.66 -9.05
CA ASP A 49 -20.81 -12.84 -10.45
C ASP A 49 -19.70 -11.82 -10.75
N ILE A 50 -18.49 -12.17 -10.33
CA ILE A 50 -17.34 -11.25 -10.30
C ILE A 50 -16.24 -11.62 -11.28
N THR A 51 -15.49 -10.61 -11.72
CA THR A 51 -14.28 -10.79 -12.54
C THR A 51 -13.11 -11.05 -11.59
N ASP A 52 -11.99 -11.54 -12.13
CA ASP A 52 -10.75 -11.76 -11.37
C ASP A 52 -10.26 -10.48 -10.68
N GLU A 53 -10.30 -9.37 -11.42
CA GLU A 53 -9.90 -8.05 -10.92
C GLU A 53 -10.77 -7.64 -9.73
N GLN A 54 -12.09 -7.84 -9.87
CA GLN A 54 -13.05 -7.55 -8.80
C GLN A 54 -12.85 -8.44 -7.57
N GLN A 55 -12.52 -9.71 -7.78
CA GLN A 55 -12.22 -10.64 -6.68
C GLN A 55 -10.98 -10.18 -5.91
N MET A 56 -9.89 -9.93 -6.63
CA MET A 56 -8.63 -9.45 -6.05
C MET A 56 -8.82 -8.13 -5.31
N ALA A 57 -9.52 -7.19 -5.94
CA ALA A 57 -9.81 -5.88 -5.34
C ALA A 57 -10.56 -5.97 -4.00
N PHE A 58 -11.55 -6.87 -3.94
CA PHE A 58 -12.19 -7.22 -2.67
C PHE A 58 -11.15 -7.77 -1.67
N ALA A 59 -10.35 -8.73 -2.11
CA ALA A 59 -9.33 -9.34 -1.26
C ALA A 59 -8.32 -8.34 -0.68
N LEU A 60 -7.92 -7.36 -1.50
CA LEU A 60 -6.87 -6.39 -1.13
C LEU A 60 -7.27 -5.37 -0.03
N ASN A 61 -8.58 -5.31 0.29
CA ASN A 61 -9.05 -4.60 1.49
C ASN A 61 -8.37 -5.08 2.78
N PHE A 62 -7.95 -6.35 2.78
CA PHE A 62 -7.51 -7.08 3.97
C PHE A 62 -6.00 -7.29 4.07
N GLY A 63 -5.27 -6.77 3.08
CA GLY A 63 -3.81 -6.77 3.09
C GLY A 63 -3.22 -6.72 1.71
N GLN A 64 -2.19 -7.54 1.48
CA GLN A 64 -1.48 -7.59 0.22
C GLN A 64 -1.56 -8.97 -0.37
N ARG A 65 -1.32 -9.07 -1.68
CA ARG A 65 -1.09 -10.35 -2.37
C ARG A 65 0.05 -11.11 -1.74
N GLU A 66 -0.14 -12.41 -1.60
CA GLU A 66 0.96 -13.28 -1.26
C GLU A 66 1.79 -13.45 -2.52
N ASP A 67 3.11 -13.31 -2.36
CA ASP A 67 4.06 -13.58 -3.43
C ASP A 67 3.97 -15.03 -3.96
N GLY A 84 -3.97 -11.63 -10.79
CA GLY A 84 -3.05 -12.61 -10.20
C GLY A 84 -3.66 -13.60 -9.21
N LEU A 85 -4.84 -14.12 -9.56
CA LEU A 85 -5.49 -15.19 -8.79
C LEU A 85 -4.73 -16.50 -8.87
N ASN A 86 -4.85 -17.33 -7.83
CA ASN A 86 -4.30 -18.70 -7.82
C ASN A 86 -5.29 -19.64 -8.48
N ASP A 87 -4.80 -20.39 -9.46
CA ASP A 87 -5.65 -21.26 -10.24
C ASP A 87 -5.76 -22.59 -9.51
N VAL A 88 -6.89 -22.79 -8.83
CA VAL A 88 -7.14 -24.04 -8.09
C VAL A 88 -8.22 -24.88 -8.82
N SER A 89 -8.39 -24.58 -10.11
CA SER A 89 -9.28 -25.32 -10.99
C SER A 89 -8.66 -26.68 -11.35
N ASN A 90 -9.42 -27.52 -12.06
CA ASN A 90 -8.88 -28.77 -12.59
C ASN A 90 -8.50 -28.66 -14.09
N LEU A 91 -8.24 -27.43 -14.53
CA LEU A 91 -8.08 -27.09 -15.95
C LEU A 91 -6.64 -26.72 -16.37
N GLY A 92 -6.33 -27.01 -17.63
CA GLY A 92 -5.04 -26.66 -18.24
C GLY A 92 -5.09 -25.30 -18.90
N LYS A 93 -3.95 -24.87 -19.43
CA LYS A 93 -3.82 -23.56 -20.09
C LYS A 93 -4.81 -23.33 -21.25
N ASP A 94 -5.30 -24.42 -21.86
CA ASP A 94 -6.30 -24.35 -22.93
C ASP A 94 -7.75 -24.24 -22.44
N GLY A 95 -7.96 -24.29 -21.12
CA GLY A 95 -9.28 -24.16 -20.48
C GLY A 95 -10.10 -25.44 -20.38
N LYS A 96 -9.50 -26.57 -20.78
CA LYS A 96 -10.11 -27.90 -20.77
C LYS A 96 -9.58 -28.72 -19.57
N PRO A 97 -10.38 -29.68 -19.03
CA PRO A 97 -9.91 -30.47 -17.88
C PRO A 97 -8.55 -31.16 -18.11
N LEU A 98 -7.68 -31.13 -17.11
CA LEU A 98 -6.39 -31.82 -17.16
C LEU A 98 -6.58 -33.34 -17.26
N ALA A 99 -5.58 -34.02 -17.82
CA ALA A 99 -5.52 -35.49 -17.77
C ALA A 99 -5.19 -35.95 -16.34
N LYS A 100 -5.80 -37.05 -15.91
CA LYS A 100 -5.68 -37.54 -14.51
C LYS A 100 -4.29 -38.06 -14.07
N ASP A 101 -3.40 -38.29 -15.04
CA ASP A 101 -2.00 -38.64 -14.74
C ASP A 101 -0.99 -37.49 -14.95
N SER A 102 -1.49 -36.31 -15.34
CA SER A 102 -0.66 -35.10 -15.52
C SER A 102 -0.16 -34.56 -14.18
N ARG A 103 1.07 -34.03 -14.18
CA ARG A 103 1.72 -33.62 -12.93
C ARG A 103 1.03 -32.43 -12.24
N THR A 104 0.40 -31.54 -13.03
CA THR A 104 -0.39 -30.43 -12.48
C THR A 104 -1.58 -30.93 -11.64
N HIS A 105 -2.39 -31.84 -12.22
CA HIS A 105 -3.53 -32.42 -11.53
C HIS A 105 -3.14 -33.18 -10.24
N LEU A 106 -2.07 -33.96 -10.32
CA LEU A 106 -1.58 -34.72 -9.16
C LEU A 106 -1.14 -33.82 -7.98
N PHE A 107 -0.68 -32.60 -8.28
CA PHE A 107 -0.36 -31.59 -7.25
C PHE A 107 -1.62 -30.94 -6.68
N ASN A 108 -2.56 -30.58 -7.57
CA ASN A 108 -3.90 -30.08 -7.21
C ASN A 108 -4.64 -30.99 -6.24
N LEU A 109 -4.39 -32.30 -6.37
CA LEU A 109 -4.98 -33.30 -5.49
C LEU A 109 -4.50 -33.16 -4.04
N GLY A 110 -3.43 -32.39 -3.84
CA GLY A 110 -2.96 -32.01 -2.50
C GLY A 110 -4.00 -31.24 -1.70
N ASN A 111 -4.87 -30.51 -2.39
CA ASN A 111 -5.97 -29.80 -1.74
C ASN A 111 -7.04 -30.73 -1.14
N CYS A 112 -7.02 -32.01 -1.53
CA CYS A 112 -7.93 -33.00 -0.96
C CYS A 112 -7.55 -33.39 0.47
N LEU A 113 -6.34 -33.05 0.89
CA LEU A 113 -5.90 -33.26 2.26
C LEU A 113 -6.28 -32.04 3.09
N TRP A 114 -6.56 -32.25 4.38
CA TRP A 114 -6.84 -31.18 5.32
C TRP A 114 -5.58 -30.33 5.46
N HIS A 115 -5.72 -29.04 5.17
CA HIS A 115 -4.59 -28.12 5.14
C HIS A 115 -5.02 -26.70 5.50
N SER A 116 -4.01 -25.89 5.80
CA SER A 116 -4.16 -24.46 5.95
C SER A 116 -3.22 -23.83 4.93
N ASP A 117 -3.73 -22.88 4.14
CA ASP A 117 -2.98 -22.35 2.99
C ASP A 117 -1.63 -21.72 3.37
N SER A 118 -0.63 -21.97 2.54
CA SER A 118 0.73 -21.44 2.67
C SER A 118 1.37 -21.63 4.06
N SER A 119 1.02 -22.72 4.75
CA SER A 119 1.59 -23.00 6.07
C SER A 119 3.09 -23.39 5.97
N PHE A 120 3.50 -23.81 4.78
CA PHE A 120 4.90 -23.99 4.42
C PHE A 120 5.71 -22.68 4.20
N ARG A 121 5.06 -21.52 4.25
CA ARG A 121 5.74 -20.22 4.17
C ARG A 121 6.07 -19.70 5.58
N PRO A 122 7.22 -18.98 5.74
CA PRO A 122 7.58 -18.55 7.11
C PRO A 122 6.57 -17.59 7.69
N ILE A 123 6.06 -16.69 6.85
CA ILE A 123 4.89 -15.89 7.19
C ILE A 123 3.69 -16.48 6.40
N PRO A 124 2.82 -17.27 7.08
CA PRO A 124 1.78 -18.02 6.35
C PRO A 124 0.56 -17.16 6.01
N ALA A 125 -0.32 -17.63 5.12
CA ALA A 125 -1.42 -16.80 4.61
C ALA A 125 -2.41 -16.31 5.67
N LYS A 126 -2.97 -15.13 5.44
CA LYS A 126 -4.08 -14.60 6.24
C LYS A 126 -5.42 -15.09 5.66
N PHE A 127 -5.98 -14.38 4.68
CA PHE A 127 -7.27 -14.81 4.10
C PHE A 127 -7.09 -15.47 2.73
N SER A 128 -7.91 -16.49 2.47
CA SER A 128 -8.10 -17.04 1.12
C SER A 128 -9.56 -16.86 0.69
N LEU A 129 -9.75 -16.50 -0.58
CA LEU A 129 -11.07 -16.20 -1.13
C LEU A 129 -11.27 -17.01 -2.38
N LEU A 130 -12.29 -17.87 -2.37
CA LEU A 130 -12.52 -18.82 -3.44
C LEU A 130 -13.86 -18.60 -4.13
N SER A 131 -13.80 -18.39 -5.45
CA SER A 131 -14.94 -18.04 -6.28
C SER A 131 -15.26 -19.21 -7.19
N ALA A 132 -16.53 -19.62 -7.21
CA ALA A 132 -17.01 -20.69 -8.11
C ALA A 132 -17.40 -20.11 -9.45
N ARG A 133 -16.60 -20.39 -10.48
CA ARG A 133 -16.83 -19.87 -11.82
C ARG A 133 -17.53 -20.88 -12.73
N VAL A 134 -17.16 -22.15 -12.63
CA VAL A 134 -17.90 -23.28 -13.25
C VAL A 134 -17.93 -24.38 -12.20
N VAL A 135 -19.14 -24.81 -11.83
CA VAL A 135 -19.37 -25.80 -10.77
C VAL A 135 -19.38 -27.21 -11.36
N ASN A 136 -18.57 -28.09 -10.77
CA ASN A 136 -18.59 -29.53 -11.05
C ASN A 136 -19.72 -30.14 -10.20
N PRO A 137 -20.76 -30.73 -10.85
CA PRO A 137 -21.90 -31.29 -10.10
C PRO A 137 -21.64 -32.64 -9.41
N THR A 138 -20.55 -33.30 -9.75
CA THR A 138 -20.25 -34.61 -9.18
C THR A 138 -19.11 -34.52 -8.14
N GLY A 139 -19.49 -34.22 -6.90
CA GLY A 139 -18.55 -34.10 -5.78
C GLY A 139 -17.89 -32.73 -5.69
N GLY A 140 -16.76 -32.68 -4.99
CA GLY A 140 -16.01 -31.44 -4.85
C GLY A 140 -16.59 -30.45 -3.87
N ASN A 141 -17.27 -30.95 -2.83
CA ASN A 141 -17.58 -30.14 -1.65
C ASN A 141 -16.29 -29.62 -1.01
N THR A 142 -16.33 -28.40 -0.48
CA THR A 142 -15.23 -27.91 0.31
C THR A 142 -15.62 -27.96 1.78
N GLU A 143 -14.83 -28.66 2.57
CA GLU A 143 -15.06 -28.80 4.00
C GLU A 143 -14.13 -27.88 4.79
N PHE A 144 -14.64 -27.37 5.90
CA PHE A 144 -13.89 -26.48 6.77
C PHE A 144 -13.97 -27.00 8.20
N ALA A 145 -12.89 -26.80 8.96
CA ALA A 145 -12.83 -27.27 10.35
C ALA A 145 -12.35 -26.15 11.26
N ASP A 146 -13.04 -25.99 12.38
CA ASP A 146 -12.77 -24.90 13.34
C ASP A 146 -11.68 -25.32 14.32
N MET A 147 -10.49 -24.78 14.08
CA MET A 147 -9.30 -25.09 14.87
C MET A 147 -9.33 -24.52 16.29
N ARG A 148 -10.17 -23.49 16.52
CA ARG A 148 -10.35 -22.91 17.86
C ARG A 148 -11.19 -23.81 18.72
N ALA A 149 -12.40 -24.14 18.24
CA ALA A 149 -13.30 -25.07 18.89
C ALA A 149 -12.63 -26.42 19.14
N ALA A 150 -11.85 -26.90 18.17
CA ALA A 150 -11.12 -28.14 18.27
C ALA A 150 -10.11 -28.10 19.43
N TYR A 151 -9.33 -27.01 19.51
CA TYR A 151 -8.41 -26.79 20.62
C TYR A 151 -9.10 -26.80 21.98
N ASP A 152 -10.19 -26.04 22.10
CA ASP A 152 -10.93 -25.90 23.37
C ASP A 152 -11.40 -27.23 23.95
N ALA A 153 -11.80 -28.14 23.06
CA ALA A 153 -12.34 -29.43 23.44
C ALA A 153 -11.29 -30.44 23.96
N LEU A 154 -10.00 -30.13 23.77
CA LEU A 154 -8.91 -30.95 24.34
C LEU A 154 -8.94 -30.89 25.86
N ASP A 155 -8.49 -31.97 26.51
CA ASP A 155 -8.34 -31.96 27.97
C ASP A 155 -7.13 -31.12 28.39
N ASP A 156 -7.13 -30.72 29.67
CA ASP A 156 -6.09 -29.87 30.25
C ASP A 156 -4.66 -30.43 30.07
N GLU A 157 -4.54 -31.76 30.15
CA GLU A 157 -3.24 -32.43 30.03
C GLU A 157 -2.67 -32.32 28.62
N THR A 158 -3.52 -32.51 27.60
CA THR A 158 -3.11 -32.39 26.21
C THR A 158 -2.70 -30.95 25.87
N LYS A 159 -3.48 -29.98 26.37
CA LYS A 159 -3.19 -28.56 26.18
C LYS A 159 -1.83 -28.18 26.76
N ALA A 160 -1.52 -28.70 27.94
CA ALA A 160 -0.22 -28.45 28.60
C ALA A 160 0.92 -29.10 27.83
N GLU A 161 0.67 -30.31 27.33
CA GLU A 161 1.61 -31.09 26.55
C GLU A 161 2.03 -30.38 25.26
N ILE A 162 1.04 -29.80 24.56
CA ILE A 162 1.24 -29.25 23.21
C ILE A 162 1.60 -27.76 23.15
N GLU A 163 1.34 -27.04 24.24
CA GLU A 163 1.52 -25.58 24.36
C GLU A 163 2.70 -24.98 23.59
N ASP A 164 3.90 -25.54 23.78
CA ASP A 164 5.13 -24.95 23.25
C ASP A 164 5.74 -25.71 22.07
N LEU A 165 5.04 -26.74 21.59
CA LEU A 165 5.54 -27.56 20.47
C LEU A 165 5.55 -26.79 19.16
N VAL A 166 6.48 -27.17 18.29
CA VAL A 166 6.72 -26.49 17.02
C VAL A 166 6.72 -27.57 15.94
N CYS A 167 6.05 -27.29 14.82
CA CYS A 167 6.03 -28.19 13.67
C CYS A 167 6.90 -27.70 12.53
N GLU A 168 7.37 -28.64 11.72
CA GLU A 168 8.03 -28.33 10.45
C GLU A 168 7.01 -28.50 9.32
N HIS A 169 6.81 -27.43 8.54
CA HIS A 169 5.89 -27.47 7.39
C HIS A 169 6.67 -27.35 6.08
N SER A 170 6.30 -28.17 5.11
CA SER A 170 6.87 -28.14 3.77
C SER A 170 5.95 -28.82 2.76
N LEU A 171 5.97 -28.32 1.52
CA LEU A 171 5.29 -28.99 0.40
C LEU A 171 5.79 -30.42 0.22
N MET A 172 7.06 -30.65 0.56
CA MET A 172 7.65 -32.00 0.53
C MET A 172 6.89 -32.98 1.43
N TYR A 173 6.35 -32.50 2.56
CA TYR A 173 5.58 -33.37 3.45
C TYR A 173 4.16 -33.70 2.96
N SER A 174 3.39 -32.68 2.56
CA SER A 174 2.04 -32.88 2.01
C SER A 174 2.04 -33.70 0.71
N ARG A 175 2.95 -33.36 -0.20
CA ARG A 175 3.13 -34.12 -1.44
C ARG A 175 3.73 -35.50 -1.20
N GLY A 176 4.48 -35.64 -0.11
CA GLY A 176 5.04 -36.93 0.34
C GLY A 176 3.97 -37.94 0.70
N SER A 177 2.98 -37.48 1.48
CA SER A 177 1.75 -38.23 1.78
C SER A 177 1.06 -38.83 0.55
N LEU A 178 1.14 -38.12 -0.57
CA LEU A 178 0.51 -38.54 -1.82
C LEU A 178 1.44 -39.28 -2.79
N GLY A 179 2.67 -39.56 -2.35
CA GLY A 179 3.60 -40.39 -3.13
C GLY A 179 4.86 -39.75 -3.70
N PHE A 180 4.94 -38.43 -3.69
CA PHE A 180 6.15 -37.74 -4.18
C PHE A 180 7.15 -37.53 -3.04
N THR A 181 8.07 -38.49 -2.86
CA THR A 181 9.01 -38.45 -1.71
C THR A 181 10.47 -38.11 -2.04
N GLU A 182 10.83 -38.19 -3.32
CA GLU A 182 12.20 -37.92 -3.77
C GLU A 182 12.33 -36.51 -4.31
N TYR A 183 13.23 -35.73 -3.71
CA TYR A 183 13.45 -34.32 -4.08
C TYR A 183 14.91 -34.03 -4.43
N THR A 184 15.10 -33.23 -5.48
CA THR A 184 16.42 -32.75 -5.91
C THR A 184 16.89 -31.67 -4.92
N ASP A 185 18.17 -31.31 -5.00
CA ASP A 185 18.78 -30.32 -4.10
C ASP A 185 18.17 -28.93 -4.25
N GLU A 186 17.93 -28.53 -5.50
CA GLU A 186 17.19 -27.30 -5.84
C GLU A 186 15.84 -27.25 -5.09
N GLU A 187 15.08 -28.35 -5.18
CA GLU A 187 13.77 -28.48 -4.57
C GLU A 187 13.82 -28.44 -3.04
N LYS A 188 14.75 -29.20 -2.44
CA LYS A 188 14.96 -29.21 -0.97
C LYS A 188 15.20 -27.82 -0.39
N GLN A 189 15.86 -26.96 -1.17
CA GLN A 189 16.08 -25.55 -0.83
C GLN A 189 14.82 -24.72 -1.11
N MET A 190 14.19 -24.97 -2.26
CA MET A 190 12.98 -24.26 -2.68
C MET A 190 11.81 -24.57 -1.74
N PHE A 191 11.77 -25.78 -1.23
CA PHE A 191 10.73 -26.24 -0.32
C PHE A 191 11.25 -26.42 1.10
N LYS A 192 12.37 -25.77 1.41
CA LYS A 192 12.99 -25.88 2.73
C LYS A 192 11.95 -25.73 3.86
N PRO A 193 11.90 -26.71 4.79
CA PRO A 193 10.89 -26.67 5.86
C PRO A 193 10.97 -25.40 6.70
N VAL A 194 9.81 -24.87 7.06
CA VAL A 194 9.75 -23.72 7.98
C VAL A 194 9.15 -24.16 9.30
N LEU A 195 9.40 -23.38 10.34
CA LEU A 195 8.85 -23.66 11.67
C LEU A 195 7.51 -22.93 11.88
N GLN A 196 6.55 -23.60 12.51
CA GLN A 196 5.30 -22.98 12.93
C GLN A 196 4.92 -23.48 14.31
N ARG A 197 4.37 -22.61 15.14
CA ARG A 197 3.80 -23.06 16.42
C ARG A 197 2.67 -24.06 16.17
N LEU A 198 2.58 -25.08 17.03
CA LEU A 198 1.47 -26.03 16.99
C LEU A 198 0.19 -25.39 17.57
N VAL A 199 0.38 -24.52 18.57
CA VAL A 199 -0.72 -23.77 19.16
C VAL A 199 -0.47 -22.29 18.88
N ARG A 200 -1.34 -21.69 18.07
CA ARG A 200 -1.23 -20.29 17.71
C ARG A 200 -2.31 -19.45 18.38
N THR A 201 -2.11 -18.14 18.42
CA THR A 201 -2.99 -17.20 19.13
C THR A 201 -3.43 -16.14 18.12
N HIS A 202 -4.72 -15.96 17.97
CA HIS A 202 -5.24 -14.97 17.02
C HIS A 202 -4.88 -13.55 17.49
N PRO A 203 -4.33 -12.71 16.58
CA PRO A 203 -3.87 -11.37 16.98
C PRO A 203 -4.98 -10.42 17.45
N VAL A 204 -6.21 -10.66 17.03
CA VAL A 204 -7.33 -9.79 17.38
C VAL A 204 -8.02 -10.23 18.68
N HIS A 205 -8.65 -11.41 18.70
CA HIS A 205 -9.41 -11.89 19.88
C HIS A 205 -8.63 -12.79 20.85
N ARG A 206 -7.36 -13.06 20.56
CA ARG A 206 -6.45 -13.85 21.43
C ARG A 206 -6.84 -15.33 21.70
N ARG A 207 -7.85 -15.84 21.00
CA ARG A 207 -8.19 -17.26 21.13
C ARG A 207 -7.07 -18.15 20.59
N LYS A 208 -6.85 -19.28 21.27
CA LYS A 208 -5.86 -20.25 20.83
C LYS A 208 -6.50 -21.24 19.87
N SER A 209 -5.71 -21.76 18.94
CA SER A 209 -6.17 -22.75 17.99
C SER A 209 -5.04 -23.68 17.55
N LEU A 210 -5.42 -24.88 17.11
CA LEU A 210 -4.49 -25.90 16.63
C LEU A 210 -4.05 -25.52 15.23
N TYR A 211 -2.75 -25.33 15.07
CA TYR A 211 -2.19 -25.05 13.75
C TYR A 211 -1.84 -26.36 13.08
N LEU A 212 -2.88 -27.02 12.57
CA LEU A 212 -2.73 -28.28 11.86
C LEU A 212 -2.73 -28.05 10.36
N SER A 213 -2.06 -28.94 9.63
CA SER A 213 -1.90 -28.81 8.18
C SER A 213 -1.20 -30.04 7.62
N SER A 214 -1.64 -30.48 6.44
CA SER A 214 -0.98 -31.58 5.71
C SER A 214 0.50 -31.27 5.45
N HIS A 215 0.84 -29.99 5.34
CA HIS A 215 2.22 -29.56 5.13
C HIS A 215 3.14 -29.87 6.30
N ALA A 216 2.56 -30.04 7.50
CA ALA A 216 3.30 -30.39 8.71
C ALA A 216 3.70 -31.87 8.75
N GLY A 217 5.00 -32.14 8.66
CA GLY A 217 5.51 -33.51 8.64
C GLY A 217 6.32 -33.93 9.86
N LYS A 218 6.55 -33.00 10.79
CA LYS A 218 7.41 -33.25 11.96
C LYS A 218 7.12 -32.28 13.11
N ILE A 219 7.25 -32.77 14.34
CA ILE A 219 7.38 -31.92 15.52
C ILE A 219 8.86 -31.86 15.91
N ALA A 220 9.37 -30.63 16.06
CA ALA A 220 10.81 -30.32 16.25
C ALA A 220 11.52 -31.10 17.34
N SER A 221 10.89 -31.23 18.51
CA SER A 221 11.53 -31.82 19.69
C SER A 221 11.24 -33.31 19.89
N MET A 222 10.61 -33.94 18.90
CA MET A 222 10.20 -35.36 18.97
C MET A 222 10.78 -36.13 17.79
N SER A 223 10.87 -37.46 17.95
CA SER A 223 11.16 -38.38 16.86
C SER A 223 10.07 -38.23 15.78
N VAL A 224 10.47 -38.39 14.52
CA VAL A 224 9.56 -38.26 13.39
C VAL A 224 8.30 -39.16 13.53
N PRO A 225 8.47 -40.46 13.88
CA PRO A 225 7.26 -41.27 14.08
C PRO A 225 6.35 -40.86 15.25
N GLU A 226 6.91 -40.50 16.40
CA GLU A 226 6.09 -40.11 17.55
C GLU A 226 5.36 -38.79 17.31
N GLY A 227 6.06 -37.84 16.66
CA GLY A 227 5.48 -36.57 16.23
C GLY A 227 4.30 -36.70 15.28
N ARG A 228 4.45 -37.54 14.26
CA ARG A 228 3.43 -37.74 13.24
C ARG A 228 2.19 -38.41 13.81
N LEU A 229 2.40 -39.35 14.74
CA LEU A 229 1.30 -39.99 15.43
C LEU A 229 0.51 -39.03 16.31
N LEU A 230 1.23 -38.12 16.98
CA LEU A 230 0.58 -37.04 17.75
C LEU A 230 -0.19 -36.12 16.80
N LEU A 231 0.44 -35.73 15.70
CA LEU A 231 -0.25 -34.93 14.67
C LEU A 231 -1.50 -35.63 14.10
N ARG A 232 -1.40 -36.93 13.85
CA ARG A 232 -2.54 -37.73 13.39
C ARG A 232 -3.71 -37.73 14.38
N ASP A 233 -3.41 -37.84 15.66
CA ASP A 233 -4.43 -37.79 16.72
C ASP A 233 -5.09 -36.41 16.82
N LEU A 234 -4.30 -35.35 16.67
CA LEU A 234 -4.87 -34.00 16.73
C LEU A 234 -5.77 -33.72 15.52
N ASN A 235 -5.34 -34.18 14.34
CA ASN A 235 -6.12 -34.09 13.10
C ASN A 235 -7.42 -34.89 13.12
N GLU A 236 -7.35 -36.09 13.68
CA GLU A 236 -8.53 -36.91 13.90
C GLU A 236 -9.51 -36.21 14.85
N HIS A 237 -8.98 -35.69 15.95
CA HIS A 237 -9.77 -34.92 16.94
C HIS A 237 -10.44 -33.69 16.30
N ALA A 238 -9.64 -32.91 15.58
CA ALA A 238 -10.04 -31.59 15.09
C ALA A 238 -10.98 -31.63 13.90
N THR A 239 -11.11 -32.80 13.28
CA THR A 239 -11.94 -32.95 12.09
C THR A 239 -13.09 -33.94 12.30
N GLN A 240 -13.46 -34.18 13.56
CA GLN A 240 -14.75 -34.79 13.91
C GLN A 240 -15.90 -33.95 13.34
N PRO A 241 -17.06 -34.58 13.00
CA PRO A 241 -18.16 -33.79 12.41
C PRO A 241 -18.61 -32.55 13.21
N GLU A 242 -18.45 -32.58 14.54
CA GLU A 242 -18.87 -31.46 15.40
C GLU A 242 -18.09 -30.15 15.14
N PHE A 243 -16.87 -30.27 14.59
CA PHE A 243 -16.05 -29.10 14.29
C PHE A 243 -16.02 -28.77 12.80
N VAL A 244 -16.81 -29.50 12.01
CA VAL A 244 -16.74 -29.43 10.55
C VAL A 244 -18.01 -28.85 9.90
N TYR A 245 -17.80 -27.87 9.02
CA TYR A 245 -18.86 -27.38 8.13
C TYR A 245 -18.60 -27.83 6.68
N VAL A 246 -19.67 -28.34 6.06
CA VAL A 246 -19.62 -28.87 4.70
C VAL A 246 -20.24 -27.84 3.72
N HIS A 247 -19.43 -27.30 2.82
CA HIS A 247 -19.95 -26.39 1.79
C HIS A 247 -20.26 -27.08 0.46
N LYS A 248 -21.53 -27.01 0.06
CA LYS A 248 -22.01 -27.51 -1.24
C LYS A 248 -22.11 -26.31 -2.18
N TRP A 249 -21.37 -26.37 -3.28
CA TRP A 249 -21.18 -25.22 -4.16
C TRP A 249 -22.38 -24.90 -5.07
N LYS A 250 -22.71 -23.62 -5.16
CA LYS A 250 -23.58 -23.10 -6.21
C LYS A 250 -22.75 -22.14 -7.05
N LEU A 251 -23.12 -22.01 -8.32
CA LEU A 251 -22.49 -21.07 -9.23
C LEU A 251 -22.44 -19.65 -8.64
N HIS A 252 -21.27 -19.02 -8.76
CA HIS A 252 -21.00 -17.65 -8.29
C HIS A 252 -20.98 -17.49 -6.77
N ASP A 253 -20.89 -18.61 -6.05
CA ASP A 253 -20.54 -18.57 -4.62
C ASP A 253 -19.14 -17.95 -4.47
N LEU A 254 -18.94 -17.26 -3.36
CA LEU A 254 -17.61 -16.93 -2.89
C LEU A 254 -17.52 -17.31 -1.42
N VAL A 255 -16.57 -18.20 -1.12
CA VAL A 255 -16.29 -18.56 0.27
C VAL A 255 -14.89 -18.06 0.63
N MET A 256 -14.81 -17.26 1.68
CA MET A 256 -13.51 -16.80 2.17
C MET A 256 -13.22 -17.32 3.56
N TRP A 257 -11.97 -17.68 3.82
CA TRP A 257 -11.61 -18.27 5.10
C TRP A 257 -10.33 -17.70 5.71
N ASP A 258 -10.31 -17.67 7.04
CA ASP A 258 -9.11 -17.29 7.78
C ASP A 258 -8.29 -18.54 8.02
N ASN A 259 -7.17 -18.63 7.28
CA ASN A 259 -6.25 -19.76 7.39
C ASN A 259 -5.64 -19.84 8.78
N ARG A 260 -5.67 -18.71 9.51
CA ARG A 260 -5.12 -18.61 10.85
C ARG A 260 -5.99 -19.29 11.93
N GLN A 261 -7.23 -19.66 11.58
CA GLN A 261 -8.16 -20.24 12.55
C GLN A 261 -8.80 -21.54 12.07
N THR A 262 -8.43 -22.00 10.87
CA THR A 262 -9.12 -23.12 10.19
C THR A 262 -8.19 -24.07 9.45
N MET A 263 -8.77 -25.22 9.08
CA MET A 263 -8.30 -26.09 8.01
C MET A 263 -9.44 -26.26 7.00
N HIS A 264 -9.08 -26.61 5.76
CA HIS A 264 -10.07 -26.86 4.73
C HIS A 264 -9.56 -27.96 3.83
N ARG A 265 -10.47 -28.58 3.08
CA ARG A 265 -10.12 -29.58 2.05
C ARG A 265 -11.23 -29.67 1.02
N VAL A 266 -10.87 -30.07 -0.19
CA VAL A 266 -11.83 -30.41 -1.24
C VAL A 266 -12.05 -31.94 -1.28
N ARG A 267 -13.32 -32.35 -1.32
CA ARG A 267 -13.69 -33.77 -1.47
C ARG A 267 -13.51 -34.20 -2.92
N ARG A 268 -13.37 -35.51 -3.13
CA ARG A 268 -13.16 -36.10 -4.47
C ARG A 268 -14.24 -35.66 -5.47
N TYR A 269 -13.80 -35.33 -6.68
CA TYR A 269 -14.72 -34.91 -7.75
C TYR A 269 -14.39 -35.60 -9.07
N ASP A 270 -15.35 -35.54 -10.01
CA ASP A 270 -15.23 -36.14 -11.34
C ASP A 270 -14.32 -35.30 -12.25
N GLN A 271 -13.10 -35.80 -12.48
CA GLN A 271 -12.05 -35.09 -13.23
C GLN A 271 -12.37 -34.85 -14.71
N SER A 272 -13.28 -35.64 -15.27
CA SER A 272 -13.70 -35.47 -16.66
C SER A 272 -14.57 -34.24 -16.85
N GLN A 273 -15.18 -33.76 -15.76
CA GLN A 273 -16.02 -32.54 -15.79
C GLN A 273 -15.24 -31.29 -15.31
N PRO A 274 -15.44 -30.13 -15.99
CA PRO A 274 -14.77 -28.89 -15.61
C PRO A 274 -15.15 -28.39 -14.20
N ARG A 275 -14.15 -27.89 -13.49
CA ARG A 275 -14.30 -27.31 -12.15
C ARG A 275 -13.45 -26.05 -12.14
N ASP A 276 -14.09 -24.91 -12.38
CA ASP A 276 -13.38 -23.62 -12.47
C ASP A 276 -13.54 -22.85 -11.16
N MET A 277 -12.51 -22.98 -10.32
CA MET A 277 -12.42 -22.34 -9.02
C MET A 277 -11.15 -21.49 -8.98
N ARG A 278 -11.28 -20.26 -8.49
CA ARG A 278 -10.22 -19.25 -8.53
C ARG A 278 -10.06 -18.61 -7.15
N ARG A 279 -8.82 -18.57 -6.69
CA ARG A 279 -8.52 -18.12 -5.33
C ARG A 279 -7.75 -16.79 -5.34
N ALA A 280 -8.13 -15.90 -4.44
CA ALA A 280 -7.30 -14.76 -4.05
C ALA A 280 -6.76 -15.04 -2.64
N THR A 281 -5.47 -14.78 -2.45
CA THR A 281 -4.79 -15.05 -1.20
C THR A 281 -4.16 -13.76 -0.67
N VAL A 282 -4.55 -13.38 0.55
CA VAL A 282 -3.95 -12.27 1.29
C VAL A 282 -2.75 -12.79 2.07
N ALA A 283 -1.58 -12.17 1.84
CA ALA A 283 -0.34 -12.47 2.58
C ALA A 283 -0.51 -12.30 4.08
N GLY A 284 0.13 -13.20 4.84
CA GLY A 284 0.27 -13.05 6.29
C GLY A 284 0.86 -11.72 6.72
N THR A 285 0.42 -11.27 7.90
CA THR A 285 0.73 -9.95 8.42
C THR A 285 1.59 -10.05 9.67
N GLU A 286 1.80 -11.29 10.14
CA GLU A 286 2.61 -11.65 11.34
C GLU A 286 3.03 -13.15 11.31
N PRO A 287 4.26 -13.47 11.79
CA PRO A 287 4.62 -14.91 11.87
C PRO A 287 4.00 -15.61 13.10
N THR A 288 4.12 -16.93 13.19
CA THR A 288 3.75 -17.64 14.44
C THR A 288 4.97 -17.88 15.34
N VAL A 289 6.15 -18.01 14.71
CA VAL A 289 7.41 -18.30 15.39
C VAL A 289 8.60 -17.72 14.59
N GLN A 290 9.66 -17.32 15.30
CA GLN A 290 10.91 -16.88 14.66
C GLN A 290 11.74 -18.08 14.16
N GLN A 291 12.64 -17.82 13.21
CA GLN A 291 13.44 -18.88 12.58
C GLN A 291 14.93 -18.57 12.44
N ILE B 3 30.66 -6.53 11.85
CA ILE B 3 31.19 -7.79 11.24
C ILE B 3 31.57 -8.83 12.29
N ALA B 4 30.97 -10.02 12.17
CA ALA B 4 31.33 -11.17 12.97
C ALA B 4 31.99 -12.24 12.11
N ILE B 5 33.08 -12.82 12.61
CA ILE B 5 33.82 -13.87 11.91
C ILE B 5 33.95 -15.13 12.77
N ARG B 6 33.58 -16.28 12.21
CA ARG B 6 33.87 -17.58 12.83
C ARG B 6 34.87 -18.33 11.97
N GLN B 7 35.98 -18.76 12.58
CA GLN B 7 36.99 -19.58 11.90
C GLN B 7 36.43 -20.97 11.61
N LEU B 8 36.65 -21.42 10.38
CA LEU B 8 36.06 -22.68 9.88
C LEU B 8 37.07 -23.82 9.69
N GLN B 9 38.36 -23.51 9.67
CA GLN B 9 39.39 -24.53 9.55
C GLN B 9 40.47 -24.26 10.59
N THR B 10 41.28 -25.28 10.87
CA THR B 10 42.38 -25.19 11.85
C THR B 10 43.27 -23.95 11.66
N HIS B 11 43.71 -23.74 10.42
CA HIS B 11 44.73 -22.74 10.11
C HIS B 11 44.18 -21.41 9.54
N PHE B 12 42.97 -21.44 8.97
CA PHE B 12 42.43 -20.34 8.14
C PHE B 12 40.92 -20.49 7.85
N VAL B 13 40.40 -19.63 6.97
CA VAL B 13 38.98 -19.57 6.54
C VAL B 13 38.08 -18.95 7.62
N GLY B 14 37.34 -17.90 7.24
CA GLY B 14 36.39 -17.25 8.15
C GLY B 14 35.03 -17.10 7.52
N GLN B 15 33.99 -17.43 8.27
CA GLN B 15 32.60 -17.17 7.86
C GLN B 15 32.24 -15.77 8.36
N VAL B 16 31.73 -14.93 7.47
CA VAL B 16 31.42 -13.53 7.80
C VAL B 16 29.90 -13.28 7.88
N SER B 17 29.47 -12.70 9.01
CA SER B 17 28.09 -12.25 9.19
CA SER B 17 28.08 -12.25 9.17
C SER B 17 28.03 -10.73 9.45
N GLY B 18 26.92 -10.11 9.09
CA GLY B 18 26.71 -8.66 9.30
C GLY B 18 26.73 -7.78 8.05
N LEU B 19 27.00 -8.37 6.88
CA LEU B 19 27.11 -7.59 5.65
C LEU B 19 26.08 -7.97 4.64
N ASP B 20 25.46 -6.95 4.04
CA ASP B 20 24.55 -7.12 2.92
C ASP B 20 25.26 -6.54 1.69
N LEU B 21 25.74 -7.43 0.83
CA LEU B 21 26.60 -7.06 -0.31
C LEU B 21 25.85 -6.46 -1.50
N ARG B 22 24.53 -6.31 -1.38
CA ARG B 22 23.75 -5.54 -2.35
C ARG B 22 23.96 -4.04 -2.13
N LYS B 23 24.52 -3.69 -0.97
CA LYS B 23 24.72 -2.29 -0.56
C LYS B 23 26.21 -1.89 -0.58
N PRO B 24 26.52 -0.58 -0.81
CA PRO B 24 27.91 -0.12 -0.71
C PRO B 24 28.46 -0.35 0.69
N LEU B 25 29.75 -0.65 0.77
CA LEU B 25 30.44 -0.70 2.05
C LEU B 25 30.87 0.69 2.49
N THR B 26 30.88 0.88 3.80
CA THR B 26 31.48 2.05 4.45
C THR B 26 33.00 1.83 4.52
N PRO B 27 33.80 2.91 4.71
CA PRO B 27 35.26 2.80 4.92
C PRO B 27 35.68 1.79 5.99
N GLY B 28 34.89 1.71 7.06
CA GLY B 28 35.14 0.80 8.18
C GLY B 28 34.90 -0.65 7.79
N GLU B 29 33.76 -0.90 7.12
CA GLU B 29 33.40 -2.23 6.62
C GLU B 29 34.44 -2.79 5.62
N ALA B 30 34.87 -1.96 4.66
CA ALA B 30 35.90 -2.34 3.69
C ALA B 30 37.25 -2.67 4.35
N ARG B 31 37.64 -1.89 5.35
CA ARG B 31 38.90 -2.09 6.07
C ARG B 31 38.86 -3.39 6.88
N GLU B 32 37.71 -3.68 7.49
CA GLU B 32 37.54 -4.89 8.29
C GLU B 32 37.60 -6.15 7.43
N VAL B 33 36.91 -6.14 6.28
CA VAL B 33 36.96 -7.23 5.31
C VAL B 33 38.40 -7.47 4.82
N GLU B 34 39.11 -6.42 4.41
CA GLU B 34 40.49 -6.59 3.94
C GLU B 34 41.43 -7.17 5.01
N SER B 35 41.32 -6.68 6.24
CA SER B 35 42.08 -7.23 7.37
CA SER B 35 42.09 -7.23 7.37
C SER B 35 41.71 -8.70 7.62
N ALA B 36 40.41 -9.01 7.52
CA ALA B 36 39.95 -10.40 7.63
C ALA B 36 40.56 -11.28 6.52
N MET B 37 40.67 -10.72 5.32
CA MET B 37 41.37 -11.39 4.21
C MET B 37 42.86 -11.60 4.49
N ASP B 38 43.50 -10.60 5.09
CA ASP B 38 44.91 -10.74 5.48
C ASP B 38 45.09 -11.90 6.47
N LYS B 39 44.17 -12.01 7.43
CA LYS B 39 44.24 -13.00 8.51
C LYS B 39 43.80 -14.39 8.03
N TYR B 40 42.57 -14.48 7.53
CA TYR B 40 41.92 -15.77 7.22
C TYR B 40 42.09 -16.29 5.78
N ALA B 41 42.59 -15.44 4.88
CA ALA B 41 42.91 -15.80 3.47
C ALA B 41 41.72 -16.22 2.58
N VAL B 42 40.65 -16.71 3.22
CA VAL B 42 39.43 -17.12 2.56
C VAL B 42 38.25 -16.66 3.43
N LEU B 43 37.24 -16.04 2.81
CA LEU B 43 36.05 -15.60 3.52
C LEU B 43 34.79 -16.16 2.88
N VAL B 44 33.90 -16.67 3.73
CA VAL B 44 32.65 -17.29 3.29
C VAL B 44 31.48 -16.39 3.70
N PHE B 45 30.64 -16.05 2.72
CA PHE B 45 29.41 -15.28 2.92
C PHE B 45 28.23 -16.12 2.44
N HIS B 46 27.21 -16.27 3.30
CA HIS B 46 25.98 -16.96 2.91
C HIS B 46 24.89 -15.95 2.58
N ASP B 47 23.89 -16.40 1.80
CA ASP B 47 22.72 -15.60 1.36
C ASP B 47 23.08 -14.20 0.86
N GLN B 48 23.80 -14.18 -0.26
CA GLN B 48 24.15 -12.93 -0.90
C GLN B 48 23.60 -12.99 -2.31
N ASP B 49 22.32 -12.60 -2.42
CA ASP B 49 21.59 -12.63 -3.67
C ASP B 49 21.88 -11.34 -4.43
N ILE B 50 23.05 -11.30 -5.08
CA ILE B 50 23.60 -10.07 -5.65
C ILE B 50 23.60 -10.12 -7.18
N THR B 51 23.58 -8.95 -7.83
CA THR B 51 23.79 -8.83 -9.28
C THR B 51 25.30 -8.80 -9.57
N ASP B 52 25.65 -8.99 -10.85
CA ASP B 52 27.03 -8.81 -11.35
C ASP B 52 27.64 -7.45 -10.93
N GLU B 53 26.89 -6.37 -11.16
CA GLU B 53 27.32 -5.01 -10.79
C GLU B 53 27.62 -4.85 -9.30
N GLN B 54 26.72 -5.40 -8.47
CA GLN B 54 26.88 -5.40 -7.01
C GLN B 54 28.11 -6.20 -6.56
N GLN B 55 28.30 -7.38 -7.17
CA GLN B 55 29.47 -8.23 -6.89
C GLN B 55 30.75 -7.48 -7.22
N MET B 56 30.80 -6.86 -8.41
CA MET B 56 31.98 -6.12 -8.84
C MET B 56 32.21 -4.88 -7.97
N ALA B 57 31.13 -4.18 -7.63
CA ALA B 57 31.21 -3.02 -6.73
C ALA B 57 31.83 -3.41 -5.39
N PHE B 58 31.48 -4.59 -4.86
CA PHE B 58 32.08 -5.10 -3.63
C PHE B 58 33.60 -5.37 -3.78
N ALA B 59 33.97 -6.06 -4.85
CA ALA B 59 35.36 -6.33 -5.21
C ALA B 59 36.23 -5.08 -5.33
N LEU B 60 35.70 -4.05 -6.01
CA LEU B 60 36.44 -2.81 -6.29
C LEU B 60 36.90 -2.02 -5.07
N ASN B 61 36.35 -2.38 -3.90
CA ASN B 61 36.83 -1.85 -2.62
C ASN B 61 38.30 -2.17 -2.39
N PHE B 62 38.79 -3.28 -2.97
CA PHE B 62 40.12 -3.80 -2.65
C PHE B 62 41.15 -3.66 -3.77
N GLY B 63 40.78 -2.89 -4.81
CA GLY B 63 41.68 -2.61 -5.93
C GLY B 63 40.93 -2.36 -7.23
N GLN B 64 41.54 -2.78 -8.33
CA GLN B 64 41.00 -2.55 -9.69
C GLN B 64 40.72 -3.89 -10.35
N ARG B 65 39.95 -3.87 -11.44
CA ARG B 65 39.74 -5.04 -12.28
C ARG B 65 41.02 -5.48 -12.90
N GLU B 66 41.15 -6.79 -13.03
CA GLU B 66 42.19 -7.39 -13.81
C GLU B 66 41.87 -7.28 -15.29
N ASP B 67 42.85 -6.84 -16.07
CA ASP B 67 42.79 -6.89 -17.52
C ASP B 67 42.90 -8.35 -18.01
N ARG B 80 28.45 -14.25 -22.56
CA ARG B 80 27.25 -14.62 -21.81
C ARG B 80 26.86 -13.57 -20.76
N LEU B 81 27.84 -13.01 -20.07
CA LEU B 81 27.58 -12.24 -18.86
C LEU B 81 27.26 -10.75 -19.02
N GLN B 82 27.99 -10.07 -19.92
CA GLN B 82 27.85 -8.61 -20.17
C GLN B 82 28.03 -7.78 -18.87
N SER B 83 29.24 -7.91 -18.30
CA SER B 83 29.72 -7.17 -17.12
C SER B 83 31.22 -7.41 -16.97
N GLY B 84 31.81 -6.92 -15.88
CA GLY B 84 33.22 -7.17 -15.58
C GLY B 84 33.60 -8.60 -15.21
N LEU B 85 32.61 -9.46 -15.01
CA LEU B 85 32.85 -10.76 -14.37
C LEU B 85 33.45 -11.81 -15.29
N ASN B 86 34.29 -12.67 -14.71
CA ASN B 86 34.81 -13.87 -15.38
C ASN B 86 33.75 -14.96 -15.27
N ASP B 87 33.39 -15.52 -16.41
CA ASP B 87 32.43 -16.59 -16.50
C ASP B 87 33.14 -17.91 -16.19
N VAL B 88 32.98 -18.42 -14.96
CA VAL B 88 33.56 -19.73 -14.59
C VAL B 88 32.48 -20.83 -14.50
N SER B 89 31.38 -20.59 -15.20
CA SER B 89 30.29 -21.54 -15.32
C SER B 89 30.62 -22.66 -16.32
N ASN B 90 29.74 -23.65 -16.40
CA ASN B 90 29.84 -24.73 -17.40
C ASN B 90 28.86 -24.51 -18.59
N LEU B 91 28.47 -23.26 -18.81
CA LEU B 91 27.43 -22.90 -19.77
C LEU B 91 27.98 -22.16 -21.00
N GLY B 92 27.37 -22.41 -22.15
CA GLY B 92 27.69 -21.66 -23.38
C GLY B 92 26.92 -20.36 -23.44
N LYS B 93 27.06 -19.64 -24.56
CA LYS B 93 26.33 -18.36 -24.77
C LYS B 93 24.82 -18.46 -24.56
N ASP B 94 24.22 -19.58 -24.99
CA ASP B 94 22.78 -19.83 -24.88
C ASP B 94 22.25 -20.08 -23.45
N GLY B 95 23.16 -20.14 -22.47
CA GLY B 95 22.80 -20.38 -21.06
C GLY B 95 22.60 -21.84 -20.68
N LYS B 96 22.89 -22.74 -21.61
CA LYS B 96 22.77 -24.19 -21.40
C LYS B 96 24.15 -24.86 -21.21
N PRO B 97 24.23 -25.99 -20.46
CA PRO B 97 25.52 -26.68 -20.26
C PRO B 97 26.27 -27.01 -21.55
N LEU B 98 27.55 -26.61 -21.60
CA LEU B 98 28.46 -26.90 -22.73
C LEU B 98 28.54 -28.39 -23.06
N ALA B 99 28.91 -28.69 -24.31
CA ALA B 99 29.25 -30.05 -24.72
C ALA B 99 30.50 -30.52 -23.97
N LYS B 100 30.51 -31.77 -23.52
CA LYS B 100 31.63 -32.33 -22.75
C LYS B 100 32.96 -32.45 -23.53
N ASP B 101 32.89 -32.43 -24.86
CA ASP B 101 34.07 -32.47 -25.72
C ASP B 101 34.49 -31.09 -26.32
N SER B 102 33.73 -30.03 -25.99
CA SER B 102 33.94 -28.68 -26.54
C SER B 102 35.19 -27.98 -26.00
N ARG B 103 35.72 -27.07 -26.81
CA ARG B 103 36.94 -26.31 -26.51
C ARG B 103 36.90 -25.55 -25.17
N THR B 104 35.77 -24.86 -24.90
CA THR B 104 35.60 -24.03 -23.69
C THR B 104 35.54 -24.88 -22.41
N HIS B 105 34.80 -25.98 -22.45
CA HIS B 105 34.65 -26.86 -21.29
C HIS B 105 35.96 -27.52 -20.88
N LEU B 106 36.69 -28.06 -21.86
CA LEU B 106 37.97 -28.74 -21.61
C LEU B 106 39.01 -27.79 -21.01
N PHE B 107 38.93 -26.51 -21.40
CA PHE B 107 39.74 -25.42 -20.80
C PHE B 107 39.32 -25.04 -19.39
N ASN B 108 37.99 -25.00 -19.15
CA ASN B 108 37.42 -24.77 -17.81
C ASN B 108 37.76 -25.88 -16.80
N LEU B 109 37.98 -27.08 -17.32
CA LEU B 109 38.40 -28.23 -16.51
C LEU B 109 39.76 -27.99 -15.84
N GLY B 110 40.53 -27.03 -16.40
CA GLY B 110 41.75 -26.50 -15.79
C GLY B 110 41.57 -26.10 -14.34
N ASN B 111 40.38 -25.62 -14.00
CA ASN B 111 40.04 -25.22 -12.63
C ASN B 111 39.94 -26.39 -11.65
N CYS B 112 39.91 -27.62 -12.18
CA CYS B 112 39.98 -28.84 -11.36
C CYS B 112 41.40 -29.17 -10.88
N LEU B 113 42.40 -28.49 -11.43
CA LEU B 113 43.77 -28.57 -10.93
C LEU B 113 43.98 -27.50 -9.87
N TRP B 114 44.78 -27.81 -8.84
CA TRP B 114 45.19 -26.84 -7.81
C TRP B 114 45.97 -25.69 -8.42
N HIS B 115 45.45 -24.47 -8.25
CA HIS B 115 46.02 -23.28 -8.89
C HIS B 115 45.78 -22.03 -8.06
N SER B 116 46.56 -20.99 -8.37
CA SER B 116 46.33 -19.64 -7.86
C SER B 116 45.98 -18.79 -9.09
N ASP B 117 44.93 -17.97 -8.99
CA ASP B 117 44.40 -17.28 -10.17
C ASP B 117 45.40 -16.33 -10.78
N SER B 118 45.48 -16.36 -12.11
CA SER B 118 46.33 -15.45 -12.91
C SER B 118 47.83 -15.51 -12.56
N SER B 119 48.31 -16.65 -12.09
CA SER B 119 49.72 -16.79 -11.71
C SER B 119 50.58 -16.77 -12.97
N PHE B 120 49.92 -16.95 -14.12
CA PHE B 120 50.54 -16.84 -15.44
C PHE B 120 50.66 -15.38 -15.98
N ARG B 121 50.21 -14.40 -15.19
CA ARG B 121 50.40 -12.97 -15.50
C ARG B 121 51.59 -12.41 -14.72
N PRO B 122 52.33 -11.42 -15.29
CA PRO B 122 53.51 -10.85 -14.59
C PRO B 122 53.18 -10.23 -13.23
N ILE B 123 52.02 -9.62 -13.12
CA ILE B 123 51.50 -9.15 -11.83
C ILE B 123 50.22 -10.01 -11.58
N PRO B 124 50.32 -11.01 -10.67
CA PRO B 124 49.24 -11.97 -10.50
C PRO B 124 48.11 -11.40 -9.66
N ALA B 125 46.94 -12.06 -9.68
CA ALA B 125 45.72 -11.56 -9.03
C ALA B 125 45.88 -11.35 -7.52
N LYS B 126 45.18 -10.35 -6.99
CA LYS B 126 45.02 -10.18 -5.54
C LYS B 126 43.88 -11.09 -5.05
N PHE B 127 42.64 -10.57 -5.03
CA PHE B 127 41.47 -11.31 -4.56
C PHE B 127 40.65 -11.86 -5.73
N SER B 128 40.05 -13.03 -5.49
CA SER B 128 39.00 -13.53 -6.34
C SER B 128 37.75 -13.72 -5.49
N LEU B 129 36.60 -13.44 -6.11
CA LEU B 129 35.29 -13.46 -5.46
C LEU B 129 34.30 -14.24 -6.31
N LEU B 130 33.86 -15.39 -5.79
CA LEU B 130 33.03 -16.33 -6.52
C LEU B 130 31.62 -16.41 -5.95
N SER B 131 30.64 -16.21 -6.83
CA SER B 131 29.23 -16.16 -6.45
C SER B 131 28.46 -17.31 -7.11
N ALA B 132 27.71 -18.05 -6.29
CA ALA B 132 26.91 -19.20 -6.74
C ALA B 132 25.48 -18.78 -7.13
N ARG B 133 25.20 -18.81 -8.43
CA ARG B 133 23.91 -18.38 -8.98
C ARG B 133 22.98 -19.54 -9.33
N VAL B 134 23.55 -20.63 -9.84
CA VAL B 134 22.85 -21.91 -10.01
C VAL B 134 23.83 -22.97 -9.55
N VAL B 135 23.43 -23.75 -8.54
CA VAL B 135 24.27 -24.78 -7.92
C VAL B 135 24.14 -26.13 -8.64
N ASN B 136 25.28 -26.74 -8.98
CA ASN B 136 25.29 -28.10 -9.51
C ASN B 136 25.17 -29.08 -8.34
N PRO B 137 24.16 -29.98 -8.39
CA PRO B 137 23.91 -30.86 -7.22
C PRO B 137 24.89 -32.03 -7.06
N THR B 138 25.55 -32.43 -8.16
CA THR B 138 26.46 -33.59 -8.14
C THR B 138 27.91 -33.14 -8.31
N GLY B 139 28.63 -33.07 -7.18
CA GLY B 139 30.04 -32.63 -7.16
C GLY B 139 30.21 -31.11 -7.22
N GLY B 140 31.41 -30.66 -7.60
CA GLY B 140 31.70 -29.23 -7.75
C GLY B 140 32.01 -28.48 -6.48
N ASN B 141 32.35 -29.19 -5.40
CA ASN B 141 32.93 -28.56 -4.21
C ASN B 141 34.17 -27.78 -4.62
N THR B 142 34.41 -26.66 -3.92
CA THR B 142 35.61 -25.89 -4.10
C THR B 142 36.46 -26.08 -2.83
N GLU B 143 37.70 -26.50 -3.04
CA GLU B 143 38.66 -26.69 -1.95
C GLU B 143 39.71 -25.60 -1.97
N PHE B 144 40.28 -25.33 -0.80
CA PHE B 144 41.23 -24.24 -0.58
C PHE B 144 42.35 -24.76 0.29
N ALA B 145 43.59 -24.45 -0.08
CA ALA B 145 44.75 -24.85 0.71
C ALA B 145 45.54 -23.63 1.19
N ASP B 146 45.96 -23.68 2.45
CA ASP B 146 46.65 -22.60 3.11
C ASP B 146 48.15 -22.73 2.85
N MET B 147 48.66 -21.90 1.94
CA MET B 147 50.05 -21.99 1.51
C MET B 147 51.03 -21.46 2.57
N ARG B 148 50.50 -20.74 3.56
CA ARG B 148 51.33 -20.20 4.66
C ARG B 148 51.59 -21.31 5.69
N ALA B 149 50.52 -21.95 6.15
CA ALA B 149 50.59 -23.14 7.01
C ALA B 149 51.45 -24.24 6.36
N ALA B 150 51.24 -24.49 5.07
CA ALA B 150 52.04 -25.46 4.32
C ALA B 150 53.52 -25.08 4.37
N TYR B 151 53.84 -23.81 4.13
CA TYR B 151 55.23 -23.34 4.20
C TYR B 151 55.84 -23.57 5.59
N ASP B 152 55.10 -23.18 6.64
CA ASP B 152 55.55 -23.29 8.02
C ASP B 152 55.95 -24.72 8.43
N ALA B 153 55.21 -25.70 7.92
CA ALA B 153 55.37 -27.12 8.29
C ALA B 153 56.54 -27.83 7.61
N LEU B 154 57.18 -27.17 6.66
CA LEU B 154 58.42 -27.67 6.06
C LEU B 154 59.55 -27.62 7.08
N ASP B 155 60.54 -28.50 6.90
CA ASP B 155 61.76 -28.48 7.73
C ASP B 155 62.72 -27.38 7.32
N ASP B 156 63.65 -27.03 8.23
CA ASP B 156 64.63 -25.96 8.04
C ASP B 156 65.44 -26.06 6.73
N GLU B 157 65.84 -27.29 6.37
CA GLU B 157 66.65 -27.52 5.16
C GLU B 157 65.89 -27.23 3.87
N THR B 158 64.64 -27.72 3.79
CA THR B 158 63.79 -27.50 2.61
C THR B 158 63.53 -26.00 2.42
N LYS B 159 63.18 -25.33 3.52
CA LYS B 159 63.04 -23.86 3.58
C LYS B 159 64.24 -23.14 2.97
N ALA B 160 65.44 -23.53 3.41
CA ALA B 160 66.71 -23.00 2.89
C ALA B 160 66.91 -23.28 1.39
N GLU B 161 66.59 -24.50 0.95
CA GLU B 161 66.74 -24.91 -0.46
C GLU B 161 65.86 -24.11 -1.44
N ILE B 162 64.60 -23.86 -1.05
CA ILE B 162 63.62 -23.21 -1.94
C ILE B 162 63.61 -21.67 -1.88
N GLU B 163 64.22 -21.10 -0.83
CA GLU B 163 64.16 -19.67 -0.52
C GLU B 163 64.23 -18.76 -1.75
N ASP B 164 65.15 -19.03 -2.66
CA ASP B 164 65.37 -18.16 -3.80
C ASP B 164 65.00 -18.74 -5.15
N LEU B 165 64.29 -19.86 -5.15
CA LEU B 165 63.83 -20.48 -6.41
C LEU B 165 62.72 -19.66 -7.10
N VAL B 166 62.77 -19.69 -8.42
CA VAL B 166 61.85 -18.96 -9.28
C VAL B 166 61.23 -19.97 -10.24
N CYS B 167 59.90 -19.93 -10.35
CA CYS B 167 59.15 -20.78 -11.28
C CYS B 167 58.71 -20.04 -12.53
N GLU B 168 58.54 -20.78 -13.62
CA GLU B 168 57.92 -20.26 -14.85
C GLU B 168 56.45 -20.64 -14.85
N HIS B 169 55.57 -19.66 -15.01
CA HIS B 169 54.13 -19.91 -15.05
C HIS B 169 53.54 -19.60 -16.41
N SER B 170 52.74 -20.53 -16.91
CA SER B 170 52.07 -20.33 -18.19
C SER B 170 50.85 -21.20 -18.28
N LEU B 171 49.85 -20.69 -18.99
CA LEU B 171 48.67 -21.47 -19.35
C LEU B 171 49.01 -22.71 -20.18
N MET B 172 50.10 -22.66 -20.95
CA MET B 172 50.61 -23.80 -21.72
C MET B 172 51.01 -24.98 -20.82
N TYR B 173 51.45 -24.68 -19.60
CA TYR B 173 51.85 -25.70 -18.65
C TYR B 173 50.65 -26.37 -17.98
N SER B 174 49.68 -25.57 -17.53
CA SER B 174 48.48 -26.12 -16.88
C SER B 174 47.62 -26.91 -17.87
N ARG B 175 47.44 -26.36 -19.07
CA ARG B 175 46.74 -27.06 -20.14
C ARG B 175 47.53 -28.27 -20.67
N GLY B 176 48.86 -28.14 -20.72
CA GLY B 176 49.74 -29.24 -21.10
C GLY B 176 49.54 -30.50 -20.27
N SER B 177 49.39 -30.31 -18.95
CA SER B 177 49.15 -31.42 -18.03
C SER B 177 47.80 -32.11 -18.27
N LEU B 178 46.86 -31.40 -18.91
CA LEU B 178 45.57 -31.99 -19.34
C LEU B 178 45.50 -32.40 -20.81
N GLY B 179 46.64 -32.32 -21.51
CA GLY B 179 46.74 -32.89 -22.85
C GLY B 179 47.09 -31.93 -23.99
N PHE B 180 46.81 -30.64 -23.82
CA PHE B 180 47.08 -29.65 -24.86
C PHE B 180 48.56 -29.25 -24.87
N THR B 181 49.38 -29.98 -25.63
CA THR B 181 50.85 -29.75 -25.65
C THR B 181 51.35 -28.97 -26.87
N GLU B 182 50.52 -28.92 -27.92
CA GLU B 182 50.89 -28.29 -29.19
C GLU B 182 50.38 -26.84 -29.30
N TYR B 183 51.32 -25.90 -29.46
CA TYR B 183 51.00 -24.48 -29.57
C TYR B 183 51.70 -23.80 -30.74
N THR B 184 50.94 -22.99 -31.48
CA THR B 184 51.47 -22.17 -32.57
C THR B 184 52.31 -21.01 -32.04
N ASP B 185 53.08 -20.38 -32.92
CA ASP B 185 53.92 -19.21 -32.60
C ASP B 185 53.13 -18.08 -31.92
N GLU B 186 51.91 -17.85 -32.43
CA GLU B 186 50.96 -16.86 -31.90
C GLU B 186 50.54 -17.17 -30.45
N GLU B 187 50.19 -18.42 -30.19
CA GLU B 187 49.79 -18.87 -28.87
C GLU B 187 50.97 -18.80 -27.89
N LYS B 188 52.17 -19.21 -28.37
CA LYS B 188 53.41 -19.16 -27.58
C LYS B 188 53.78 -17.75 -27.08
N GLN B 189 53.35 -16.74 -27.82
CA GLN B 189 53.57 -15.34 -27.43
C GLN B 189 52.49 -14.84 -26.49
N MET B 190 51.22 -15.16 -26.79
CA MET B 190 50.08 -14.90 -25.89
C MET B 190 50.27 -15.54 -24.51
N PHE B 191 50.89 -16.73 -24.49
CA PHE B 191 51.10 -17.50 -23.27
C PHE B 191 52.57 -17.56 -22.85
N LYS B 192 53.35 -16.60 -23.32
CA LYS B 192 54.76 -16.50 -22.97
C LYS B 192 54.92 -16.68 -21.45
N PRO B 193 55.71 -17.68 -21.02
CA PRO B 193 55.87 -17.93 -19.59
C PRO B 193 56.38 -16.70 -18.86
N VAL B 194 55.89 -16.52 -17.64
CA VAL B 194 56.32 -15.45 -16.76
C VAL B 194 56.99 -16.05 -15.53
N LEU B 195 57.82 -15.24 -14.88
CA LEU B 195 58.54 -15.66 -13.70
C LEU B 195 57.80 -15.25 -12.45
N GLN B 196 57.83 -16.13 -11.45
CA GLN B 196 57.30 -15.87 -10.11
C GLN B 196 58.20 -16.53 -9.09
N ARG B 197 58.34 -15.91 -7.92
CA ARG B 197 59.03 -16.51 -6.77
C ARG B 197 58.30 -17.78 -6.36
N LEU B 198 59.06 -18.81 -5.99
CA LEU B 198 58.47 -19.98 -5.36
C LEU B 198 58.04 -19.67 -3.93
N VAL B 199 58.82 -18.88 -3.20
CA VAL B 199 58.48 -18.47 -1.84
C VAL B 199 58.17 -16.97 -1.87
N ARG B 200 56.93 -16.61 -1.50
CA ARG B 200 56.51 -15.21 -1.57
C ARG B 200 56.24 -14.67 -0.16
N THR B 201 56.28 -13.34 -0.03
CA THR B 201 56.06 -12.65 1.26
C THR B 201 54.84 -11.75 1.16
N HIS B 202 53.95 -11.85 2.16
CA HIS B 202 52.73 -11.06 2.16
C HIS B 202 53.06 -9.60 2.49
N PRO B 203 52.52 -8.64 1.72
CA PRO B 203 52.91 -7.24 1.97
C PRO B 203 52.44 -6.66 3.32
N VAL B 204 51.43 -7.26 3.93
CA VAL B 204 50.87 -6.75 5.20
C VAL B 204 51.54 -7.41 6.43
N HIS B 205 51.22 -8.68 6.71
CA HIS B 205 51.73 -9.38 7.90
C HIS B 205 53.10 -10.06 7.71
N ARG B 206 53.64 -9.99 6.49
CA ARG B 206 54.99 -10.48 6.14
C ARG B 206 55.20 -12.03 6.21
N ARG B 207 54.12 -12.79 6.42
CA ARG B 207 54.21 -14.25 6.44
C ARG B 207 54.64 -14.78 5.08
N LYS B 208 55.59 -15.71 5.09
CA LYS B 208 56.03 -16.44 3.90
C LYS B 208 55.03 -17.55 3.55
N SER B 209 54.85 -17.77 2.26
CA SER B 209 53.98 -18.83 1.78
C SER B 209 54.51 -19.44 0.50
N LEU B 210 54.16 -20.70 0.26
CA LEU B 210 54.50 -21.39 -0.99
C LEU B 210 53.64 -20.85 -2.13
N TYR B 211 54.27 -20.38 -3.20
CA TYR B 211 53.51 -19.93 -4.36
C TYR B 211 53.42 -21.08 -5.35
N LEU B 212 52.48 -21.98 -5.07
CA LEU B 212 52.24 -23.16 -5.92
C LEU B 212 51.09 -22.92 -6.88
N SER B 213 51.17 -23.53 -8.06
CA SER B 213 50.14 -23.38 -9.09
C SER B 213 50.31 -24.31 -10.28
N SER B 214 49.19 -24.79 -10.80
CA SER B 214 49.14 -25.69 -11.96
C SER B 214 49.83 -25.04 -13.17
N HIS B 215 49.81 -23.71 -13.21
CA HIS B 215 50.47 -22.93 -14.26
C HIS B 215 52.00 -22.98 -14.20
N ALA B 216 52.56 -23.26 -13.01
CA ALA B 216 54.01 -23.45 -12.87
C ALA B 216 54.48 -24.78 -13.46
N GLY B 217 55.30 -24.72 -14.51
CA GLY B 217 55.79 -25.93 -15.18
C GLY B 217 57.29 -26.15 -15.18
N LYS B 218 58.04 -25.27 -14.50
CA LYS B 218 59.51 -25.31 -14.50
C LYS B 218 60.05 -24.45 -13.36
N ILE B 219 61.12 -24.92 -12.71
CA ILE B 219 61.94 -24.06 -11.87
C ILE B 219 63.16 -23.59 -12.70
N ALA B 220 63.33 -22.27 -12.79
CA ALA B 220 64.32 -21.61 -13.69
C ALA B 220 65.74 -22.19 -13.65
N SER B 221 66.25 -22.46 -12.45
CA SER B 221 67.64 -22.89 -12.26
C SER B 221 67.85 -24.42 -12.31
N MET B 222 66.79 -25.16 -12.70
CA MET B 222 66.82 -26.62 -12.67
C MET B 222 66.37 -27.23 -14.01
N SER B 223 66.72 -28.49 -14.23
CA SER B 223 66.17 -29.22 -15.38
C SER B 223 64.65 -29.35 -15.19
N VAL B 224 63.91 -29.37 -16.30
CA VAL B 224 62.46 -29.50 -16.24
C VAL B 224 62.01 -30.71 -15.40
N PRO B 225 62.60 -31.93 -15.61
CA PRO B 225 62.18 -33.07 -14.77
C PRO B 225 62.40 -32.89 -13.27
N GLU B 226 63.58 -32.40 -12.87
CA GLU B 226 63.89 -32.24 -11.46
C GLU B 226 63.04 -31.16 -10.79
N GLY B 227 62.88 -30.04 -11.49
CA GLY B 227 61.99 -28.94 -11.07
C GLY B 227 60.54 -29.37 -10.89
N ARG B 228 60.01 -30.10 -11.88
CA ARG B 228 58.65 -30.62 -11.79
C ARG B 228 58.45 -31.60 -10.62
N LEU B 229 59.47 -32.43 -10.38
CA LEU B 229 59.42 -33.38 -9.26
C LEU B 229 59.42 -32.68 -7.91
N LEU B 230 60.21 -31.61 -7.81
CA LEU B 230 60.23 -30.77 -6.62
C LEU B 230 58.87 -30.08 -6.39
N LEU B 231 58.31 -29.50 -7.44
CA LEU B 231 56.98 -28.88 -7.37
C LEU B 231 55.90 -29.88 -6.98
N ARG B 232 56.03 -31.12 -7.48
CA ARG B 232 55.13 -32.21 -7.09
C ARG B 232 55.18 -32.49 -5.59
N ASP B 233 56.40 -32.59 -5.05
CA ASP B 233 56.61 -32.83 -3.61
C ASP B 233 56.01 -31.71 -2.75
N LEU B 234 56.21 -30.46 -3.17
CA LEU B 234 55.63 -29.31 -2.49
C LEU B 234 54.10 -29.30 -2.56
N ASN B 235 53.54 -29.63 -3.72
CA ASN B 235 52.09 -29.68 -3.92
C ASN B 235 51.42 -30.79 -3.10
N GLU B 236 52.05 -31.96 -3.07
CA GLU B 236 51.60 -33.08 -2.24
C GLU B 236 51.59 -32.66 -0.77
N HIS B 237 52.72 -32.13 -0.29
CA HIS B 237 52.82 -31.58 1.06
C HIS B 237 51.73 -30.53 1.33
N ALA B 238 51.58 -29.58 0.41
CA ALA B 238 50.70 -28.41 0.67
C ALA B 238 49.20 -28.71 0.59
N THR B 239 48.84 -29.86 0.01
CA THR B 239 47.41 -30.19 -0.21
C THR B 239 46.93 -31.38 0.63
N GLN B 240 47.72 -31.71 1.66
CA GLN B 240 47.33 -32.62 2.74
C GLN B 240 46.08 -32.08 3.43
N PRO B 241 45.18 -32.99 3.90
CA PRO B 241 43.90 -32.57 4.51
C PRO B 241 44.01 -31.53 5.64
N GLU B 242 45.13 -31.53 6.37
CA GLU B 242 45.36 -30.59 7.48
C GLU B 242 45.48 -29.13 7.02
N PHE B 243 45.79 -28.93 5.74
CA PHE B 243 45.94 -27.60 5.13
C PHE B 243 44.76 -27.20 4.23
N VAL B 244 43.78 -28.08 4.09
CA VAL B 244 42.71 -27.94 3.11
C VAL B 244 41.35 -27.74 3.79
N TYR B 245 40.64 -26.69 3.37
CA TYR B 245 39.21 -26.51 3.69
C TYR B 245 38.38 -26.85 2.46
N VAL B 246 37.31 -27.61 2.67
CA VAL B 246 36.39 -28.02 1.61
C VAL B 246 35.09 -27.23 1.74
N HIS B 247 34.73 -26.51 0.67
CA HIS B 247 33.49 -25.76 0.64
C HIS B 247 32.42 -26.44 -0.21
N LYS B 248 31.34 -26.82 0.47
CA LYS B 248 30.13 -27.36 -0.17
C LYS B 248 29.19 -26.18 -0.41
N TRP B 249 28.80 -26.00 -1.66
CA TRP B 249 28.07 -24.81 -2.11
C TRP B 249 26.58 -24.81 -1.74
N LYS B 250 26.10 -23.63 -1.35
CA LYS B 250 24.67 -23.30 -1.23
C LYS B 250 24.34 -22.12 -2.13
N LEU B 251 23.11 -22.05 -2.62
CA LEU B 251 22.65 -20.95 -3.50
C LEU B 251 22.93 -19.58 -2.88
N HIS B 252 23.45 -18.66 -3.70
CA HIS B 252 23.84 -17.28 -3.29
C HIS B 252 24.98 -17.20 -2.27
N ASP B 253 25.75 -18.28 -2.12
CA ASP B 253 27.03 -18.19 -1.42
C ASP B 253 27.94 -17.21 -2.17
N LEU B 254 28.77 -16.50 -1.41
CA LEU B 254 29.92 -15.80 -1.98
C LEU B 254 31.15 -16.19 -1.21
N VAL B 255 32.13 -16.75 -1.92
CA VAL B 255 33.41 -17.08 -1.32
C VAL B 255 34.49 -16.23 -1.99
N MET B 256 35.32 -15.63 -1.15
CA MET B 256 36.37 -14.71 -1.56
C MET B 256 37.68 -15.22 -0.99
N TRP B 257 38.70 -15.28 -1.84
CA TRP B 257 40.00 -15.78 -1.43
C TRP B 257 41.15 -14.90 -1.90
N ASP B 258 42.23 -14.91 -1.12
CA ASP B 258 43.44 -14.20 -1.47
C ASP B 258 44.38 -15.15 -2.21
N ASN B 259 44.50 -14.92 -3.51
CA ASN B 259 45.42 -15.66 -4.39
C ASN B 259 46.90 -15.63 -3.96
N ARG B 260 47.27 -14.63 -3.16
CA ARG B 260 48.65 -14.47 -2.65
C ARG B 260 49.00 -15.40 -1.49
N GLN B 261 48.00 -16.06 -0.89
CA GLN B 261 48.23 -16.93 0.29
C GLN B 261 47.68 -18.37 0.13
N THR B 262 47.05 -18.66 -1.00
CA THR B 262 46.30 -19.91 -1.18
C THR B 262 46.46 -20.57 -2.53
N MET B 263 45.97 -21.82 -2.61
CA MET B 263 45.54 -22.43 -3.88
C MET B 263 44.08 -22.85 -3.72
N HIS B 264 43.42 -23.04 -4.86
CA HIS B 264 42.09 -23.58 -4.88
C HIS B 264 41.91 -24.48 -6.10
N ARG B 265 40.80 -25.22 -6.10
CA ARG B 265 40.37 -26.07 -7.21
C ARG B 265 38.90 -26.45 -7.02
N VAL B 266 38.26 -26.74 -8.15
CA VAL B 266 36.92 -27.29 -8.13
C VAL B 266 36.99 -28.82 -8.34
N ARG B 267 36.22 -29.56 -7.54
CA ARG B 267 36.12 -31.01 -7.70
C ARG B 267 35.18 -31.32 -8.86
N ARG B 268 35.35 -32.51 -9.46
CA ARG B 268 34.55 -32.89 -10.64
C ARG B 268 33.03 -32.80 -10.40
N TYR B 269 32.32 -32.40 -11.44
CA TYR B 269 30.87 -32.15 -11.37
C TYR B 269 30.15 -32.72 -12.59
N ASP B 270 28.87 -33.06 -12.41
CA ASP B 270 28.03 -33.56 -13.50
C ASP B 270 27.82 -32.48 -14.58
N GLN B 271 28.52 -32.64 -15.69
CA GLN B 271 28.49 -31.68 -16.82
C GLN B 271 27.13 -31.55 -17.52
N SER B 272 26.27 -32.56 -17.41
CA SER B 272 24.91 -32.49 -17.98
C SER B 272 23.99 -31.51 -17.24
N GLN B 273 24.38 -31.12 -16.02
CA GLN B 273 23.60 -30.20 -15.18
C GLN B 273 24.22 -28.78 -15.14
N PRO B 274 23.38 -27.72 -15.14
CA PRO B 274 23.95 -26.36 -15.11
C PRO B 274 24.72 -26.04 -13.81
N ARG B 275 25.83 -25.32 -13.97
CA ARG B 275 26.63 -24.81 -12.86
C ARG B 275 26.94 -23.35 -13.19
N ASP B 276 26.26 -22.42 -12.53
CA ASP B 276 26.41 -20.98 -12.84
C ASP B 276 27.15 -20.25 -11.73
N MET B 277 28.45 -20.09 -11.94
CA MET B 277 29.37 -19.51 -10.96
C MET B 277 30.03 -18.31 -11.62
N ARG B 278 30.12 -17.21 -10.88
CA ARG B 278 30.57 -15.96 -11.48
C ARG B 278 31.61 -15.32 -10.58
N ARG B 279 32.73 -14.96 -11.20
CA ARG B 279 33.90 -14.46 -10.49
C ARG B 279 34.21 -13.00 -10.81
N ALA B 280 34.49 -12.22 -9.77
CA ALA B 280 35.14 -10.93 -9.90
C ALA B 280 36.59 -11.09 -9.46
N THR B 281 37.50 -10.52 -10.24
CA THR B 281 38.92 -10.62 -9.95
C THR B 281 39.55 -9.24 -9.75
N VAL B 282 40.23 -9.08 -8.62
CA VAL B 282 40.95 -7.86 -8.29
C VAL B 282 42.41 -8.02 -8.71
N ALA B 283 42.87 -7.09 -9.55
CA ALA B 283 44.24 -7.10 -10.10
C ALA B 283 45.27 -6.97 -9.00
N GLY B 284 46.40 -7.64 -9.20
CA GLY B 284 47.51 -7.56 -8.29
C GLY B 284 48.05 -6.16 -8.11
N THR B 285 48.50 -5.89 -6.90
CA THR B 285 48.96 -4.57 -6.47
C THR B 285 50.48 -4.56 -6.31
N GLU B 286 51.10 -5.74 -6.47
CA GLU B 286 52.56 -5.94 -6.40
C GLU B 286 53.02 -7.23 -7.14
N PRO B 287 54.15 -7.17 -7.89
CA PRO B 287 54.77 -8.39 -8.48
C PRO B 287 55.56 -9.23 -7.45
N THR B 288 55.88 -10.49 -7.77
CA THR B 288 56.74 -11.27 -6.88
C THR B 288 58.20 -11.20 -7.30
N VAL B 289 58.45 -11.03 -8.60
CA VAL B 289 59.80 -10.77 -9.13
C VAL B 289 59.79 -9.61 -10.12
N GLN B 290 60.90 -8.87 -10.14
CA GLN B 290 61.08 -7.65 -10.97
C GLN B 290 60.94 -7.93 -12.47
N GLN B 291 61.39 -9.12 -12.89
CA GLN B 291 61.36 -9.60 -14.29
C GLN B 291 62.13 -8.70 -15.26
N MET C 1 -11.64 -8.80 -36.00
CA MET C 1 -12.15 -8.98 -34.60
C MET C 1 -12.58 -7.65 -33.96
N THR C 2 -11.76 -6.60 -34.13
CA THR C 2 -12.09 -5.25 -33.60
C THR C 2 -12.11 -4.15 -34.67
N ILE C 3 -13.09 -3.26 -34.57
CA ILE C 3 -13.18 -2.06 -35.42
C ILE C 3 -12.25 -0.95 -34.90
N ALA C 4 -11.80 -0.08 -35.80
CA ALA C 4 -10.88 1.02 -35.43
C ALA C 4 -11.61 2.14 -34.72
N ILE C 5 -11.18 2.42 -33.47
CA ILE C 5 -11.75 3.47 -32.62
C ILE C 5 -10.65 4.31 -31.97
N ARG C 6 -10.75 5.62 -32.15
CA ARG C 6 -9.91 6.58 -31.45
C ARG C 6 -10.75 7.36 -30.42
N GLN C 7 -10.30 7.39 -29.18
CA GLN C 7 -10.99 8.13 -28.11
C GLN C 7 -10.79 9.64 -28.29
N LEU C 8 -11.85 10.41 -28.10
CA LEU C 8 -11.83 11.86 -28.36
C LEU C 8 -11.86 12.76 -27.12
N GLN C 9 -12.24 12.20 -25.98
CA GLN C 9 -12.33 12.96 -24.73
C GLN C 9 -11.78 12.09 -23.61
N THR C 10 -11.30 12.71 -22.53
CA THR C 10 -10.68 12.02 -21.39
CA THR C 10 -10.65 11.95 -21.46
C THR C 10 -11.50 10.81 -20.92
N HIS C 11 -12.82 11.03 -20.78
CA HIS C 11 -13.70 10.05 -20.14
C HIS C 11 -14.49 9.13 -21.06
N PHE C 12 -14.73 9.59 -22.28
CA PHE C 12 -15.67 8.94 -23.21
C PHE C 12 -15.51 9.46 -24.64
N VAL C 13 -16.38 8.99 -25.55
CA VAL C 13 -16.44 9.39 -26.98
C VAL C 13 -15.39 8.68 -27.82
N GLY C 14 -15.85 7.87 -28.78
CA GLY C 14 -14.97 7.23 -29.74
C GLY C 14 -15.23 7.64 -31.19
N GLN C 15 -14.14 7.79 -31.94
CA GLN C 15 -14.22 8.04 -33.37
C GLN C 15 -14.04 6.72 -34.09
N VAL C 16 -14.98 6.40 -34.96
CA VAL C 16 -14.97 5.11 -35.67
C VAL C 16 -14.58 5.27 -37.13
N SER C 17 -13.69 4.41 -37.61
CA SER C 17 -13.32 4.41 -39.03
C SER C 17 -13.37 3.01 -39.60
N GLY C 18 -13.45 2.90 -40.92
CA GLY C 18 -13.41 1.61 -41.60
C GLY C 18 -14.78 1.00 -41.88
N LEU C 19 -15.86 1.69 -41.48
CA LEU C 19 -17.22 1.21 -41.76
C LEU C 19 -17.96 2.11 -42.73
N ASP C 20 -18.65 1.49 -43.67
CA ASP C 20 -19.44 2.23 -44.64
C ASP C 20 -20.92 2.01 -44.29
N LEU C 21 -21.55 3.06 -43.76
CA LEU C 21 -22.92 2.99 -43.26
C LEU C 21 -24.01 3.02 -44.33
N ARG C 22 -23.60 3.18 -45.60
CA ARG C 22 -24.48 3.00 -46.76
C ARG C 22 -24.84 1.53 -46.98
N LYS C 23 -23.99 0.65 -46.44
CA LYS C 23 -24.08 -0.79 -46.66
C LYS C 23 -24.42 -1.54 -45.35
N PRO C 24 -25.09 -2.71 -45.46
CA PRO C 24 -25.37 -3.54 -44.28
C PRO C 24 -24.09 -3.91 -43.50
N LEU C 25 -24.25 -4.04 -42.18
CA LEU C 25 -23.18 -4.56 -41.33
C LEU C 25 -23.25 -6.07 -41.21
N THR C 26 -22.09 -6.70 -40.95
CA THR C 26 -22.02 -8.12 -40.59
C THR C 26 -22.49 -8.27 -39.12
N PRO C 27 -22.84 -9.49 -38.68
CA PRO C 27 -23.17 -9.66 -37.25
C PRO C 27 -22.07 -9.16 -36.30
N GLY C 28 -20.83 -9.54 -36.58
CA GLY C 28 -19.63 -9.11 -35.84
C GLY C 28 -19.47 -7.59 -35.75
N GLU C 29 -19.63 -6.90 -36.88
CA GLU C 29 -19.54 -5.43 -36.90
C GLU C 29 -20.62 -4.77 -36.03
N ALA C 30 -21.85 -5.30 -36.07
CA ALA C 30 -22.97 -4.75 -35.28
C ALA C 30 -22.70 -4.95 -33.79
N ARG C 31 -22.22 -6.14 -33.44
CA ARG C 31 -21.78 -6.49 -32.09
C ARG C 31 -20.69 -5.52 -31.58
N GLU C 32 -19.68 -5.26 -32.42
CA GLU C 32 -18.59 -4.32 -32.13
C GLU C 32 -19.06 -2.89 -31.89
N VAL C 33 -19.97 -2.40 -32.74
CA VAL C 33 -20.48 -1.04 -32.61
C VAL C 33 -21.23 -0.89 -31.30
N GLU C 34 -22.09 -1.88 -30.99
CA GLU C 34 -22.85 -1.83 -29.75
C GLU C 34 -21.96 -1.88 -28.47
N SER C 35 -20.93 -2.73 -28.46
CA SER C 35 -19.96 -2.76 -27.34
C SER C 35 -19.25 -1.42 -27.18
N ALA C 36 -18.90 -0.80 -28.32
CA ALA C 36 -18.30 0.54 -28.34
C ALA C 36 -19.27 1.58 -27.78
N MET C 37 -20.56 1.39 -28.05
CA MET C 37 -21.61 2.26 -27.51
C MET C 37 -21.70 2.08 -26.00
N ASP C 38 -21.61 0.84 -25.52
CA ASP C 38 -21.57 0.55 -24.08
C ASP C 38 -20.36 1.25 -23.42
N LYS C 39 -19.17 1.06 -24.00
CA LYS C 39 -17.92 1.65 -23.49
C LYS C 39 -17.88 3.19 -23.62
N TYR C 40 -17.94 3.71 -24.85
CA TYR C 40 -17.70 5.11 -25.16
C TYR C 40 -18.89 6.05 -25.00
N ALA C 41 -20.11 5.49 -25.03
CA ALA C 41 -21.38 6.24 -24.89
C ALA C 41 -21.77 7.12 -26.09
N VAL C 42 -20.77 7.61 -26.81
CA VAL C 42 -20.96 8.45 -28.00
C VAL C 42 -19.96 7.99 -29.07
N LEU C 43 -20.45 7.83 -30.29
CA LEU C 43 -19.62 7.43 -31.42
C LEU C 43 -19.75 8.43 -32.55
N VAL C 44 -18.60 8.74 -33.17
CA VAL C 44 -18.50 9.74 -34.24
C VAL C 44 -18.03 9.02 -35.50
N PHE C 45 -18.81 9.12 -36.58
CA PHE C 45 -18.43 8.56 -37.87
C PHE C 45 -18.34 9.75 -38.80
N HIS C 46 -17.23 9.85 -39.55
CA HIS C 46 -17.08 10.89 -40.56
C HIS C 46 -17.44 10.36 -41.96
N ASP C 47 -17.83 11.26 -42.86
CA ASP C 47 -18.07 10.93 -44.28
C ASP C 47 -19.04 9.77 -44.45
N GLN C 48 -20.24 9.92 -43.90
CA GLN C 48 -21.27 8.91 -44.05
C GLN C 48 -22.45 9.52 -44.81
N ASP C 49 -22.28 9.58 -46.14
CA ASP C 49 -23.25 10.16 -47.07
C ASP C 49 -24.37 9.15 -47.28
N ILE C 50 -25.33 9.19 -46.38
CA ILE C 50 -26.35 8.14 -46.29
C ILE C 50 -27.75 8.70 -46.60
N THR C 51 -28.64 7.82 -47.08
CA THR C 51 -30.07 8.13 -47.22
C THR C 51 -30.78 7.90 -45.88
N ASP C 52 -31.99 8.43 -45.75
CA ASP C 52 -32.83 8.20 -44.57
C ASP C 52 -33.02 6.72 -44.30
N GLU C 53 -33.29 5.95 -45.35
CA GLU C 53 -33.45 4.50 -45.24
C GLU C 53 -32.17 3.78 -44.80
N GLN C 54 -31.03 4.17 -45.37
CA GLN C 54 -29.75 3.55 -45.01
C GLN C 54 -29.41 3.83 -43.53
N GLN C 55 -29.71 5.04 -43.08
CA GLN C 55 -29.51 5.46 -41.69
C GLN C 55 -30.34 4.65 -40.71
N MET C 56 -31.62 4.43 -41.04
CA MET C 56 -32.53 3.68 -40.18
C MET C 56 -32.15 2.20 -40.15
N ALA C 57 -31.79 1.65 -41.31
CA ALA C 57 -31.30 0.28 -41.39
C ALA C 57 -30.09 0.02 -40.47
N PHE C 58 -29.19 1.01 -40.41
CA PHE C 58 -28.04 0.97 -39.50
C PHE C 58 -28.54 0.92 -38.05
N ALA C 59 -29.43 1.84 -37.71
CA ALA C 59 -30.01 1.91 -36.35
C ALA C 59 -30.72 0.63 -35.93
N LEU C 60 -31.36 -0.05 -36.87
CA LEU C 60 -32.16 -1.26 -36.55
C LEU C 60 -31.37 -2.51 -36.16
N ASN C 61 -30.04 -2.51 -36.40
CA ASN C 61 -29.11 -3.50 -35.82
C ASN C 61 -29.20 -3.58 -34.29
N PHE C 62 -29.60 -2.45 -33.70
CA PHE C 62 -29.50 -2.21 -32.26
C PHE C 62 -30.84 -2.22 -31.52
N GLY C 63 -31.90 -2.59 -32.24
CA GLY C 63 -33.22 -2.76 -31.63
C GLY C 63 -34.32 -2.50 -32.62
N GLN C 64 -35.33 -1.75 -32.15
CA GLN C 64 -36.50 -1.38 -32.94
C GLN C 64 -36.67 0.13 -32.94
N ARG C 65 -37.39 0.66 -33.94
CA ARG C 65 -37.79 2.08 -33.98
C ARG C 65 -38.56 2.47 -32.73
N GLU C 66 -38.22 3.63 -32.16
CA GLU C 66 -39.08 4.27 -31.19
C GLU C 66 -40.29 4.90 -31.89
N ASP C 67 -41.48 4.60 -31.39
CA ASP C 67 -42.72 5.25 -31.81
C ASP C 67 -42.66 6.77 -31.52
N ALA C 68 -42.67 7.54 -32.61
CA ALA C 68 -42.54 9.00 -32.57
C ALA C 68 -43.72 9.76 -31.93
N ARG C 69 -44.91 9.16 -31.95
CA ARG C 69 -46.14 9.79 -31.41
C ARG C 69 -46.03 10.26 -29.96
N GLY C 70 -46.49 11.49 -29.71
CA GLY C 70 -46.37 12.15 -28.40
C GLY C 70 -45.03 12.84 -28.14
N GLY C 71 -44.21 12.98 -29.20
CA GLY C 71 -42.86 13.52 -29.10
C GLY C 71 -42.65 14.96 -29.55
N THR C 72 -43.57 15.48 -30.36
CA THR C 72 -43.49 16.85 -30.89
C THR C 72 -44.87 17.52 -30.91
N VAL C 73 -44.89 18.82 -31.22
CA VAL C 73 -46.09 19.50 -31.70
C VAL C 73 -46.17 19.27 -33.22
N THR C 74 -46.59 18.07 -33.59
CA THR C 74 -46.61 17.59 -34.98
C THR C 74 -47.89 17.95 -35.75
N LYS C 75 -48.80 18.66 -35.07
CA LYS C 75 -50.12 19.10 -35.57
C LYS C 75 -51.09 17.97 -36.00
N GLU C 76 -50.64 16.72 -35.88
CA GLU C 76 -51.35 15.49 -36.34
C GLU C 76 -51.66 15.49 -37.86
N LYS C 77 -51.03 16.41 -38.59
CA LYS C 77 -51.19 16.57 -40.04
C LYS C 77 -49.98 15.94 -40.74
N ASP C 78 -49.12 16.78 -41.33
CA ASP C 78 -47.89 16.32 -41.96
C ASP C 78 -46.73 17.32 -41.81
N TYR C 79 -45.54 16.83 -42.12
CA TYR C 79 -44.29 17.58 -42.01
C TYR C 79 -43.32 17.20 -43.14
N ARG C 80 -42.03 17.52 -42.95
CA ARG C 80 -41.04 17.54 -44.03
C ARG C 80 -40.60 16.16 -44.55
N LEU C 81 -40.30 15.22 -43.66
CA LEU C 81 -39.69 13.94 -44.03
C LEU C 81 -40.70 12.82 -44.25
N GLN C 82 -40.44 12.00 -45.27
CA GLN C 82 -41.30 10.88 -45.68
C GLN C 82 -41.01 9.57 -44.91
N SER C 83 -39.75 9.41 -44.49
CA SER C 83 -39.24 8.17 -43.88
C SER C 83 -39.56 8.03 -42.39
N GLY C 84 -38.90 7.08 -41.72
CA GLY C 84 -38.99 6.90 -40.26
C GLY C 84 -38.35 7.98 -39.38
N LEU C 85 -37.35 8.69 -39.91
CA LEU C 85 -36.52 9.62 -39.15
C LEU C 85 -37.23 10.81 -38.50
N ASN C 86 -36.76 11.18 -37.31
CA ASN C 86 -37.18 12.40 -36.64
C ASN C 86 -36.49 13.59 -37.29
N ASP C 87 -37.29 14.60 -37.61
CA ASP C 87 -36.81 15.81 -38.21
C ASP C 87 -36.40 16.71 -37.05
N VAL C 88 -35.09 16.88 -36.88
CA VAL C 88 -34.54 17.80 -35.87
C VAL C 88 -33.83 19.00 -36.54
N SER C 89 -34.24 19.29 -37.78
CA SER C 89 -33.78 20.45 -38.56
C SER C 89 -34.43 21.77 -38.09
N ASN C 90 -34.06 22.87 -38.73
CA ASN C 90 -34.73 24.15 -38.51
C ASN C 90 -35.70 24.52 -39.66
N LEU C 91 -36.12 23.51 -40.42
CA LEU C 91 -36.94 23.69 -41.63
C LEU C 91 -38.40 23.27 -41.44
N GLY C 92 -39.32 23.95 -42.13
CA GLY C 92 -40.73 23.56 -42.19
C GLY C 92 -40.98 22.63 -43.36
N LYS C 93 -42.26 22.33 -43.62
CA LYS C 93 -42.68 21.56 -44.83
C LYS C 93 -42.13 22.21 -46.12
N ASP C 94 -42.01 23.54 -46.05
CA ASP C 94 -41.34 24.42 -47.02
C ASP C 94 -40.05 23.85 -47.62
N GLY C 95 -39.20 23.28 -46.77
CA GLY C 95 -37.85 22.87 -47.16
C GLY C 95 -36.83 23.96 -46.87
N LYS C 96 -37.31 25.11 -46.42
CA LYS C 96 -36.47 26.27 -46.07
C LYS C 96 -36.72 26.73 -44.60
N PRO C 97 -35.76 27.48 -43.98
CA PRO C 97 -35.83 27.83 -42.54
C PRO C 97 -37.17 28.34 -42.01
N LEU C 98 -37.52 27.87 -40.82
CA LEU C 98 -38.73 28.29 -40.11
C LEU C 98 -38.64 29.73 -39.63
N ALA C 99 -39.80 30.39 -39.53
CA ALA C 99 -39.90 31.77 -39.03
C ALA C 99 -39.48 31.87 -37.58
N LYS C 100 -38.79 32.97 -37.26
CA LYS C 100 -38.28 33.31 -35.92
C LYS C 100 -39.28 33.13 -34.77
N ASP C 101 -40.56 33.35 -35.05
CA ASP C 101 -41.62 33.36 -34.03
C ASP C 101 -42.73 32.29 -34.19
N SER C 102 -42.52 31.32 -35.10
CA SER C 102 -43.44 30.19 -35.30
C SER C 102 -43.43 29.23 -34.08
N ARG C 103 -44.56 28.56 -33.86
CA ARG C 103 -44.72 27.64 -32.72
C ARG C 103 -43.81 26.40 -32.81
N THR C 104 -43.50 25.98 -34.04
CA THR C 104 -42.60 24.84 -34.31
C THR C 104 -41.15 25.15 -33.90
N HIS C 105 -40.62 26.28 -34.40
CA HIS C 105 -39.26 26.70 -34.07
C HIS C 105 -39.06 26.92 -32.57
N LEU C 106 -40.01 27.63 -31.94
CA LEU C 106 -39.94 27.94 -30.50
C LEU C 106 -39.91 26.70 -29.61
N PHE C 107 -40.63 25.65 -30.03
CA PHE C 107 -40.59 24.34 -29.39
C PHE C 107 -39.24 23.64 -29.64
N ASN C 108 -38.72 23.76 -30.87
CA ASN C 108 -37.41 23.17 -31.28
C ASN C 108 -36.20 23.79 -30.55
N LEU C 109 -36.39 24.97 -29.99
CA LEU C 109 -35.38 25.65 -29.17
C LEU C 109 -35.12 24.89 -27.86
N GLY C 110 -36.07 24.03 -27.48
CA GLY C 110 -35.89 23.05 -26.41
C GLY C 110 -34.62 22.22 -26.51
N ASN C 111 -34.20 21.91 -27.74
CA ASN C 111 -32.97 21.14 -27.98
C ASN C 111 -31.71 21.86 -27.51
N CYS C 112 -31.80 23.16 -27.24
CA CYS C 112 -30.67 23.94 -26.78
C CYS C 112 -30.38 23.71 -25.32
N LEU C 113 -31.33 23.10 -24.62
CA LEU C 113 -31.14 22.70 -23.22
C LEU C 113 -30.53 21.30 -23.12
N TRP C 114 -29.75 21.08 -22.07
CA TRP C 114 -29.17 19.75 -21.77
C TRP C 114 -30.29 18.75 -21.51
N HIS C 115 -30.30 17.67 -22.28
CA HIS C 115 -31.38 16.70 -22.24
C HIS C 115 -30.92 15.31 -22.63
N SER C 116 -31.71 14.32 -22.23
CA SER C 116 -31.60 12.94 -22.68
C SER C 116 -32.88 12.66 -23.46
N ASP C 117 -32.77 12.08 -24.66
CA ASP C 117 -33.92 12.01 -25.57
C ASP C 117 -35.00 11.10 -25.02
N SER C 118 -36.24 11.56 -25.20
CA SER C 118 -37.44 10.80 -24.82
CA SER C 118 -37.47 10.85 -24.81
C SER C 118 -37.48 10.40 -23.34
N SER C 119 -36.84 11.19 -22.47
CA SER C 119 -36.88 10.93 -21.04
C SER C 119 -38.29 11.17 -20.46
N PHE C 120 -39.12 11.87 -21.24
CA PHE C 120 -40.58 12.06 -21.00
C PHE C 120 -41.44 10.84 -21.36
N ARG C 121 -40.83 9.73 -21.77
CA ARG C 121 -41.54 8.48 -22.07
C ARG C 121 -41.32 7.43 -20.98
N PRO C 122 -42.36 6.63 -20.65
CA PRO C 122 -42.21 5.61 -19.61
C PRO C 122 -41.06 4.62 -19.89
N ILE C 123 -40.87 4.28 -21.16
CA ILE C 123 -39.67 3.57 -21.60
C ILE C 123 -38.84 4.54 -22.46
N PRO C 124 -37.75 5.12 -21.88
CA PRO C 124 -37.00 6.11 -22.64
C PRO C 124 -36.09 5.48 -23.70
N ALA C 125 -35.71 6.27 -24.69
CA ALA C 125 -34.88 5.83 -25.83
C ALA C 125 -33.55 5.17 -25.41
N LYS C 126 -33.11 4.22 -26.24
CA LYS C 126 -31.79 3.63 -26.13
C LYS C 126 -30.79 4.51 -26.90
N PHE C 127 -30.64 4.29 -28.21
CA PHE C 127 -29.69 5.07 -29.03
C PHE C 127 -30.40 6.10 -29.89
N SER C 128 -29.75 7.25 -30.05
CA SER C 128 -30.11 8.24 -31.05
C SER C 128 -28.98 8.40 -32.07
N LEU C 129 -29.34 8.51 -33.34
CA LEU C 129 -28.35 8.55 -34.44
C LEU C 129 -28.59 9.79 -35.32
N LEU C 130 -27.65 10.73 -35.27
CA LEU C 130 -27.82 12.03 -35.95
C LEU C 130 -26.92 12.21 -37.17
N SER C 131 -27.56 12.47 -38.31
CA SER C 131 -26.88 12.65 -39.59
C SER C 131 -26.96 14.12 -40.04
N ALA C 132 -25.81 14.66 -40.44
CA ALA C 132 -25.70 16.05 -40.90
C ALA C 132 -25.85 16.14 -42.42
N ARG C 133 -27.00 16.64 -42.88
CA ARG C 133 -27.33 16.68 -44.30
C ARG C 133 -27.01 18.03 -44.92
N VAL C 134 -27.35 19.10 -44.20
CA VAL C 134 -26.89 20.46 -44.51
C VAL C 134 -26.37 21.07 -43.21
N VAL C 135 -25.10 21.49 -43.23
CA VAL C 135 -24.44 22.04 -42.03
C VAL C 135 -24.65 23.55 -41.98
N ASN C 136 -25.18 24.01 -40.85
CA ASN C 136 -25.25 25.43 -40.56
C ASN C 136 -23.85 25.90 -40.13
N PRO C 137 -23.23 26.83 -40.90
CA PRO C 137 -21.87 27.27 -40.58
C PRO C 137 -21.74 28.33 -39.47
N THR C 138 -22.87 28.82 -38.96
CA THR C 138 -22.86 29.83 -37.89
C THR C 138 -23.43 29.25 -36.60
N GLY C 139 -22.58 28.50 -35.90
CA GLY C 139 -22.94 27.89 -34.61
C GLY C 139 -23.54 26.50 -34.72
N GLY C 140 -24.34 26.13 -33.71
CA GLY C 140 -25.00 24.82 -33.67
C GLY C 140 -24.09 23.62 -33.47
N ASN C 141 -23.02 23.79 -32.69
CA ASN C 141 -22.24 22.65 -32.18
C ASN C 141 -23.17 21.78 -31.33
N THR C 142 -22.93 20.47 -31.35
CA THR C 142 -23.64 19.56 -30.45
C THR C 142 -22.70 19.10 -29.34
N GLU C 143 -23.13 19.30 -28.10
CA GLU C 143 -22.30 18.98 -26.93
C GLU C 143 -22.88 17.77 -26.22
N PHE C 144 -21.98 16.93 -25.70
CA PHE C 144 -22.30 15.69 -25.00
C PHE C 144 -21.64 15.68 -23.61
N ALA C 145 -22.38 15.17 -22.63
CA ALA C 145 -21.88 15.06 -21.26
C ALA C 145 -21.99 13.62 -20.77
N ASP C 146 -20.92 13.15 -20.12
CA ASP C 146 -20.81 11.79 -19.64
C ASP C 146 -21.39 11.70 -18.24
N MET C 147 -22.59 11.12 -18.14
CA MET C 147 -23.33 11.01 -16.87
C MET C 147 -22.74 10.02 -15.85
N ARG C 148 -21.94 9.07 -16.32
CA ARG C 148 -21.27 8.09 -15.45
C ARG C 148 -20.07 8.73 -14.75
N ALA C 149 -19.21 9.37 -15.53
CA ALA C 149 -18.11 10.20 -15.00
C ALA C 149 -18.64 11.24 -14.01
N ALA C 150 -19.71 11.94 -14.40
CA ALA C 150 -20.35 12.92 -13.52
C ALA C 150 -20.81 12.29 -12.21
N TYR C 151 -21.52 11.15 -12.29
CA TYR C 151 -21.92 10.40 -11.08
C TYR C 151 -20.72 10.03 -10.18
N ASP C 152 -19.67 9.47 -10.76
CA ASP C 152 -18.52 8.98 -10.00
C ASP C 152 -17.83 10.05 -9.17
N ALA C 153 -17.82 11.27 -9.69
CA ALA C 153 -17.14 12.42 -9.11
C ALA C 153 -17.88 13.04 -7.92
N LEU C 154 -19.11 12.59 -7.67
CA LEU C 154 -19.88 13.09 -6.53
C LEU C 154 -19.33 12.50 -5.22
N ASP C 155 -19.54 13.20 -4.11
CA ASP C 155 -19.14 12.68 -2.80
C ASP C 155 -20.17 11.70 -2.25
N ASP C 156 -19.77 10.94 -1.23
CA ASP C 156 -20.59 9.89 -0.60
C ASP C 156 -21.96 10.38 -0.12
N GLU C 157 -21.98 11.54 0.53
CA GLU C 157 -23.19 12.14 1.09
C GLU C 157 -24.22 12.45 -0.01
N THR C 158 -23.73 13.01 -1.12
CA THR C 158 -24.56 13.28 -2.30
C THR C 158 -25.10 11.98 -2.90
N LYS C 159 -24.19 11.03 -3.15
CA LYS C 159 -24.55 9.69 -3.66
C LYS C 159 -25.61 8.99 -2.81
N ALA C 160 -25.46 9.09 -1.48
CA ALA C 160 -26.42 8.49 -0.54
C ALA C 160 -27.76 9.23 -0.54
N GLU C 161 -27.70 10.57 -0.68
CA GLU C 161 -28.89 11.42 -0.74
C GLU C 161 -29.75 11.13 -1.99
N ILE C 162 -29.10 11.01 -3.14
CA ILE C 162 -29.80 10.90 -4.43
C ILE C 162 -30.23 9.48 -4.84
N GLU C 163 -29.69 8.46 -4.18
CA GLU C 163 -29.80 7.05 -4.61
C GLU C 163 -31.22 6.61 -5.02
N ASP C 164 -32.22 6.92 -4.20
CA ASP C 164 -33.59 6.43 -4.43
C ASP C 164 -34.56 7.50 -4.92
N LEU C 165 -34.04 8.69 -5.22
CA LEU C 165 -34.88 9.80 -5.70
C LEU C 165 -35.49 9.55 -7.09
N VAL C 166 -36.71 10.02 -7.28
CA VAL C 166 -37.45 9.87 -8.52
C VAL C 166 -37.81 11.26 -9.07
N CYS C 167 -37.58 11.46 -10.37
CA CYS C 167 -37.93 12.70 -11.07
C CYS C 167 -39.17 12.53 -11.95
N GLU C 168 -39.95 13.60 -12.09
CA GLU C 168 -41.06 13.68 -13.03
C GLU C 168 -40.61 14.38 -14.31
N HIS C 169 -40.66 13.65 -15.42
CA HIS C 169 -40.23 14.18 -16.72
C HIS C 169 -41.44 14.48 -17.60
N SER C 170 -41.43 15.66 -18.22
CA SER C 170 -42.43 16.07 -19.19
C SER C 170 -41.85 17.11 -20.15
N LEU C 171 -42.25 17.03 -21.42
CA LEU C 171 -41.99 18.10 -22.40
C LEU C 171 -42.48 19.46 -21.94
N MET C 172 -43.51 19.48 -21.09
CA MET C 172 -44.04 20.72 -20.52
C MET C 172 -43.06 21.41 -19.55
N TYR C 173 -42.18 20.62 -18.90
CA TYR C 173 -41.17 21.20 -18.01
C TYR C 173 -40.01 21.86 -18.75
N SER C 174 -39.50 21.17 -19.77
CA SER C 174 -38.40 21.69 -20.58
C SER C 174 -38.82 22.92 -21.40
N ARG C 175 -39.98 22.85 -22.03
CA ARG C 175 -40.51 23.98 -22.80
C ARG C 175 -40.97 25.09 -21.88
N GLY C 176 -41.48 24.71 -20.71
CA GLY C 176 -41.85 25.65 -19.65
C GLY C 176 -40.74 26.55 -19.12
N SER C 177 -39.53 26.03 -19.01
CA SER C 177 -38.39 26.85 -18.56
C SER C 177 -37.94 27.86 -19.63
N LEU C 178 -38.35 27.63 -20.87
CA LEU C 178 -38.09 28.56 -21.96
C LEU C 178 -39.23 29.57 -22.17
N GLY C 179 -40.29 29.47 -21.37
CA GLY C 179 -41.44 30.40 -21.45
C GLY C 179 -42.66 29.90 -22.20
N PHE C 180 -42.50 28.79 -22.93
CA PHE C 180 -43.57 28.09 -23.65
C PHE C 180 -44.48 27.37 -22.62
N THR C 181 -45.52 28.07 -22.16
CA THR C 181 -46.38 27.58 -21.05
C THR C 181 -47.86 27.30 -21.35
N GLU C 182 -48.30 27.52 -22.60
CA GLU C 182 -49.70 27.26 -22.97
C GLU C 182 -49.91 25.99 -23.83
N TYR C 183 -50.69 25.06 -23.28
CA TYR C 183 -50.95 23.76 -23.91
C TYR C 183 -52.45 23.47 -23.97
N THR C 184 -52.91 23.09 -25.16
CA THR C 184 -54.33 22.82 -25.41
C THR C 184 -54.47 21.62 -26.36
N ASP C 185 -55.22 20.59 -25.95
CA ASP C 185 -55.60 20.32 -24.55
C ASP C 185 -55.38 18.84 -24.34
N GLU C 186 -55.38 18.13 -25.46
CA GLU C 186 -54.87 16.76 -25.54
C GLU C 186 -53.33 16.74 -25.50
N GLU C 187 -52.70 17.92 -25.62
CA GLU C 187 -51.26 18.10 -25.38
C GLU C 187 -50.92 17.90 -23.89
N LYS C 188 -51.72 18.49 -23.00
CA LYS C 188 -51.62 18.28 -21.55
C LYS C 188 -51.80 16.81 -21.15
N GLN C 189 -52.54 16.07 -21.98
CA GLN C 189 -52.74 14.65 -21.78
C GLN C 189 -51.65 13.85 -22.50
N MET C 190 -51.24 14.32 -23.67
CA MET C 190 -50.15 13.70 -24.45
C MET C 190 -48.78 13.85 -23.77
N PHE C 191 -48.59 14.97 -23.06
CA PHE C 191 -47.33 15.26 -22.36
C PHE C 191 -47.44 15.08 -20.84
N LYS C 192 -48.34 14.19 -20.41
CA LYS C 192 -48.54 13.86 -19.01
C LYS C 192 -47.20 13.33 -18.43
N PRO C 193 -46.74 13.92 -17.29
CA PRO C 193 -45.46 13.58 -16.65
C PRO C 193 -45.26 12.09 -16.33
N VAL C 194 -44.06 11.58 -16.59
CA VAL C 194 -43.66 10.22 -16.24
C VAL C 194 -42.55 10.20 -15.17
N LEU C 195 -42.45 9.08 -14.46
CA LEU C 195 -41.47 8.90 -13.40
C LEU C 195 -40.21 8.24 -13.95
N GLN C 196 -39.06 8.73 -13.51
CA GLN C 196 -37.76 8.14 -13.82
C GLN C 196 -36.86 8.26 -12.61
N ARG C 197 -36.04 7.23 -12.39
CA ARG C 197 -34.98 7.27 -11.38
C ARG C 197 -33.98 8.38 -11.70
N LEU C 198 -33.52 9.09 -10.67
CA LEU C 198 -32.43 10.06 -10.79
C LEU C 198 -31.10 9.34 -11.00
N VAL C 199 -30.97 8.15 -10.41
CA VAL C 199 -29.76 7.35 -10.54
C VAL C 199 -30.10 6.04 -11.25
N ARG C 200 -29.45 5.80 -12.38
CA ARG C 200 -29.74 4.61 -13.18
C ARG C 200 -28.52 3.70 -13.32
N THR C 201 -28.77 2.43 -13.60
CA THR C 201 -27.70 1.43 -13.76
C THR C 201 -27.75 0.83 -15.15
N HIS C 202 -26.62 0.91 -15.86
CA HIS C 202 -26.53 0.39 -17.23
C HIS C 202 -26.67 -1.13 -17.25
N PRO C 203 -27.47 -1.67 -18.19
CA PRO C 203 -27.73 -3.13 -18.19
C PRO C 203 -26.53 -4.03 -18.55
N VAL C 204 -25.52 -3.49 -19.22
CA VAL C 204 -24.38 -4.29 -19.69
C VAL C 204 -23.24 -4.24 -18.67
N HIS C 205 -22.70 -3.05 -18.43
CA HIS C 205 -21.50 -2.91 -17.58
C HIS C 205 -21.83 -2.47 -16.14
N ARG C 206 -23.10 -2.17 -15.90
CA ARG C 206 -23.61 -1.82 -14.55
C ARG C 206 -23.07 -0.54 -13.91
N ARG C 207 -22.41 0.31 -14.72
CA ARG C 207 -22.03 1.66 -14.28
C ARG C 207 -23.27 2.43 -13.88
N LYS C 208 -23.19 3.11 -12.74
CA LYS C 208 -24.23 4.03 -12.29
C LYS C 208 -24.05 5.38 -12.98
N SER C 209 -25.15 6.08 -13.21
CA SER C 209 -25.11 7.38 -13.88
C SER C 209 -26.28 8.26 -13.46
N LEU C 210 -26.04 9.57 -13.53
CA LEU C 210 -27.04 10.58 -13.25
C LEU C 210 -28.00 10.66 -14.43
N TYR C 211 -29.29 10.46 -14.15
CA TYR C 211 -30.30 10.55 -15.19
C TYR C 211 -30.85 11.96 -15.19
N LEU C 212 -30.09 12.84 -15.81
CA LEU C 212 -30.43 14.25 -15.85
C LEU C 212 -31.04 14.58 -17.20
N SER C 213 -31.86 15.63 -17.22
CA SER C 213 -32.62 16.03 -18.42
C SER C 213 -33.42 17.29 -18.15
N SER C 214 -33.47 18.16 -19.17
CA SER C 214 -34.34 19.36 -19.14
C SER C 214 -35.83 19.04 -18.89
N HIS C 215 -36.26 17.84 -19.27
CA HIS C 215 -37.65 17.40 -19.06
C HIS C 215 -38.00 17.17 -17.58
N ALA C 216 -36.99 16.88 -16.76
CA ALA C 216 -37.18 16.71 -15.31
C ALA C 216 -37.42 18.05 -14.61
N GLY C 217 -38.64 18.23 -14.12
CA GLY C 217 -39.06 19.48 -13.52
C GLY C 217 -39.31 19.44 -12.03
N LYS C 218 -39.33 18.24 -11.46
CA LYS C 218 -39.39 18.09 -10.00
C LYS C 218 -38.87 16.73 -9.54
N ILE C 219 -38.46 16.67 -8.27
CA ILE C 219 -38.21 15.42 -7.57
C ILE C 219 -39.47 15.09 -6.76
N ALA C 220 -39.94 13.85 -6.91
CA ALA C 220 -41.20 13.36 -6.36
C ALA C 220 -41.34 13.57 -4.86
N SER C 221 -40.31 13.25 -4.08
CA SER C 221 -40.39 13.26 -2.63
C SER C 221 -40.05 14.61 -1.99
N MET C 222 -39.74 15.61 -2.82
CA MET C 222 -39.31 16.92 -2.35
C MET C 222 -40.27 18.03 -2.80
N SER C 223 -40.15 19.20 -2.15
CA SER C 223 -40.80 20.43 -2.60
C SER C 223 -40.21 20.83 -3.95
N VAL C 224 -41.04 21.44 -4.80
CA VAL C 224 -40.62 21.87 -6.13
C VAL C 224 -39.38 22.79 -6.07
N PRO C 225 -39.37 23.82 -5.18
CA PRO C 225 -38.15 24.64 -5.05
C PRO C 225 -36.88 23.86 -4.69
N GLU C 226 -36.93 23.03 -3.65
CA GLU C 226 -35.75 22.26 -3.21
C GLU C 226 -35.28 21.26 -4.26
N GLY C 227 -36.22 20.52 -4.83
CA GLY C 227 -35.92 19.51 -5.87
C GLY C 227 -35.24 20.14 -7.07
N ARG C 228 -35.79 21.26 -7.54
CA ARG C 228 -35.23 21.97 -8.69
C ARG C 228 -33.82 22.51 -8.43
N LEU C 229 -33.60 23.02 -7.21
CA LEU C 229 -32.27 23.48 -6.79
C LEU C 229 -31.25 22.35 -6.83
N LEU C 230 -31.63 21.19 -6.30
CA LEU C 230 -30.79 19.99 -6.36
C LEU C 230 -30.45 19.59 -7.80
N LEU C 231 -31.49 19.53 -8.63
CA LEU C 231 -31.34 19.22 -10.05
C LEU C 231 -30.43 20.24 -10.76
N ARG C 232 -30.62 21.52 -10.46
CA ARG C 232 -29.72 22.58 -10.96
C ARG C 232 -28.24 22.34 -10.58
N ASP C 233 -28.01 21.97 -9.33
CA ASP C 233 -26.66 21.69 -8.81
C ASP C 233 -26.03 20.50 -9.49
N LEU C 234 -26.81 19.42 -9.61
CA LEU C 234 -26.36 18.21 -10.29
C LEU C 234 -26.08 18.46 -11.75
N ASN C 235 -26.94 19.24 -12.40
CA ASN C 235 -26.75 19.65 -13.79
C ASN C 235 -25.50 20.51 -14.00
N GLU C 236 -25.24 21.44 -13.09
CA GLU C 236 -24.04 22.26 -13.15
C GLU C 236 -22.78 21.39 -12.98
N HIS C 237 -22.84 20.45 -12.03
CA HIS C 237 -21.75 19.51 -11.76
C HIS C 237 -21.43 18.63 -12.98
N ALA C 238 -22.50 18.12 -13.61
CA ALA C 238 -22.39 17.14 -14.68
C ALA C 238 -22.01 17.72 -16.03
N THR C 239 -22.15 19.04 -16.17
CA THR C 239 -21.90 19.72 -17.46
C THR C 239 -20.65 20.62 -17.45
N GLN C 240 -19.83 20.48 -16.40
CA GLN C 240 -18.49 21.06 -16.35
C GLN C 240 -17.66 20.57 -17.54
N PRO C 241 -16.76 21.42 -18.08
CA PRO C 241 -15.94 21.08 -19.27
C PRO C 241 -15.24 19.71 -19.22
N GLU C 242 -14.83 19.27 -18.03
CA GLU C 242 -14.11 18.01 -17.87
C GLU C 242 -14.97 16.78 -18.18
N PHE C 243 -16.29 16.95 -18.16
CA PHE C 243 -17.22 15.87 -18.53
C PHE C 243 -17.87 16.07 -19.91
N VAL C 244 -17.43 17.10 -20.65
CA VAL C 244 -18.11 17.49 -21.88
C VAL C 244 -17.24 17.28 -23.12
N TYR C 245 -17.85 16.75 -24.17
CA TYR C 245 -17.24 16.68 -25.49
C TYR C 245 -18.01 17.60 -26.43
N VAL C 246 -17.26 18.45 -27.13
CA VAL C 246 -17.85 19.39 -28.07
C VAL C 246 -17.67 18.84 -29.49
N HIS C 247 -18.80 18.63 -30.18
CA HIS C 247 -18.75 18.19 -31.57
C HIS C 247 -18.97 19.37 -32.52
N LYS C 248 -17.97 19.57 -33.38
CA LYS C 248 -18.00 20.53 -34.46
C LYS C 248 -18.37 19.77 -35.73
N TRP C 249 -19.49 20.17 -36.34
CA TRP C 249 -20.08 19.40 -37.44
C TRP C 249 -19.37 19.56 -38.79
N LYS C 250 -19.15 18.44 -39.46
CA LYS C 250 -18.78 18.42 -40.86
C LYS C 250 -19.88 17.72 -41.64
N LEU C 251 -20.01 18.10 -42.92
CA LEU C 251 -20.99 17.51 -43.83
C LEU C 251 -20.90 15.99 -43.88
N HIS C 252 -22.06 15.34 -43.75
CA HIS C 252 -22.19 13.88 -43.68
C HIS C 252 -21.54 13.18 -42.47
N ASP C 253 -21.30 13.91 -41.37
CA ASP C 253 -21.02 13.26 -40.10
C ASP C 253 -22.24 12.44 -39.67
N LEU C 254 -22.01 11.33 -38.98
CA LEU C 254 -23.04 10.69 -38.16
C LEU C 254 -22.50 10.56 -36.74
N VAL C 255 -23.22 11.16 -35.81
CA VAL C 255 -22.93 11.03 -34.39
C VAL C 255 -24.08 10.27 -33.74
N MET C 256 -23.74 9.23 -33.00
CA MET C 256 -24.73 8.43 -32.28
C MET C 256 -24.39 8.35 -30.80
N TRP C 257 -25.42 8.42 -29.97
CA TRP C 257 -25.22 8.47 -28.53
C TRP C 257 -26.15 7.53 -27.76
N ASP C 258 -25.67 7.07 -26.60
CA ASP C 258 -26.49 6.29 -25.70
C ASP C 258 -27.16 7.23 -24.73
N ASN C 259 -28.49 7.31 -24.85
CA ASN C 259 -29.31 8.19 -23.98
C ASN C 259 -29.30 7.74 -22.53
N ARG C 260 -29.01 6.45 -22.31
CA ARG C 260 -28.97 5.84 -20.99
C ARG C 260 -27.72 6.25 -20.15
N GLN C 261 -26.73 6.88 -20.82
CA GLN C 261 -25.44 7.24 -20.22
C GLN C 261 -25.04 8.71 -20.38
N THR C 262 -25.88 9.50 -21.07
CA THR C 262 -25.49 10.84 -21.50
C THR C 262 -26.60 11.90 -21.40
N MET C 263 -26.18 13.16 -21.43
CA MET C 263 -27.00 14.27 -21.88
C MET C 263 -26.35 14.88 -23.11
N HIS C 264 -27.14 15.65 -23.85
CA HIS C 264 -26.65 16.40 -25.00
C HIS C 264 -27.45 17.68 -25.19
N ARG C 265 -26.91 18.59 -26.01
CA ARG C 265 -27.55 19.86 -26.36
C ARG C 265 -26.94 20.45 -27.63
N VAL C 266 -27.70 21.30 -28.31
CA VAL C 266 -27.20 22.05 -29.45
C VAL C 266 -26.97 23.49 -28.99
N ARG C 267 -25.86 24.09 -29.41
CA ARG C 267 -25.56 25.50 -29.11
C ARG C 267 -26.29 26.44 -30.08
N ARG C 268 -26.51 27.68 -29.65
CA ARG C 268 -27.17 28.71 -30.48
C ARG C 268 -26.63 28.75 -31.90
N TYR C 269 -27.54 28.83 -32.86
CA TYR C 269 -27.20 28.95 -34.27
C TYR C 269 -28.07 30.00 -34.95
N ASP C 270 -27.59 30.50 -36.09
CA ASP C 270 -28.28 31.50 -36.92
C ASP C 270 -29.49 30.86 -37.58
N GLN C 271 -30.68 31.31 -37.18
CA GLN C 271 -31.93 30.71 -37.64
C GLN C 271 -32.26 30.95 -39.14
N SER C 272 -31.70 32.03 -39.71
CA SER C 272 -31.92 32.36 -41.13
C SER C 272 -31.24 31.41 -42.14
N GLN C 273 -30.28 30.60 -41.67
CA GLN C 273 -29.58 29.64 -42.54
C GLN C 273 -30.03 28.18 -42.35
N PRO C 274 -30.09 27.40 -43.46
CA PRO C 274 -30.61 26.02 -43.33
C PRO C 274 -29.74 25.14 -42.43
N ARG C 275 -30.38 24.27 -41.66
CA ARG C 275 -29.70 23.30 -40.83
C ARG C 275 -30.50 22.01 -40.95
N ASP C 276 -30.07 21.12 -41.83
CA ASP C 276 -30.78 19.87 -42.08
C ASP C 276 -30.12 18.72 -41.32
N MET C 277 -30.69 18.42 -40.15
CA MET C 277 -30.22 17.39 -39.25
C MET C 277 -31.36 16.38 -39.04
N ARG C 278 -31.04 15.10 -39.24
CA ARG C 278 -32.04 14.02 -39.22
C ARG C 278 -31.60 12.90 -38.27
N ARG C 279 -32.53 12.43 -37.44
CA ARG C 279 -32.27 11.48 -36.35
C ARG C 279 -33.01 10.16 -36.53
N ALA C 280 -32.33 9.03 -36.33
CA ALA C 280 -33.00 7.75 -36.11
C ALA C 280 -32.96 7.46 -34.61
N THR C 281 -34.06 6.93 -34.08
CA THR C 281 -34.17 6.63 -32.65
C THR C 281 -34.52 5.15 -32.42
N VAL C 282 -33.70 4.50 -31.61
CA VAL C 282 -33.91 3.11 -31.24
C VAL C 282 -34.64 3.10 -29.91
N ALA C 283 -35.80 2.43 -29.87
CA ALA C 283 -36.63 2.33 -28.66
C ALA C 283 -35.85 1.72 -27.51
N GLY C 284 -36.15 2.16 -26.29
CA GLY C 284 -35.64 1.51 -25.08
C GLY C 284 -36.30 0.15 -24.82
N THR C 285 -35.62 -0.68 -24.03
CA THR C 285 -36.10 -2.03 -23.68
C THR C 285 -36.91 -2.05 -22.37
N GLU C 286 -36.34 -1.41 -21.34
CA GLU C 286 -36.89 -1.50 -20.00
C GLU C 286 -37.00 -0.11 -19.38
N PRO C 287 -38.03 0.13 -18.54
CA PRO C 287 -38.16 1.43 -17.86
C PRO C 287 -37.10 1.61 -16.76
N THR C 288 -37.06 2.77 -16.12
CA THR C 288 -36.22 2.94 -14.92
C THR C 288 -37.03 2.69 -13.63
N VAL C 289 -38.36 2.87 -13.71
CA VAL C 289 -39.29 2.55 -12.62
C VAL C 289 -40.58 1.87 -13.09
N ALA D 4 -20.19 -69.59 26.45
CA ALA D 4 -21.06 -68.38 26.60
C ALA D 4 -20.43 -67.11 26.00
N ILE D 5 -21.16 -66.49 25.06
CA ILE D 5 -20.70 -65.28 24.34
C ILE D 5 -21.64 -64.10 24.59
N ARG D 6 -21.10 -63.00 25.13
CA ARG D 6 -21.82 -61.74 25.32
C ARG D 6 -21.31 -60.69 24.32
N GLN D 7 -22.20 -60.20 23.45
CA GLN D 7 -21.88 -59.23 22.39
C GLN D 7 -21.58 -57.83 22.97
N LEU D 8 -20.41 -57.29 22.63
CA LEU D 8 -19.90 -56.06 23.26
C LEU D 8 -20.10 -54.76 22.47
N GLN D 9 -20.34 -54.89 21.16
CA GLN D 9 -20.56 -53.74 20.27
C GLN D 9 -21.73 -54.03 19.31
N THR D 10 -22.25 -52.97 18.69
CA THR D 10 -23.45 -53.01 17.82
C THR D 10 -23.38 -54.01 16.66
N HIS D 11 -22.19 -54.14 16.05
CA HIS D 11 -22.03 -54.97 14.85
C HIS D 11 -21.18 -56.22 15.05
N PHE D 12 -20.35 -56.21 16.09
CA PHE D 12 -19.32 -57.23 16.28
C PHE D 12 -18.81 -57.32 17.74
N VAL D 13 -17.77 -58.12 17.95
CA VAL D 13 -17.07 -58.32 19.24
C VAL D 13 -17.90 -59.20 20.21
N GLY D 14 -17.29 -60.30 20.63
CA GLY D 14 -17.87 -61.20 21.63
C GLY D 14 -16.95 -61.36 22.83
N GLN D 15 -17.52 -61.21 24.03
CA GLN D 15 -16.84 -61.58 25.26
C GLN D 15 -17.13 -63.04 25.56
N VAL D 16 -16.09 -63.82 25.85
CA VAL D 16 -16.19 -65.27 26.00
C VAL D 16 -15.93 -65.67 27.46
N SER D 17 -16.86 -66.45 28.02
CA SER D 17 -16.73 -66.95 29.38
C SER D 17 -16.84 -68.49 29.45
N GLY D 18 -16.15 -69.06 30.44
CA GLY D 18 -16.21 -70.50 30.72
C GLY D 18 -15.28 -71.30 29.81
N LEU D 19 -14.01 -70.90 29.80
CA LEU D 19 -12.97 -71.55 29.02
C LEU D 19 -11.62 -71.27 29.67
N ASP D 20 -10.85 -72.32 29.91
CA ASP D 20 -9.50 -72.21 30.47
C ASP D 20 -8.48 -72.45 29.35
N LEU D 21 -7.80 -71.39 28.93
CA LEU D 21 -6.83 -71.46 27.83
C LEU D 21 -5.51 -72.14 28.19
N ARG D 22 -5.34 -72.44 29.48
CA ARG D 22 -4.27 -73.31 29.96
C ARG D 22 -4.56 -74.76 29.61
N LYS D 23 -5.84 -75.13 29.59
CA LYS D 23 -6.28 -76.50 29.28
C LYS D 23 -6.56 -76.65 27.78
N PRO D 24 -6.14 -77.80 27.17
CA PRO D 24 -6.37 -78.02 25.74
C PRO D 24 -7.85 -78.09 25.38
N LEU D 25 -8.21 -77.62 24.19
CA LEU D 25 -9.59 -77.58 23.74
C LEU D 25 -10.07 -78.92 23.19
N THR D 26 -11.35 -79.21 23.42
CA THR D 26 -12.04 -80.34 22.83
C THR D 26 -12.36 -80.02 21.35
N PRO D 27 -12.62 -81.04 20.51
CA PRO D 27 -13.04 -80.77 19.12
C PRO D 27 -14.20 -79.77 18.94
N GLY D 28 -15.20 -79.83 19.82
CA GLY D 28 -16.38 -78.96 19.76
C GLY D 28 -16.10 -77.51 20.18
N GLU D 29 -15.32 -77.37 21.24
CA GLU D 29 -14.87 -76.06 21.74
C GLU D 29 -14.02 -75.29 20.73
N ALA D 30 -13.14 -76.01 20.02
CA ALA D 30 -12.36 -75.45 18.91
C ALA D 30 -13.29 -74.98 17.77
N ARG D 31 -14.36 -75.73 17.53
CA ARG D 31 -15.35 -75.38 16.51
C ARG D 31 -16.20 -74.17 16.89
N GLU D 32 -16.61 -74.11 18.15
CA GLU D 32 -17.45 -73.03 18.66
C GLU D 32 -16.71 -71.69 18.65
N VAL D 33 -15.48 -71.70 19.17
CA VAL D 33 -14.60 -70.54 19.18
C VAL D 33 -14.38 -70.01 17.75
N GLU D 34 -14.12 -70.91 16.79
CA GLU D 34 -13.92 -70.51 15.39
C GLU D 34 -15.20 -69.95 14.76
N SER D 35 -16.34 -70.59 14.98
CA SER D 35 -17.64 -70.10 14.49
C SER D 35 -17.99 -68.74 15.09
N ALA D 36 -17.57 -68.51 16.33
CA ALA D 36 -17.70 -67.21 17.01
C ALA D 36 -16.82 -66.13 16.36
N MET D 37 -15.61 -66.52 15.94
CA MET D 37 -14.70 -65.63 15.22
C MET D 37 -15.25 -65.29 13.83
N ASP D 38 -15.96 -66.25 13.22
CA ASP D 38 -16.62 -66.03 11.93
C ASP D 38 -17.67 -64.93 12.05
N LYS D 39 -18.41 -64.97 13.16
CA LYS D 39 -19.54 -64.07 13.37
C LYS D 39 -19.12 -62.75 14.01
N TYR D 40 -18.44 -62.81 15.15
CA TYR D 40 -18.13 -61.63 15.96
C TYR D 40 -16.82 -60.91 15.57
N ALA D 41 -15.99 -61.56 14.76
CA ALA D 41 -14.70 -61.03 14.24
C ALA D 41 -13.60 -60.72 15.27
N VAL D 42 -13.99 -60.52 16.53
CA VAL D 42 -13.08 -60.23 17.65
C VAL D 42 -13.62 -60.93 18.90
N LEU D 43 -12.73 -61.58 19.66
CA LEU D 43 -13.15 -62.22 20.91
C LEU D 43 -12.29 -61.81 22.11
N VAL D 44 -12.99 -61.50 23.20
CA VAL D 44 -12.36 -61.04 24.44
C VAL D 44 -12.41 -62.16 25.48
N PHE D 45 -11.25 -62.48 26.03
CA PHE D 45 -11.10 -63.47 27.10
C PHE D 45 -10.51 -62.80 28.34
N HIS D 46 -11.23 -62.88 29.45
CA HIS D 46 -10.76 -62.37 30.74
C HIS D 46 -10.14 -63.46 31.62
N ASP D 47 -9.20 -63.06 32.48
CA ASP D 47 -8.55 -63.92 33.48
C ASP D 47 -7.92 -65.19 32.87
N GLN D 48 -6.87 -64.99 32.10
CA GLN D 48 -6.19 -66.06 31.38
C GLN D 48 -4.70 -65.99 31.64
N ASP D 49 -4.30 -66.43 32.84
CA ASP D 49 -2.89 -66.43 33.26
C ASP D 49 -2.15 -67.59 32.58
N ILE D 50 -1.88 -67.39 31.29
CA ILE D 50 -1.38 -68.44 30.39
C ILE D 50 0.10 -68.23 30.01
N THR D 51 0.79 -69.33 29.75
CA THR D 51 2.19 -69.30 29.30
CA THR D 51 2.19 -69.32 29.31
C THR D 51 2.23 -69.15 27.77
N ASP D 52 3.40 -68.79 27.24
CA ASP D 52 3.63 -68.69 25.79
C ASP D 52 3.25 -69.95 25.02
N GLU D 53 3.65 -71.10 25.55
CA GLU D 53 3.38 -72.41 24.96
C GLU D 53 1.87 -72.68 24.98
N GLN D 54 1.24 -72.40 26.12
CA GLN D 54 -0.22 -72.52 26.25
C GLN D 54 -1.00 -71.60 25.29
N GLN D 55 -0.48 -70.39 25.07
CA GLN D 55 -1.09 -69.43 24.13
C GLN D 55 -1.05 -69.96 22.69
N MET D 56 0.14 -70.35 22.26
CA MET D 56 0.37 -70.93 20.92
C MET D 56 -0.44 -72.20 20.70
N ALA D 57 -0.52 -73.06 21.72
CA ALA D 57 -1.32 -74.30 21.67
C ALA D 57 -2.80 -74.00 21.37
N PHE D 58 -3.33 -72.98 22.05
CA PHE D 58 -4.68 -72.48 21.78
C PHE D 58 -4.78 -71.99 20.33
N ALA D 59 -3.80 -71.19 19.90
CA ALA D 59 -3.73 -70.66 18.52
C ALA D 59 -3.78 -71.75 17.44
N LEU D 60 -2.99 -72.81 17.64
CA LEU D 60 -2.77 -73.84 16.62
C LEU D 60 -3.98 -74.72 16.30
N ASN D 61 -5.05 -74.54 17.08
CA ASN D 61 -6.37 -75.13 16.80
C ASN D 61 -6.97 -74.62 15.50
N PHE D 62 -6.53 -73.45 15.08
CA PHE D 62 -7.14 -72.71 13.98
C PHE D 62 -6.26 -72.64 12.73
N GLY D 63 -5.10 -73.30 12.80
CA GLY D 63 -4.22 -73.45 11.66
C GLY D 63 -2.78 -73.65 12.07
N GLN D 64 -1.86 -73.13 11.24
CA GLN D 64 -0.42 -73.20 11.46
C GLN D 64 0.16 -71.85 11.87
N ARG D 65 1.29 -71.86 12.57
CA ARG D 65 2.08 -70.65 12.83
C ARG D 65 2.39 -69.88 11.55
N GLU D 66 2.35 -68.56 11.63
CA GLU D 66 2.85 -67.74 10.54
C GLU D 66 4.37 -67.69 10.64
N ASP D 67 5.04 -68.02 9.53
CA ASP D 67 6.51 -67.92 9.46
C ASP D 67 6.99 -66.48 9.73
N SER D 83 9.76 -68.80 22.72
CA SER D 83 8.65 -69.45 22.03
C SER D 83 8.41 -68.84 20.64
N GLY D 84 7.40 -69.35 19.93
CA GLY D 84 7.03 -68.85 18.60
C GLY D 84 6.18 -67.59 18.54
N LEU D 85 6.12 -66.88 19.67
CA LEU D 85 5.30 -65.67 19.81
C LEU D 85 5.98 -64.41 19.29
N ASN D 86 5.17 -63.53 18.70
CA ASN D 86 5.61 -62.23 18.21
C ASN D 86 5.68 -61.25 19.38
N ASP D 87 6.81 -60.54 19.46
CA ASP D 87 7.06 -59.60 20.54
C ASP D 87 6.54 -58.21 20.17
N VAL D 88 5.35 -57.89 20.65
CA VAL D 88 4.70 -56.57 20.43
C VAL D 88 4.71 -55.72 21.72
N SER D 89 5.77 -55.89 22.50
CA SER D 89 5.98 -55.14 23.73
C SER D 89 6.81 -53.87 23.46
N ASN D 90 6.98 -53.04 24.51
CA ASN D 90 7.86 -51.88 24.45
C ASN D 90 9.20 -52.16 25.15
N LEU D 91 9.42 -53.43 25.48
CA LEU D 91 10.60 -53.91 26.21
C LEU D 91 11.73 -54.32 25.27
N GLY D 92 12.97 -54.07 25.70
CA GLY D 92 14.16 -54.46 24.95
C GLY D 92 14.55 -55.90 25.26
N LYS D 93 15.76 -56.27 24.83
CA LYS D 93 16.29 -57.63 25.06
C LYS D 93 16.61 -57.97 26.53
N ASP D 94 16.50 -56.96 27.41
CA ASP D 94 16.79 -57.11 28.84
C ASP D 94 15.57 -56.93 29.77
N GLY D 95 14.35 -57.07 29.21
CA GLY D 95 13.09 -56.95 29.95
C GLY D 95 12.82 -55.55 30.51
N LYS D 96 13.21 -54.55 29.74
CA LYS D 96 13.30 -53.16 30.19
C LYS D 96 12.85 -52.24 29.02
N PRO D 97 12.01 -51.20 29.32
CA PRO D 97 11.47 -50.29 28.28
C PRO D 97 12.54 -49.73 27.33
N LEU D 98 12.25 -49.80 26.03
CA LEU D 98 13.16 -49.32 24.97
C LEU D 98 13.35 -47.79 25.03
N ALA D 99 14.48 -47.33 24.51
CA ALA D 99 14.74 -45.89 24.32
C ALA D 99 13.79 -45.32 23.26
N LYS D 100 13.27 -44.12 23.53
CA LYS D 100 12.29 -43.44 22.68
C LYS D 100 12.70 -43.26 21.21
N ASP D 101 14.01 -43.11 20.98
CA ASP D 101 14.57 -42.88 19.64
C ASP D 101 15.19 -44.12 18.98
N SER D 102 15.10 -45.28 19.65
CA SER D 102 15.71 -46.54 19.18
C SER D 102 15.00 -47.12 17.95
N ARG D 103 15.73 -47.97 17.20
CA ARG D 103 15.24 -48.55 15.96
C ARG D 103 14.02 -49.48 16.12
N THR D 104 14.04 -50.33 17.15
CA THR D 104 12.95 -51.28 17.44
C THR D 104 11.63 -50.57 17.85
N HIS D 105 11.72 -49.63 18.79
CA HIS D 105 10.56 -48.87 19.27
C HIS D 105 9.84 -48.10 18.15
N LEU D 106 10.60 -47.42 17.29
CA LEU D 106 10.03 -46.68 16.16
C LEU D 106 9.34 -47.58 15.10
N PHE D 107 9.69 -48.87 15.06
CA PHE D 107 8.95 -49.87 14.27
C PHE D 107 7.71 -50.37 14.97
N ASN D 108 7.81 -50.58 16.30
CA ASN D 108 6.64 -50.89 17.16
C ASN D 108 5.54 -49.85 17.02
N LEU D 109 5.94 -48.59 16.82
CA LEU D 109 4.99 -47.48 16.64
C LEU D 109 4.10 -47.62 15.40
N GLY D 110 4.53 -48.43 14.43
CA GLY D 110 3.70 -48.85 13.30
C GLY D 110 2.34 -49.41 13.70
N ASN D 111 2.29 -50.07 14.85
CA ASN D 111 1.04 -50.63 15.38
C ASN D 111 0.01 -49.56 15.80
N CYS D 112 0.47 -48.31 15.96
CA CYS D 112 -0.42 -47.18 16.27
C CYS D 112 -1.26 -46.72 15.07
N LEU D 113 -0.89 -47.19 13.87
CA LEU D 113 -1.70 -46.99 12.66
C LEU D 113 -2.72 -48.11 12.53
N TRP D 114 -3.91 -47.76 12.05
CA TRP D 114 -4.92 -48.76 11.69
C TRP D 114 -4.37 -49.71 10.63
N HIS D 115 -4.44 -51.01 10.92
CA HIS D 115 -3.89 -52.03 10.03
C HIS D 115 -4.55 -53.40 10.23
N SER D 116 -4.32 -54.29 9.26
CA SER D 116 -4.64 -55.69 9.38
C SER D 116 -3.32 -56.48 9.30
N ASP D 117 -3.11 -57.40 10.25
CA ASP D 117 -1.81 -58.07 10.41
C ASP D 117 -1.34 -58.81 9.16
N SER D 118 -0.05 -58.66 8.85
CA SER D 118 0.61 -59.33 7.71
C SER D 118 -0.10 -59.18 6.34
N SER D 119 -0.77 -58.05 6.13
CA SER D 119 -1.40 -57.79 4.83
C SER D 119 -0.37 -57.58 3.71
N PHE D 120 0.88 -57.30 4.09
CA PHE D 120 2.04 -57.23 3.17
C PHE D 120 2.60 -58.60 2.73
N ARG D 121 2.09 -59.68 3.33
CA ARG D 121 2.46 -61.04 2.92
C ARG D 121 1.49 -61.51 1.84
N PRO D 122 1.99 -62.25 0.81
CA PRO D 122 1.14 -62.72 -0.31
C PRO D 122 -0.13 -63.47 0.14
N ILE D 123 0.00 -64.28 1.19
CA ILE D 123 -1.14 -64.94 1.83
C ILE D 123 -1.19 -64.34 3.23
N PRO D 124 -2.17 -63.45 3.47
CA PRO D 124 -2.17 -62.67 4.71
C PRO D 124 -2.71 -63.46 5.91
N ALA D 125 -2.37 -63.02 7.12
CA ALA D 125 -2.74 -63.70 8.37
C ALA D 125 -4.23 -63.97 8.54
N LYS D 126 -4.56 -65.08 9.20
CA LYS D 126 -5.92 -65.45 9.55
C LYS D 126 -6.32 -64.82 10.90
N PHE D 127 -5.88 -65.42 12.01
CA PHE D 127 -6.20 -64.96 13.36
C PHE D 127 -4.96 -64.43 14.04
N SER D 128 -5.14 -63.44 14.91
CA SER D 128 -4.07 -62.98 15.80
C SER D 128 -4.59 -63.05 17.24
N LEU D 129 -3.69 -63.40 18.15
CA LEU D 129 -4.05 -63.63 19.55
C LEU D 129 -3.10 -62.86 20.44
N LEU D 130 -3.63 -61.82 21.08
CA LEU D 130 -2.82 -60.94 21.91
C LEU D 130 -3.13 -61.15 23.38
N SER D 131 -2.07 -61.42 24.15
CA SER D 131 -2.16 -61.69 25.59
C SER D 131 -1.48 -60.57 26.39
N ALA D 132 -2.16 -60.09 27.43
CA ALA D 132 -1.66 -59.02 28.29
C ALA D 132 -0.90 -59.56 29.51
N ARG D 133 0.43 -59.50 29.45
CA ARG D 133 1.30 -60.03 30.51
C ARG D 133 1.65 -58.96 31.55
N VAL D 134 2.02 -57.76 31.08
CA VAL D 134 2.18 -56.58 31.93
C VAL D 134 1.42 -55.43 31.26
N VAL D 135 0.45 -54.87 32.00
CA VAL D 135 -0.41 -53.79 31.51
C VAL D 135 0.17 -52.40 31.82
N ASN D 136 0.44 -51.64 30.77
CA ASN D 136 0.73 -50.20 30.88
C ASN D 136 -0.58 -49.47 31.23
N PRO D 137 -0.63 -48.79 32.40
CA PRO D 137 -1.88 -48.15 32.83
C PRO D 137 -2.16 -46.78 32.20
N THR D 138 -1.12 -46.14 31.67
CA THR D 138 -1.21 -44.82 31.04
C THR D 138 -1.34 -44.94 29.51
N GLY D 139 -2.59 -45.10 29.06
CA GLY D 139 -2.91 -45.25 27.64
C GLY D 139 -2.73 -46.67 27.11
N GLY D 140 -2.61 -46.78 25.79
CA GLY D 140 -2.36 -48.06 25.13
C GLY D 140 -3.55 -49.00 25.03
N ASN D 141 -4.74 -48.44 24.89
CA ASN D 141 -5.93 -49.21 24.53
C ASN D 141 -5.74 -49.73 23.11
N THR D 142 -6.28 -50.91 22.84
CA THR D 142 -6.32 -51.40 21.46
C THR D 142 -7.72 -51.21 20.91
N GLU D 143 -7.80 -50.59 19.73
CA GLU D 143 -9.08 -50.35 19.05
C GLU D 143 -9.25 -51.28 17.86
N PHE D 144 -10.50 -51.68 17.61
CA PHE D 144 -10.84 -52.59 16.54
C PHE D 144 -11.96 -51.98 15.73
N ALA D 145 -11.93 -52.18 14.42
CA ALA D 145 -12.92 -51.64 13.52
C ALA D 145 -13.49 -52.73 12.64
N ASP D 146 -14.82 -52.78 12.55
CA ASP D 146 -15.54 -53.81 11.79
C ASP D 146 -15.63 -53.46 10.30
N MET D 147 -14.78 -54.09 9.51
CA MET D 147 -14.71 -53.87 8.04
C MET D 147 -15.93 -54.39 7.25
N ARG D 148 -16.76 -55.20 7.90
CA ARG D 148 -17.98 -55.71 7.26
C ARG D 148 -19.10 -54.68 7.32
N ALA D 149 -19.39 -54.19 8.53
CA ALA D 149 -20.35 -53.11 8.75
C ALA D 149 -19.97 -51.85 7.94
N ALA D 150 -18.67 -51.55 7.91
CA ALA D 150 -18.10 -50.46 7.12
C ALA D 150 -18.42 -50.60 5.63
N TYR D 151 -18.16 -51.79 5.08
CA TYR D 151 -18.49 -52.09 3.69
C TYR D 151 -19.99 -51.92 3.42
N ASP D 152 -20.80 -52.45 4.35
CA ASP D 152 -22.26 -52.43 4.21
C ASP D 152 -22.84 -51.04 4.15
N ALA D 153 -22.28 -50.13 4.98
CA ALA D 153 -22.75 -48.76 5.10
C ALA D 153 -22.46 -47.87 3.88
N LEU D 154 -21.55 -48.32 3.01
CA LEU D 154 -21.24 -47.61 1.76
C LEU D 154 -22.46 -47.63 0.83
N ASP D 155 -22.57 -46.60 0.00
CA ASP D 155 -23.66 -46.53 -0.98
C ASP D 155 -23.37 -47.41 -2.19
N ASP D 156 -24.42 -47.69 -2.97
CA ASP D 156 -24.37 -48.63 -4.10
C ASP D 156 -23.36 -48.24 -5.18
N GLU D 157 -23.27 -46.94 -5.48
CA GLU D 157 -22.36 -46.41 -6.51
C GLU D 157 -20.89 -46.64 -6.15
N THR D 158 -20.58 -46.51 -4.86
CA THR D 158 -19.23 -46.70 -4.30
C THR D 158 -18.83 -48.17 -4.38
N LYS D 159 -19.71 -49.04 -3.90
CA LYS D 159 -19.53 -50.50 -3.94
C LYS D 159 -19.22 -51.00 -5.35
N ALA D 160 -19.94 -50.46 -6.33
CA ALA D 160 -19.70 -50.73 -7.75
C ALA D 160 -18.29 -50.30 -8.16
N GLU D 161 -17.88 -49.11 -7.72
CA GLU D 161 -16.56 -48.56 -8.06
C GLU D 161 -15.41 -49.39 -7.49
N ILE D 162 -15.55 -49.81 -6.23
CA ILE D 162 -14.44 -50.47 -5.49
C ILE D 162 -14.33 -52.00 -5.69
N GLU D 163 -15.39 -52.61 -6.23
CA GLU D 163 -15.53 -54.07 -6.41
C GLU D 163 -14.27 -54.83 -6.85
N ASP D 164 -13.67 -54.40 -7.97
CA ASP D 164 -12.55 -55.14 -8.56
C ASP D 164 -11.17 -54.51 -8.36
N LEU D 165 -11.10 -53.49 -7.50
CA LEU D 165 -9.83 -52.78 -7.26
C LEU D 165 -8.86 -53.61 -6.44
N VAL D 166 -7.58 -53.43 -6.73
CA VAL D 166 -6.51 -54.22 -6.12
C VAL D 166 -5.49 -53.25 -5.53
N CYS D 167 -5.11 -53.48 -4.27
CA CYS D 167 -4.14 -52.66 -3.54
C CYS D 167 -2.76 -53.31 -3.46
N GLU D 168 -1.73 -52.47 -3.49
CA GLU D 168 -0.36 -52.88 -3.19
C GLU D 168 -0.06 -52.70 -1.70
N HIS D 169 0.29 -53.80 -1.04
CA HIS D 169 0.63 -53.78 0.39
C HIS D 169 2.11 -54.03 0.57
N SER D 170 2.73 -53.23 1.43
CA SER D 170 4.15 -53.38 1.78
C SER D 170 4.43 -52.72 3.11
N LEU D 171 5.43 -53.22 3.83
CA LEU D 171 5.91 -52.57 5.05
C LEU D 171 6.54 -51.20 4.77
N MET D 172 7.08 -51.03 3.57
CA MET D 172 7.65 -49.78 3.11
C MET D 172 6.62 -48.64 3.10
N TYR D 173 5.36 -48.99 2.87
CA TYR D 173 4.27 -48.02 2.84
C TYR D 173 3.86 -47.55 4.22
N SER D 174 3.63 -48.49 5.14
CA SER D 174 3.27 -48.16 6.52
C SER D 174 4.39 -47.46 7.29
N ARG D 175 5.64 -47.88 7.05
CA ARG D 175 6.79 -47.21 7.65
C ARG D 175 7.08 -45.86 6.98
N GLY D 176 6.80 -45.79 5.68
CA GLY D 176 6.86 -44.53 4.91
C GLY D 176 6.03 -43.43 5.53
N SER D 177 4.79 -43.77 5.87
CA SER D 177 3.88 -42.82 6.51
CA SER D 177 3.86 -42.86 6.55
C SER D 177 4.50 -42.23 7.78
N LEU D 178 5.24 -43.04 8.52
CA LEU D 178 5.92 -42.58 9.74
C LEU D 178 7.36 -42.07 9.50
N GLY D 179 7.75 -41.95 8.23
CA GLY D 179 8.98 -41.24 7.84
C GLY D 179 10.15 -42.06 7.32
N PHE D 180 9.98 -43.38 7.30
CA PHE D 180 10.98 -44.28 6.73
C PHE D 180 10.69 -44.51 5.23
N THR D 181 11.24 -43.62 4.40
CA THR D 181 11.03 -43.68 2.93
C THR D 181 12.24 -44.24 2.14
N GLU D 182 13.43 -44.20 2.75
CA GLU D 182 14.67 -44.64 2.08
C GLU D 182 14.99 -46.10 2.33
N TYR D 183 15.00 -46.88 1.24
CA TYR D 183 15.24 -48.33 1.30
C TYR D 183 16.32 -48.77 0.31
N THR D 184 17.10 -49.76 0.74
CA THR D 184 18.17 -50.34 -0.09
C THR D 184 17.58 -51.29 -1.14
N ASP D 185 18.39 -51.64 -2.15
CA ASP D 185 18.05 -52.66 -3.15
C ASP D 185 17.69 -54.01 -2.51
N GLU D 186 18.34 -54.32 -1.39
CA GLU D 186 18.09 -55.55 -0.63
C GLU D 186 16.80 -55.48 0.19
N GLU D 187 16.53 -54.30 0.77
CA GLU D 187 15.29 -54.05 1.51
C GLU D 187 14.06 -54.02 0.59
N LYS D 188 14.24 -53.48 -0.62
CA LYS D 188 13.20 -53.41 -1.66
C LYS D 188 12.70 -54.78 -2.15
N GLN D 189 13.54 -55.81 -1.99
CA GLN D 189 13.17 -57.20 -2.32
C GLN D 189 12.49 -57.90 -1.15
N MET D 190 13.05 -57.73 0.05
CA MET D 190 12.46 -58.21 1.32
C MET D 190 11.05 -57.67 1.60
N PHE D 191 10.78 -56.44 1.14
CA PHE D 191 9.51 -55.78 1.36
C PHE D 191 8.70 -55.57 0.07
N LYS D 192 9.04 -56.32 -0.98
CA LYS D 192 8.38 -56.26 -2.29
C LYS D 192 6.84 -56.26 -2.16
N PRO D 193 6.17 -55.23 -2.74
CA PRO D 193 4.71 -55.13 -2.64
C PRO D 193 3.95 -56.37 -3.10
N VAL D 194 2.93 -56.74 -2.34
CA VAL D 194 2.01 -57.82 -2.74
C VAL D 194 0.62 -57.25 -3.08
N LEU D 195 -0.09 -57.95 -3.96
CA LEU D 195 -1.43 -57.55 -4.35
C LEU D 195 -2.48 -58.12 -3.40
N GLN D 196 -3.46 -57.29 -3.03
CA GLN D 196 -4.63 -57.74 -2.24
C GLN D 196 -5.86 -57.06 -2.79
N ARG D 197 -6.97 -57.78 -2.81
CA ARG D 197 -8.27 -57.20 -3.17
C ARG D 197 -8.66 -56.09 -2.19
N LEU D 198 -9.31 -55.05 -2.70
CA LEU D 198 -9.86 -53.99 -1.85
C LEU D 198 -11.11 -54.48 -1.13
N VAL D 199 -11.92 -55.27 -1.84
CA VAL D 199 -13.11 -55.91 -1.27
C VAL D 199 -12.87 -57.42 -1.25
N ARG D 200 -12.90 -58.00 -0.05
CA ARG D 200 -12.69 -59.43 0.12
C ARG D 200 -13.96 -60.11 0.64
N THR D 201 -14.10 -61.39 0.29
CA THR D 201 -15.23 -62.22 0.69
C THR D 201 -14.74 -63.22 1.72
N HIS D 202 -15.39 -63.26 2.88
CA HIS D 202 -15.08 -64.23 3.93
C HIS D 202 -15.41 -65.63 3.38
N PRO D 203 -14.51 -66.61 3.58
CA PRO D 203 -14.75 -67.93 2.94
C PRO D 203 -15.94 -68.69 3.54
N VAL D 204 -16.18 -68.54 4.84
CA VAL D 204 -17.30 -69.20 5.51
C VAL D 204 -18.65 -68.53 5.18
N HIS D 205 -18.95 -67.37 5.77
CA HIS D 205 -20.29 -66.78 5.64
C HIS D 205 -20.56 -65.92 4.41
N ARG D 206 -19.51 -65.69 3.61
CA ARG D 206 -19.60 -64.97 2.32
C ARG D 206 -19.88 -63.45 2.40
N ARG D 207 -19.77 -62.88 3.60
CA ARG D 207 -19.90 -61.44 3.78
C ARG D 207 -18.68 -60.70 3.21
N LYS D 208 -18.96 -59.67 2.40
CA LYS D 208 -17.95 -58.77 1.86
C LYS D 208 -17.44 -57.79 2.91
N SER D 209 -16.16 -57.45 2.82
CA SER D 209 -15.54 -56.50 3.75
C SER D 209 -14.43 -55.70 3.07
N LEU D 210 -14.16 -54.51 3.60
CA LEU D 210 -13.12 -53.63 3.08
C LEU D 210 -11.76 -54.08 3.60
N TYR D 211 -10.86 -54.37 2.68
CA TYR D 211 -9.53 -54.83 3.07
C TYR D 211 -8.60 -53.63 3.17
N LEU D 212 -8.73 -52.93 4.30
CA LEU D 212 -7.99 -51.71 4.57
C LEU D 212 -6.80 -52.01 5.48
N SER D 213 -5.72 -51.25 5.31
CA SER D 213 -4.49 -51.46 6.07
C SER D 213 -3.49 -50.35 5.79
N SER D 214 -2.73 -50.00 6.83
CA SER D 214 -1.65 -49.02 6.76
C SER D 214 -0.56 -49.47 5.79
N HIS D 215 -0.46 -50.80 5.61
CA HIS D 215 0.49 -51.39 4.67
C HIS D 215 0.12 -51.12 3.21
N ALA D 216 -1.16 -50.87 2.93
CA ALA D 216 -1.61 -50.55 1.57
C ALA D 216 -1.28 -49.11 1.20
N GLY D 217 -0.53 -48.96 0.11
CA GLY D 217 -0.06 -47.64 -0.31
C GLY D 217 -0.37 -47.23 -1.73
N LYS D 218 -1.14 -48.06 -2.45
CA LYS D 218 -1.43 -47.86 -3.87
C LYS D 218 -2.61 -48.74 -4.27
N ILE D 219 -3.46 -48.21 -5.15
CA ILE D 219 -4.45 -49.02 -5.86
C ILE D 219 -3.89 -49.24 -7.25
N ALA D 220 -3.83 -50.51 -7.67
CA ALA D 220 -3.13 -50.95 -8.90
C ALA D 220 -3.40 -50.16 -10.18
N SER D 221 -4.67 -49.85 -10.43
CA SER D 221 -5.11 -49.25 -11.70
C SER D 221 -5.13 -47.70 -11.69
N MET D 222 -4.79 -47.11 -10.55
CA MET D 222 -4.88 -45.66 -10.34
C MET D 222 -3.50 -45.04 -10.11
N SER D 223 -3.40 -43.73 -10.33
CA SER D 223 -2.23 -42.98 -9.89
C SER D 223 -2.11 -43.08 -8.36
N VAL D 224 -0.87 -43.08 -7.88
CA VAL D 224 -0.60 -43.13 -6.44
C VAL D 224 -1.41 -42.08 -5.64
N PRO D 225 -1.38 -40.77 -6.03
CA PRO D 225 -2.16 -39.78 -5.25
C PRO D 225 -3.68 -40.06 -5.20
N GLU D 226 -4.31 -40.30 -6.35
CA GLU D 226 -5.76 -40.53 -6.39
C GLU D 226 -6.17 -41.81 -5.67
N GLY D 227 -5.39 -42.88 -5.89
CA GLY D 227 -5.54 -44.13 -5.16
C GLY D 227 -5.41 -43.96 -3.66
N ARG D 228 -4.39 -43.23 -3.22
CA ARG D 228 -4.19 -42.97 -1.79
C ARG D 228 -5.31 -42.13 -1.16
N LEU D 229 -5.86 -41.22 -1.94
CA LEU D 229 -7.00 -40.40 -1.52
C LEU D 229 -8.27 -41.20 -1.36
N LEU D 230 -8.50 -42.14 -2.28
CA LEU D 230 -9.60 -43.09 -2.18
C LEU D 230 -9.49 -43.96 -0.92
N LEU D 231 -8.30 -44.47 -0.66
CA LEU D 231 -8.04 -45.27 0.54
C LEU D 231 -8.26 -44.49 1.85
N ARG D 232 -7.86 -43.21 1.86
CA ARG D 232 -8.08 -42.32 3.00
C ARG D 232 -9.55 -42.13 3.31
N ASP D 233 -10.35 -41.90 2.25
CA ASP D 233 -11.80 -41.78 2.38
C ASP D 233 -12.40 -43.06 2.92
N LEU D 234 -11.94 -44.19 2.40
CA LEU D 234 -12.40 -45.49 2.89
C LEU D 234 -12.01 -45.71 4.35
N ASN D 235 -10.78 -45.35 4.72
CA ASN D 235 -10.31 -45.48 6.11
C ASN D 235 -11.07 -44.57 7.08
N GLU D 236 -11.30 -43.33 6.66
CA GLU D 236 -12.07 -42.36 7.43
C GLU D 236 -13.48 -42.89 7.70
N HIS D 237 -14.16 -43.31 6.62
CA HIS D 237 -15.50 -43.91 6.71
C HIS D 237 -15.50 -45.12 7.65
N ALA D 238 -14.56 -46.04 7.43
CA ALA D 238 -14.56 -47.33 8.14
C ALA D 238 -14.14 -47.24 9.60
N THR D 239 -13.54 -46.12 10.02
CA THR D 239 -13.10 -45.97 11.42
C THR D 239 -13.89 -44.92 12.22
N GLN D 240 -15.03 -44.52 11.68
CA GLN D 240 -16.06 -43.76 12.42
C GLN D 240 -16.39 -44.50 13.73
N PRO D 241 -16.70 -43.77 14.81
CA PRO D 241 -16.98 -44.41 16.12
C PRO D 241 -18.05 -45.53 16.11
N GLU D 242 -18.98 -45.48 15.16
CA GLU D 242 -20.04 -46.50 15.01
C GLU D 242 -19.53 -47.88 14.54
N PHE D 243 -18.33 -47.93 13.98
CA PHE D 243 -17.72 -49.19 13.53
C PHE D 243 -16.59 -49.65 14.43
N VAL D 244 -16.33 -48.93 15.51
CA VAL D 244 -15.14 -49.16 16.34
C VAL D 244 -15.52 -49.63 17.74
N TYR D 245 -14.81 -50.66 18.21
CA TYR D 245 -14.86 -51.10 19.61
C TYR D 245 -13.53 -50.74 20.29
N VAL D 246 -13.64 -50.08 21.43
CA VAL D 246 -12.48 -49.70 22.21
C VAL D 246 -12.31 -50.75 23.31
N HIS D 247 -11.12 -51.34 23.36
CA HIS D 247 -10.80 -52.31 24.39
C HIS D 247 -9.79 -51.75 25.40
N LYS D 248 -10.22 -51.68 26.66
CA LYS D 248 -9.37 -51.24 27.77
C LYS D 248 -8.81 -52.47 28.49
N TRP D 249 -7.48 -52.55 28.52
CA TRP D 249 -6.77 -53.74 28.99
C TRP D 249 -6.79 -53.94 30.50
N LYS D 250 -7.11 -55.16 30.91
CA LYS D 250 -6.86 -55.65 32.26
C LYS D 250 -5.81 -56.75 32.22
N LEU D 251 -5.11 -56.95 33.34
CA LEU D 251 -4.09 -57.98 33.49
C LEU D 251 -4.61 -59.37 33.13
N HIS D 252 -3.81 -60.11 32.36
CA HIS D 252 -4.12 -61.48 31.88
C HIS D 252 -5.36 -61.59 30.97
N ASP D 253 -5.67 -60.48 30.29
CA ASP D 253 -6.61 -60.47 29.17
C ASP D 253 -6.00 -61.19 27.97
N LEU D 254 -6.86 -61.82 27.18
CA LEU D 254 -6.50 -62.23 25.83
C LEU D 254 -7.57 -61.78 24.86
N VAL D 255 -7.14 -61.05 23.84
CA VAL D 255 -8.05 -60.65 22.76
C VAL D 255 -7.58 -61.25 21.44
N MET D 256 -8.53 -61.84 20.73
CA MET D 256 -8.28 -62.51 19.45
CA MET D 256 -8.24 -62.46 19.44
C MET D 256 -9.15 -61.88 18.35
N TRP D 257 -8.56 -61.68 17.17
CA TRP D 257 -9.28 -61.08 16.07
C TRP D 257 -9.01 -61.75 14.72
N ASP D 258 -10.03 -61.70 13.86
CA ASP D 258 -9.91 -62.18 12.51
C ASP D 258 -9.44 -61.01 11.63
N ASN D 259 -8.19 -61.12 11.16
CA ASN D 259 -7.59 -60.09 10.31
C ASN D 259 -8.29 -59.95 8.97
N ARG D 260 -9.09 -60.95 8.62
CA ARG D 260 -9.84 -60.98 7.37
C ARG D 260 -11.11 -60.13 7.41
N GLN D 261 -11.48 -59.64 8.58
CA GLN D 261 -12.75 -58.91 8.77
C GLN D 261 -12.61 -57.59 9.53
N THR D 262 -11.39 -57.28 9.97
CA THR D 262 -11.15 -56.17 10.89
C THR D 262 -9.97 -55.31 10.47
N MET D 263 -9.87 -54.17 11.15
CA MET D 263 -8.62 -53.47 11.36
C MET D 263 -8.47 -53.28 12.85
N HIS D 264 -7.24 -53.01 13.29
CA HIS D 264 -6.94 -52.71 14.68
C HIS D 264 -5.78 -51.72 14.78
N ARG D 265 -5.68 -51.05 15.93
CA ARG D 265 -4.57 -50.16 16.25
C ARG D 265 -4.42 -50.04 17.75
N VAL D 266 -3.20 -49.72 18.18
CA VAL D 266 -2.95 -49.38 19.58
C VAL D 266 -2.86 -47.85 19.68
N ARG D 267 -3.48 -47.30 20.72
CA ARG D 267 -3.40 -45.88 21.05
C ARG D 267 -2.12 -45.56 21.82
N ARG D 268 -1.73 -44.30 21.80
CA ARG D 268 -0.57 -43.74 22.53
C ARG D 268 -0.46 -44.23 23.98
N TYR D 269 0.70 -44.76 24.34
CA TYR D 269 1.00 -45.21 25.72
C TYR D 269 2.29 -44.60 26.26
N ASP D 270 2.40 -44.54 27.59
CA ASP D 270 3.60 -44.05 28.27
C ASP D 270 4.78 -45.01 28.05
N GLN D 271 5.77 -44.56 27.27
CA GLN D 271 6.96 -45.35 26.93
C GLN D 271 7.94 -45.59 28.12
N SER D 272 7.86 -44.75 29.16
CA SER D 272 8.65 -44.95 30.39
C SER D 272 8.21 -46.19 31.19
N GLN D 273 6.92 -46.52 31.09
CA GLN D 273 6.31 -47.64 31.81
C GLN D 273 6.25 -48.93 30.97
N PRO D 274 6.53 -50.11 31.59
CA PRO D 274 6.50 -51.41 30.87
C PRO D 274 5.13 -51.82 30.31
N ARG D 275 5.14 -52.38 29.10
CA ARG D 275 3.96 -52.90 28.43
C ARG D 275 4.37 -54.21 27.77
N ASP D 276 4.06 -55.32 28.42
CA ASP D 276 4.41 -56.65 27.90
C ASP D 276 3.19 -57.31 27.28
N MET D 277 3.18 -57.31 25.95
CA MET D 277 2.10 -57.89 25.15
C MET D 277 2.70 -58.90 24.18
N ARG D 278 2.04 -60.05 24.05
CA ARG D 278 2.56 -61.17 23.27
C ARG D 278 1.51 -61.70 22.31
N ARG D 279 1.88 -61.81 21.04
CA ARG D 279 0.96 -62.21 19.96
C ARG D 279 1.28 -63.60 19.40
N ALA D 280 0.22 -64.37 19.12
CA ALA D 280 0.31 -65.62 18.39
C ALA D 280 -0.42 -65.48 17.06
N THR D 281 0.29 -65.65 15.96
CA THR D 281 -0.32 -65.45 14.65
C THR D 281 -0.54 -66.78 13.91
N VAL D 282 -1.81 -67.03 13.62
CA VAL D 282 -2.22 -68.14 12.76
C VAL D 282 -2.10 -67.68 11.30
N ALA D 283 -1.35 -68.44 10.50
CA ALA D 283 -1.18 -68.15 9.06
C ALA D 283 -2.49 -68.22 8.28
N GLY D 284 -2.54 -67.49 7.16
CA GLY D 284 -3.70 -67.50 6.28
C GLY D 284 -3.81 -68.81 5.55
N THR D 285 -5.05 -69.23 5.31
CA THR D 285 -5.36 -70.50 4.65
C THR D 285 -5.87 -70.28 3.21
N GLU D 286 -5.93 -69.02 2.80
CA GLU D 286 -6.36 -68.62 1.45
C GLU D 286 -5.78 -67.25 1.06
N PRO D 287 -5.45 -67.05 -0.25
CA PRO D 287 -5.09 -65.69 -0.67
C PRO D 287 -6.33 -64.87 -1.04
N THR D 288 -6.18 -63.57 -1.28
CA THR D 288 -7.28 -62.76 -1.83
C THR D 288 -7.10 -62.60 -3.35
N VAL D 289 -5.86 -62.71 -3.83
CA VAL D 289 -5.56 -62.86 -5.26
C VAL D 289 -4.62 -64.05 -5.52
N MET E 1 -4.50 50.92 12.08
CA MET E 1 -5.51 51.93 11.65
C MET E 1 -5.34 52.40 10.19
N THR E 2 -4.19 52.07 9.59
CA THR E 2 -3.99 52.21 8.14
C THR E 2 -4.74 51.06 7.43
N ILE E 3 -5.64 51.42 6.51
CA ILE E 3 -6.40 50.47 5.69
C ILE E 3 -5.45 49.78 4.70
N ALA E 4 -5.38 48.44 4.81
CA ALA E 4 -4.62 47.61 3.89
C ALA E 4 -5.55 46.65 3.15
N ILE E 5 -5.36 46.56 1.84
CA ILE E 5 -6.21 45.71 0.99
C ILE E 5 -5.38 44.71 0.18
N ARG E 6 -5.73 43.42 0.34
CA ARG E 6 -5.14 42.32 -0.43
C ARG E 6 -6.16 41.75 -1.41
N GLN E 7 -5.79 41.67 -2.70
CA GLN E 7 -6.66 41.12 -3.73
C GLN E 7 -6.75 39.58 -3.65
N LEU E 8 -7.98 39.06 -3.60
CA LEU E 8 -8.24 37.64 -3.36
C LEU E 8 -8.52 36.78 -4.61
N GLN E 9 -8.89 37.42 -5.71
CA GLN E 9 -9.20 36.70 -6.96
C GLN E 9 -8.49 37.39 -8.14
N THR E 10 -8.30 36.66 -9.23
CA THR E 10 -7.59 37.14 -10.44
C THR E 10 -8.11 38.51 -10.93
N HIS E 11 -9.43 38.68 -10.91
CA HIS E 11 -10.07 39.86 -11.46
C HIS E 11 -10.61 40.86 -10.43
N PHE E 12 -10.95 40.40 -9.23
CA PHE E 12 -11.65 41.22 -8.22
C PHE E 12 -11.52 40.68 -6.79
N VAL E 13 -12.33 41.24 -5.87
CA VAL E 13 -12.39 40.92 -4.43
C VAL E 13 -11.17 41.43 -3.65
N GLY E 14 -11.43 42.19 -2.59
CA GLY E 14 -10.39 42.67 -1.70
C GLY E 14 -10.64 42.34 -0.24
N GLN E 15 -9.58 41.88 0.42
CA GLN E 15 -9.61 41.63 1.86
C GLN E 15 -9.10 42.87 2.59
N VAL E 16 -9.91 43.37 3.52
CA VAL E 16 -9.63 44.63 4.20
C VAL E 16 -9.30 44.40 5.67
N SER E 17 -8.18 44.98 6.11
CA SER E 17 -7.77 44.97 7.51
C SER E 17 -7.41 46.38 7.99
N GLY E 18 -7.45 46.58 9.31
CA GLY E 18 -7.08 47.85 9.92
C GLY E 18 -8.26 48.77 10.20
N LEU E 19 -9.46 48.29 9.84
CA LEU E 19 -10.71 48.94 10.21
C LEU E 19 -11.42 48.16 11.29
N ASP E 20 -12.02 48.91 12.21
CA ASP E 20 -12.86 48.36 13.27
C ASP E 20 -14.26 48.92 13.04
N LEU E 21 -15.15 48.09 12.48
CA LEU E 21 -16.51 48.49 12.10
C LEU E 21 -17.42 48.83 13.28
N ARG E 22 -16.93 48.64 14.50
CA ARG E 22 -17.63 49.10 15.69
C ARG E 22 -17.45 50.60 15.86
N LYS E 23 -16.30 51.11 15.38
CA LYS E 23 -15.96 52.53 15.45
C LYS E 23 -16.45 53.30 14.20
N PRO E 24 -16.96 54.55 14.38
CA PRO E 24 -17.34 55.37 13.22
C PRO E 24 -16.17 55.65 12.30
N LEU E 25 -16.42 55.66 10.99
CA LEU E 25 -15.39 55.93 10.01
C LEU E 25 -15.03 57.41 9.97
N THR E 26 -13.77 57.69 9.62
CA THR E 26 -13.33 59.04 9.31
C THR E 26 -13.64 59.30 7.82
N PRO E 27 -13.71 60.59 7.39
CA PRO E 27 -13.89 60.95 5.98
C PRO E 27 -12.96 60.22 5.01
N GLY E 28 -11.69 60.06 5.39
CA GLY E 28 -10.70 59.36 4.59
C GLY E 28 -11.02 57.88 4.49
N GLU E 29 -11.52 57.31 5.58
CA GLU E 29 -11.87 55.89 5.66
C GLU E 29 -13.07 55.55 4.78
N ALA E 30 -14.11 56.38 4.86
CA ALA E 30 -15.29 56.28 4.00
C ALA E 30 -14.90 56.31 2.52
N ARG E 31 -14.07 57.30 2.14
CA ARG E 31 -13.59 57.49 0.76
C ARG E 31 -12.83 56.27 0.23
N GLU E 32 -11.95 55.72 1.07
CA GLU E 32 -11.11 54.58 0.70
C GLU E 32 -11.92 53.30 0.49
N VAL E 33 -12.88 53.06 1.39
CA VAL E 33 -13.77 51.90 1.29
C VAL E 33 -14.58 51.97 -0.01
N GLU E 34 -15.22 53.11 -0.28
CA GLU E 34 -15.99 53.28 -1.51
C GLU E 34 -15.12 53.14 -2.76
N SER E 35 -13.89 53.68 -2.71
CA SER E 35 -12.90 53.55 -3.81
C SER E 35 -12.53 52.09 -4.08
N ALA E 36 -12.42 51.31 -3.01
CA ALA E 36 -12.12 49.89 -3.08
C ALA E 36 -13.31 49.11 -3.64
N MET E 37 -14.53 49.49 -3.24
CA MET E 37 -15.77 48.94 -3.82
C MET E 37 -15.86 49.21 -5.33
N ASP E 38 -15.42 50.40 -5.78
CA ASP E 38 -15.37 50.73 -7.20
C ASP E 38 -14.39 49.81 -7.91
N LYS E 39 -13.20 49.65 -7.32
CA LYS E 39 -12.15 48.83 -7.90
C LYS E 39 -12.46 47.32 -7.80
N TYR E 40 -12.64 46.84 -6.57
CA TYR E 40 -12.70 45.40 -6.26
C TYR E 40 -14.09 44.77 -6.30
N ALA E 41 -15.13 45.62 -6.25
CA ALA E 41 -16.56 45.20 -6.35
C ALA E 41 -17.10 44.37 -5.17
N VAL E 42 -16.22 43.66 -4.48
CA VAL E 42 -16.53 42.87 -3.29
C VAL E 42 -15.41 43.04 -2.26
N LEU E 43 -15.79 43.26 -1.00
CA LEU E 43 -14.82 43.43 0.07
C LEU E 43 -15.09 42.51 1.25
N VAL E 44 -14.03 41.89 1.73
CA VAL E 44 -14.10 40.90 2.82
C VAL E 44 -13.47 41.48 4.09
N PHE E 45 -14.27 41.51 5.15
CA PHE E 45 -13.81 41.91 6.47
C PHE E 45 -13.91 40.71 7.44
N HIS E 46 -12.77 40.32 8.01
CA HIS E 46 -12.75 39.31 9.05
C HIS E 46 -12.80 39.98 10.43
N ASP E 47 -13.36 39.25 11.40
CA ASP E 47 -13.30 39.60 12.85
C ASP E 47 -14.02 40.90 13.22
N GLN E 48 -15.27 40.99 12.78
CA GLN E 48 -16.10 42.17 12.97
C GLN E 48 -17.30 41.85 13.87
N ASP E 49 -17.04 41.83 15.17
CA ASP E 49 -18.07 41.58 16.18
C ASP E 49 -18.97 42.81 16.35
N ILE E 50 -19.95 42.95 15.46
CA ILE E 50 -20.75 44.19 15.36
C ILE E 50 -22.23 43.99 15.62
N THR E 51 -22.85 44.97 16.26
CA THR E 51 -24.32 45.01 16.45
C THR E 51 -25.03 45.42 15.14
N ASP E 52 -26.37 45.34 15.13
CA ASP E 52 -27.19 45.72 13.98
C ASP E 52 -27.07 47.21 13.62
N GLU E 53 -26.96 48.05 14.65
CA GLU E 53 -26.87 49.49 14.47
C GLU E 53 -25.48 49.91 13.98
N GLN E 54 -24.43 49.20 14.41
CA GLN E 54 -23.08 49.44 13.90
C GLN E 54 -22.94 49.09 12.42
N GLN E 55 -23.61 48.01 12.01
CA GLN E 55 -23.58 47.54 10.62
C GLN E 55 -24.23 48.59 9.71
N MET E 56 -25.42 49.03 10.10
CA MET E 56 -26.17 50.07 9.39
C MET E 56 -25.40 51.41 9.35
N ALA E 57 -24.84 51.82 10.50
CA ALA E 57 -24.02 53.05 10.58
C ALA E 57 -22.83 53.01 9.62
N PHE E 58 -22.22 51.82 9.51
CA PHE E 58 -21.16 51.60 8.55
C PHE E 58 -21.71 51.74 7.13
N ALA E 59 -22.83 51.08 6.87
CA ALA E 59 -23.50 51.11 5.57
C ALA E 59 -23.91 52.54 5.13
N LEU E 60 -24.38 53.34 6.10
CA LEU E 60 -24.95 54.65 5.80
C LEU E 60 -23.91 55.69 5.37
N ASN E 61 -22.63 55.34 5.50
CA ASN E 61 -21.53 56.10 4.91
C ASN E 61 -21.64 56.22 3.39
N PHE E 62 -22.35 55.28 2.77
CA PHE E 62 -22.33 55.10 1.32
C PHE E 62 -23.64 55.45 0.63
N GLY E 63 -24.60 55.95 1.41
CA GLY E 63 -25.89 56.40 0.90
C GLY E 63 -27.02 56.33 1.92
N GLN E 64 -28.20 55.95 1.43
CA GLN E 64 -29.42 55.82 2.24
C GLN E 64 -29.92 54.38 2.29
N ARG E 65 -30.82 54.08 3.24
CA ARG E 65 -31.54 52.79 3.31
C ARG E 65 -32.49 52.65 2.10
N GLU E 66 -32.66 51.41 1.63
CA GLU E 66 -33.51 51.11 0.47
C GLU E 66 -35.00 51.35 0.73
N GLY E 84 -34.35 46.91 11.28
CA GLY E 84 -33.48 47.76 10.49
C GLY E 84 -32.93 47.07 9.25
N LEU E 85 -32.28 45.93 9.48
CA LEU E 85 -31.62 45.14 8.43
C LEU E 85 -32.57 44.14 7.75
N ASN E 86 -32.19 43.67 6.56
CA ASN E 86 -32.94 42.62 5.84
C ASN E 86 -32.59 41.24 6.43
N ASP E 87 -33.61 40.40 6.59
CA ASP E 87 -33.42 39.05 7.13
C ASP E 87 -33.23 38.04 6.00
N VAL E 88 -31.98 37.69 5.73
CA VAL E 88 -31.64 36.64 4.75
C VAL E 88 -31.17 35.35 5.44
N SER E 89 -31.60 35.19 6.70
CA SER E 89 -31.35 33.99 7.50
C SER E 89 -32.38 32.88 7.18
N ASN E 90 -32.15 31.67 7.71
CA ASN E 90 -33.09 30.56 7.53
C ASN E 90 -34.00 30.34 8.74
N LEU E 91 -34.15 31.39 9.55
CA LEU E 91 -34.89 31.33 10.81
C LEU E 91 -36.21 32.10 10.69
N LEU E 109 -35.06 30.95 -0.55
CA LEU E 109 -34.45 29.96 -1.44
C LEU E 109 -34.06 30.51 -2.82
N GLY E 110 -34.73 31.59 -3.25
CA GLY E 110 -34.33 32.38 -4.42
C GLY E 110 -32.87 32.81 -4.37
N ASN E 111 -32.36 33.06 -3.15
CA ASN E 111 -30.96 33.40 -2.91
C ASN E 111 -29.92 32.40 -3.42
N CYS E 112 -30.35 31.15 -3.67
CA CYS E 112 -29.49 30.11 -4.24
C CYS E 112 -29.27 30.28 -5.75
N LEU E 113 -30.11 31.08 -6.38
CA LEU E 113 -29.94 31.44 -7.80
C LEU E 113 -28.99 32.63 -7.91
N TRP E 114 -28.19 32.64 -8.98
CA TRP E 114 -27.29 33.76 -9.27
C TRP E 114 -28.13 35.02 -9.46
N HIS E 115 -27.87 36.04 -8.65
CA HIS E 115 -28.67 37.26 -8.72
C HIS E 115 -27.90 38.53 -8.35
N SER E 116 -28.52 39.67 -8.68
CA SER E 116 -28.10 40.97 -8.19
C SER E 116 -29.28 41.51 -7.38
N ASP E 117 -28.99 42.04 -6.19
CA ASP E 117 -30.03 42.43 -5.25
C ASP E 117 -30.95 43.51 -5.78
N SER E 118 -32.25 43.32 -5.58
CA SER E 118 -33.27 44.30 -5.97
C SER E 118 -33.19 44.79 -7.43
N SER E 119 -32.79 43.90 -8.33
CA SER E 119 -32.72 44.19 -9.75
C SER E 119 -34.12 44.31 -10.38
N PHE E 120 -35.12 43.86 -9.61
CA PHE E 120 -36.54 43.96 -9.95
C PHE E 120 -37.18 45.30 -9.51
N ARG E 121 -36.38 46.19 -8.92
CA ARG E 121 -36.78 47.56 -8.58
C ARG E 121 -36.30 48.54 -9.66
N PRO E 122 -37.10 49.60 -9.96
CA PRO E 122 -36.72 50.59 -10.98
C PRO E 122 -35.39 51.27 -10.71
N ILE E 123 -35.12 51.58 -9.43
CA ILE E 123 -33.79 52.00 -9.00
C ILE E 123 -33.18 50.85 -8.17
N PRO E 124 -32.29 50.05 -8.79
CA PRO E 124 -31.76 48.86 -8.12
C PRO E 124 -30.69 49.19 -7.09
N ALA E 125 -30.47 48.27 -6.14
CA ALA E 125 -29.57 48.48 -5.01
C ALA E 125 -28.12 48.82 -5.40
N LYS E 126 -27.46 49.60 -4.54
CA LYS E 126 -26.05 49.93 -4.71
C LYS E 126 -25.18 48.86 -4.00
N PHE E 127 -24.97 49.02 -2.69
CA PHE E 127 -24.15 48.10 -1.90
C PHE E 127 -25.03 47.22 -1.02
N SER E 128 -24.60 45.96 -0.88
CA SER E 128 -25.16 45.07 0.14
C SER E 128 -24.05 44.63 1.09
N LEU E 129 -24.39 44.55 2.37
CA LEU E 129 -23.42 44.30 3.42
C LEU E 129 -23.94 43.18 4.32
N LEU E 130 -23.24 42.03 4.29
CA LEU E 130 -23.70 40.81 4.94
C LEU E 130 -22.83 40.45 6.13
N SER E 131 -23.47 40.30 7.28
CA SER E 131 -22.76 39.96 8.53
C SER E 131 -23.13 38.58 9.03
N ALA E 132 -22.10 37.80 9.41
CA ALA E 132 -22.27 36.43 9.90
C ALA E 132 -22.27 36.37 11.42
N ARG E 133 -23.47 36.25 11.98
CA ARG E 133 -23.69 36.17 13.42
C ARG E 133 -23.70 34.73 13.95
N VAL E 134 -24.31 33.82 13.18
CA VAL E 134 -24.20 32.37 13.41
C VAL E 134 -23.93 31.68 12.07
N VAL E 135 -22.82 30.95 11.99
CA VAL E 135 -22.37 30.28 10.76
C VAL E 135 -22.82 28.81 10.73
N ASN E 136 -23.49 28.43 9.63
CA ASN E 136 -23.87 27.03 9.36
C ASN E 136 -22.62 26.24 8.92
N PRO E 137 -22.29 25.16 9.65
CA PRO E 137 -21.04 24.41 9.38
C PRO E 137 -21.09 23.48 8.16
N THR E 138 -22.30 23.18 7.68
CA THR E 138 -22.51 22.30 6.53
C THR E 138 -23.07 23.09 5.35
N GLY E 139 -22.20 23.40 4.39
CA GLY E 139 -22.56 24.18 3.20
C GLY E 139 -22.81 25.67 3.46
N GLY E 140 -23.42 26.33 2.48
CA GLY E 140 -23.81 27.74 2.60
C GLY E 140 -22.73 28.76 2.26
N ASN E 141 -21.78 28.36 1.43
CA ASN E 141 -20.81 29.29 0.83
C ASN E 141 -21.58 30.36 0.04
N THR E 142 -21.07 31.59 0.06
CA THR E 142 -21.60 32.63 -0.81
C THR E 142 -20.61 32.85 -1.96
N GLU E 143 -21.13 32.74 -3.17
CA GLU E 143 -20.28 32.87 -4.36
C GLU E 143 -20.51 34.20 -5.07
N PHE E 144 -19.45 34.79 -5.58
CA PHE E 144 -19.49 36.11 -6.22
C PHE E 144 -18.91 36.01 -7.61
N ALA E 145 -19.59 36.64 -8.56
CA ALA E 145 -19.14 36.63 -9.96
C ALA E 145 -18.92 38.05 -10.48
N ASP E 146 -17.75 38.27 -11.10
CA ASP E 146 -17.34 39.57 -11.63
C ASP E 146 -17.94 39.81 -13.00
N MET E 147 -18.98 40.63 -13.04
CA MET E 147 -19.70 40.93 -14.28
C MET E 147 -18.92 41.81 -15.29
N ARG E 148 -17.88 42.50 -14.82
CA ARG E 148 -17.05 43.36 -15.68
C ARG E 148 -16.07 42.52 -16.45
N ALA E 149 -15.33 41.67 -15.73
CA ALA E 149 -14.41 40.70 -16.33
C ALA E 149 -15.14 39.78 -17.31
N ALA E 150 -16.35 39.37 -16.91
CA ALA E 150 -17.21 38.53 -17.73
C ALA E 150 -17.56 39.21 -19.04
N TYR E 151 -17.96 40.48 -18.95
CA TYR E 151 -18.24 41.30 -20.13
C TYR E 151 -17.02 41.40 -21.07
N ASP E 152 -15.86 41.70 -20.50
CA ASP E 152 -14.62 41.87 -21.26
C ASP E 152 -14.18 40.61 -22.03
N ALA E 153 -14.41 39.45 -21.43
CA ALA E 153 -14.04 38.15 -22.03
C ALA E 153 -14.91 37.75 -23.25
N LEU E 154 -16.02 38.45 -23.47
CA LEU E 154 -16.88 38.24 -24.65
C LEU E 154 -16.19 38.69 -25.94
N ASP E 155 -16.50 37.99 -27.05
CA ASP E 155 -16.02 38.43 -28.37
C ASP E 155 -16.78 39.67 -28.83
N ASP E 156 -16.12 40.47 -29.67
CA ASP E 156 -16.64 41.78 -30.10
C ASP E 156 -18.00 41.75 -30.83
N GLU E 157 -18.31 40.63 -31.49
CA GLU E 157 -19.61 40.41 -32.14
C GLU E 157 -20.75 40.33 -31.11
N THR E 158 -20.54 39.52 -30.08
CA THR E 158 -21.49 39.33 -28.96
C THR E 158 -21.72 40.66 -28.24
N LYS E 159 -20.63 41.36 -27.93
CA LYS E 159 -20.65 42.72 -27.35
C LYS E 159 -21.54 43.67 -28.17
N ALA E 160 -21.38 43.62 -29.49
CA ALA E 160 -22.19 44.41 -30.42
C ALA E 160 -23.65 43.98 -30.46
N GLU E 161 -23.90 42.67 -30.36
CA GLU E 161 -25.26 42.11 -30.36
C GLU E 161 -26.08 42.59 -29.14
N ILE E 162 -25.40 42.73 -28.00
CA ILE E 162 -26.05 42.92 -26.70
C ILE E 162 -26.10 44.37 -26.18
N GLU E 163 -25.25 45.24 -26.74
CA GLU E 163 -25.08 46.65 -26.30
C GLU E 163 -26.37 47.37 -25.90
N ASP E 164 -27.38 47.30 -26.77
CA ASP E 164 -28.65 48.04 -26.56
C ASP E 164 -29.81 47.18 -26.06
N LEU E 165 -29.57 45.89 -25.80
CA LEU E 165 -30.62 44.98 -25.33
C LEU E 165 -31.11 45.33 -23.92
N VAL E 166 -32.41 45.17 -23.71
CA VAL E 166 -33.08 45.52 -22.44
C VAL E 166 -33.78 44.26 -21.87
N CYS E 167 -33.62 44.02 -20.57
CA CYS E 167 -34.28 42.90 -19.86
C CYS E 167 -35.44 43.34 -18.96
N GLU E 168 -36.42 42.45 -18.80
CA GLU E 168 -37.48 42.63 -17.81
C GLU E 168 -37.15 41.83 -16.55
N HIS E 169 -37.13 42.51 -15.40
CA HIS E 169 -36.80 41.88 -14.11
C HIS E 169 -38.03 41.90 -13.21
N SER E 170 -38.29 40.79 -12.54
CA SER E 170 -39.43 40.65 -11.62
C SER E 170 -39.16 39.48 -10.68
N LEU E 171 -39.64 39.60 -9.43
CA LEU E 171 -39.64 38.48 -8.48
C LEU E 171 -40.43 37.26 -8.98
N MET E 172 -41.51 37.51 -9.73
CA MET E 172 -42.29 36.48 -10.41
C MET E 172 -41.45 35.59 -11.34
N TYR E 173 -40.44 36.18 -11.98
CA TYR E 173 -39.54 35.43 -12.86
C TYR E 173 -38.58 34.51 -12.13
N SER E 174 -37.91 35.04 -11.08
CA SER E 174 -36.96 34.26 -10.28
C SER E 174 -37.65 33.22 -9.41
N ARG E 175 -38.79 33.59 -8.82
CA ARG E 175 -39.59 32.60 -8.09
C ARG E 175 -40.20 31.56 -9.02
N GLY E 176 -40.55 32.00 -10.23
CA GLY E 176 -41.08 31.12 -11.28
C GLY E 176 -40.19 29.95 -11.64
N SER E 177 -38.88 30.22 -11.74
CA SER E 177 -37.84 29.18 -11.94
C SER E 177 -37.90 28.10 -10.87
N LEU E 178 -38.28 28.48 -9.65
CA LEU E 178 -38.40 27.56 -8.53
C LEU E 178 -39.79 26.97 -8.34
N GLY E 179 -40.69 27.20 -9.30
CA GLY E 179 -42.01 26.59 -9.34
C GLY E 179 -43.20 27.42 -8.84
N PHE E 180 -43.01 28.73 -8.70
CA PHE E 180 -44.11 29.64 -8.37
C PHE E 180 -44.55 30.43 -9.59
N THR E 181 -45.49 29.86 -10.35
CA THR E 181 -45.91 30.40 -11.67
C THR E 181 -47.31 31.06 -11.74
N GLU E 182 -48.07 30.98 -10.64
CA GLU E 182 -49.40 31.62 -10.58
C GLU E 182 -49.52 32.64 -9.45
N TYR E 183 -50.04 33.82 -9.81
CA TYR E 183 -50.22 34.95 -8.88
C TYR E 183 -51.55 35.68 -9.14
N THR E 184 -52.10 36.26 -8.07
CA THR E 184 -53.32 37.08 -8.14
C THR E 184 -53.06 38.44 -8.82
N ASP E 185 -54.13 39.19 -9.06
CA ASP E 185 -54.03 40.54 -9.63
C ASP E 185 -53.41 41.58 -8.70
N GLU E 186 -53.57 41.37 -7.38
CA GLU E 186 -52.91 42.18 -6.35
C GLU E 186 -51.39 41.98 -6.37
N GLU E 187 -50.97 40.74 -6.58
CA GLU E 187 -49.55 40.37 -6.63
C GLU E 187 -48.87 40.81 -7.92
N LYS E 188 -49.59 40.72 -9.05
CA LYS E 188 -49.09 41.11 -10.39
C LYS E 188 -48.64 42.57 -10.53
N GLN E 189 -49.19 43.43 -9.67
CA GLN E 189 -48.86 44.85 -9.64
C GLN E 189 -47.72 45.16 -8.67
N MET E 190 -47.66 44.43 -7.56
CA MET E 190 -46.59 44.55 -6.58
C MET E 190 -45.26 44.03 -7.14
N PHE E 191 -45.33 43.00 -7.99
CA PHE E 191 -44.16 42.43 -8.65
C PHE E 191 -44.09 42.80 -10.14
N LYS E 192 -44.85 43.82 -10.54
CA LYS E 192 -44.88 44.30 -11.94
C LYS E 192 -43.47 44.51 -12.51
N PRO E 193 -43.14 43.84 -13.63
CA PRO E 193 -41.77 43.86 -14.16
C PRO E 193 -41.24 45.25 -14.49
N VAL E 194 -39.94 45.45 -14.26
CA VAL E 194 -39.25 46.71 -14.55
C VAL E 194 -38.19 46.49 -15.63
N LEU E 195 -37.76 47.58 -16.27
CA LEU E 195 -36.75 47.48 -17.30
C LEU E 195 -35.35 47.76 -16.74
N GLN E 196 -34.37 46.96 -17.19
CA GLN E 196 -32.96 47.21 -16.92
C GLN E 196 -32.20 46.90 -18.20
N ARG E 197 -31.14 47.65 -18.47
CA ARG E 197 -30.26 47.36 -19.60
C ARG E 197 -29.42 46.11 -19.35
N LEU E 198 -29.15 45.34 -20.41
CA LEU E 198 -28.31 44.15 -20.32
C LEU E 198 -26.84 44.51 -20.10
N VAL E 199 -26.42 45.64 -20.70
CA VAL E 199 -25.08 46.16 -20.50
C VAL E 199 -25.18 47.50 -19.79
N ARG E 200 -24.70 47.52 -18.56
CA ARG E 200 -24.68 48.73 -17.74
C ARG E 200 -23.27 49.30 -17.64
N THR E 201 -23.17 50.58 -17.29
CA THR E 201 -21.90 51.27 -17.16
C THR E 201 -21.80 51.84 -15.74
N HIS E 202 -20.66 51.58 -15.09
CA HIS E 202 -20.42 52.04 -13.71
C HIS E 202 -20.16 53.55 -13.66
N PRO E 203 -20.84 54.27 -12.73
CA PRO E 203 -20.75 55.74 -12.73
C PRO E 203 -19.34 56.30 -12.50
N VAL E 204 -18.55 55.62 -11.67
CA VAL E 204 -17.22 56.11 -11.26
C VAL E 204 -16.12 55.82 -12.30
N HIS E 205 -15.83 54.55 -12.56
CA HIS E 205 -14.74 54.18 -13.49
C HIS E 205 -15.17 53.91 -14.94
N ARG E 206 -16.47 53.98 -15.22
CA ARG E 206 -17.04 53.81 -16.58
C ARG E 206 -16.80 52.44 -17.24
N ARG E 207 -16.42 51.42 -16.46
CA ARG E 207 -16.29 50.04 -16.97
C ARG E 207 -17.66 49.44 -17.31
N LYS E 208 -17.77 48.80 -18.47
CA LYS E 208 -19.01 48.11 -18.87
C LYS E 208 -19.10 46.73 -18.18
N SER E 209 -20.34 46.32 -17.87
CA SER E 209 -20.58 45.02 -17.22
C SER E 209 -21.95 44.43 -17.56
N LEU E 210 -22.03 43.10 -17.57
CA LEU E 210 -23.28 42.40 -17.81
C LEU E 210 -24.20 42.52 -16.60
N TYR E 211 -25.43 42.96 -16.85
CA TYR E 211 -26.42 43.06 -15.78
C TYR E 211 -27.29 41.82 -15.79
N LEU E 212 -26.72 40.74 -15.26
CA LEU E 212 -27.44 39.49 -15.16
C LEU E 212 -28.04 39.34 -13.77
N SER E 213 -29.20 38.69 -13.72
CA SER E 213 -29.92 38.39 -12.48
C SER E 213 -30.95 37.30 -12.75
N SER E 214 -31.26 36.52 -11.70
CA SER E 214 -32.31 35.49 -11.77
C SER E 214 -33.67 36.14 -12.01
N HIS E 215 -33.79 37.40 -11.62
CA HIS E 215 -35.03 38.16 -11.76
C HIS E 215 -35.35 38.49 -13.22
N ALA E 216 -34.32 38.48 -14.08
CA ALA E 216 -34.45 38.72 -15.51
C ALA E 216 -35.05 37.53 -16.25
N GLY E 217 -36.26 37.73 -16.76
CA GLY E 217 -37.03 36.66 -17.38
C GLY E 217 -37.19 36.70 -18.89
N LYS E 218 -36.90 37.86 -19.48
CA LYS E 218 -36.92 38.01 -20.95
C LYS E 218 -36.13 39.22 -21.42
N ILE E 219 -35.76 39.21 -22.70
CA ILE E 219 -35.18 40.36 -23.38
C ILE E 219 -36.29 41.00 -24.24
N ALA E 220 -36.47 42.31 -24.06
CA ALA E 220 -37.62 43.08 -24.60
C ALA E 220 -37.88 42.97 -26.11
N SER E 221 -36.82 42.98 -26.91
CA SER E 221 -36.97 42.95 -28.38
C SER E 221 -36.89 41.54 -29.01
N MET E 222 -36.79 40.51 -28.16
CA MET E 222 -36.69 39.12 -28.60
C MET E 222 -37.85 38.31 -28.04
N SER E 223 -38.20 37.21 -28.72
CA SER E 223 -39.16 36.21 -28.18
C SER E 223 -38.67 35.63 -26.85
N VAL E 224 -39.61 35.21 -25.99
CA VAL E 224 -39.24 34.67 -24.67
C VAL E 224 -38.21 33.53 -24.76
N PRO E 225 -38.43 32.49 -25.59
CA PRO E 225 -37.44 31.39 -25.64
C PRO E 225 -36.06 31.78 -26.16
N GLU E 226 -36.00 32.58 -27.23
CA GLU E 226 -34.72 33.06 -27.77
C GLU E 226 -33.97 33.93 -26.76
N GLY E 227 -34.70 34.83 -26.10
CA GLY E 227 -34.14 35.72 -25.09
C GLY E 227 -33.54 34.99 -23.90
N ARG E 228 -34.31 34.05 -23.34
CA ARG E 228 -33.89 33.24 -22.20
C ARG E 228 -32.68 32.38 -22.50
N LEU E 229 -32.57 31.90 -23.74
CA LEU E 229 -31.41 31.14 -24.19
C LEU E 229 -30.14 31.98 -24.24
N LEU E 230 -30.25 33.22 -24.70
CA LEU E 230 -29.13 34.18 -24.68
C LEU E 230 -28.74 34.53 -23.24
N LEU E 231 -29.75 34.79 -22.40
CA LEU E 231 -29.52 35.01 -20.98
C LEU E 231 -28.84 33.80 -20.30
N ARG E 232 -29.23 32.59 -20.71
CA ARG E 232 -28.59 31.36 -20.22
C ARG E 232 -27.12 31.28 -20.58
N ASP E 233 -26.84 31.46 -21.87
CA ASP E 233 -25.47 31.48 -22.40
C ASP E 233 -24.57 32.52 -21.72
N LEU E 234 -25.11 33.72 -21.52
CA LEU E 234 -24.39 34.79 -20.80
C LEU E 234 -24.16 34.47 -19.32
N ASN E 235 -25.19 33.93 -18.65
CA ASN E 235 -25.06 33.47 -17.26
C ASN E 235 -24.04 32.32 -17.11
N GLU E 236 -24.06 31.37 -18.05
CA GLU E 236 -23.09 30.28 -18.10
C GLU E 236 -21.65 30.80 -18.27
N HIS E 237 -21.47 31.71 -19.23
CA HIS E 237 -20.20 32.37 -19.51
C HIS E 237 -19.71 33.13 -18.26
N ALA E 238 -20.61 33.89 -17.66
CA ALA E 238 -20.26 34.84 -16.60
C ALA E 238 -20.02 34.21 -15.23
N THR E 239 -20.38 32.93 -15.09
CA THR E 239 -20.24 32.22 -13.81
C THR E 239 -19.25 31.03 -13.86
N GLN E 240 -18.45 30.96 -14.93
CA GLN E 240 -17.29 30.07 -14.99
C GLN E 240 -16.33 30.36 -13.82
N PRO E 241 -15.56 29.35 -13.35
CA PRO E 241 -14.68 29.53 -12.17
C PRO E 241 -13.70 30.71 -12.24
N GLU E 242 -13.26 31.09 -13.44
CA GLU E 242 -12.30 32.17 -13.64
C GLU E 242 -12.87 33.57 -13.31
N PHE E 243 -14.19 33.66 -13.22
CA PHE E 243 -14.86 34.92 -12.82
C PHE E 243 -15.46 34.86 -11.42
N VAL E 244 -15.31 33.70 -10.77
CA VAL E 244 -16.01 33.44 -9.52
C VAL E 244 -15.06 33.44 -8.34
N TYR E 245 -15.49 34.11 -7.27
CA TYR E 245 -14.86 33.98 -5.96
C TYR E 245 -15.83 33.26 -5.03
N VAL E 246 -15.35 32.20 -4.39
CA VAL E 246 -16.16 31.43 -3.44
C VAL E 246 -15.82 31.88 -2.03
N HIS E 247 -16.82 32.36 -1.29
CA HIS E 247 -16.54 32.80 0.07
C HIS E 247 -16.95 31.76 1.10
N LYS E 248 -15.96 31.27 1.84
CA LYS E 248 -16.18 30.35 2.95
C LYS E 248 -16.29 31.15 4.25
N TRP E 249 -17.44 31.02 4.90
CA TRP E 249 -17.79 31.85 6.05
C TRP E 249 -17.02 31.50 7.32
N LYS E 250 -16.68 32.55 8.07
CA LYS E 250 -16.20 32.46 9.45
C LYS E 250 -17.09 33.35 10.30
N LEU E 251 -17.13 33.08 11.60
CA LEU E 251 -17.90 33.87 12.57
C LEU E 251 -17.44 35.33 12.55
N HIS E 252 -18.41 36.24 12.61
CA HIS E 252 -18.17 37.70 12.61
C HIS E 252 -17.53 38.25 11.31
N ASP E 253 -17.58 37.46 10.23
CA ASP E 253 -17.26 37.94 8.88
C ASP E 253 -18.31 38.97 8.42
N LEU E 254 -17.82 40.07 7.83
CA LEU E 254 -18.67 40.96 7.05
C LEU E 254 -18.17 40.96 5.63
N VAL E 255 -19.07 40.66 4.70
CA VAL E 255 -18.75 40.75 3.28
C VAL E 255 -19.72 41.76 2.65
N MET E 256 -19.17 42.71 1.90
CA MET E 256 -19.98 43.70 1.20
C MET E 256 -19.69 43.73 -0.29
N TRP E 257 -20.74 43.93 -1.08
CA TRP E 257 -20.62 43.87 -2.53
C TRP E 257 -21.40 44.94 -3.27
N ASP E 258 -20.88 45.30 -4.44
CA ASP E 258 -21.51 46.25 -5.34
C ASP E 258 -22.42 45.49 -6.30
N ASN E 259 -23.73 45.60 -6.07
CA ASN E 259 -24.74 44.97 -6.94
C ASN E 259 -24.70 45.44 -8.40
N ARG E 260 -24.09 46.61 -8.62
CA ARG E 260 -23.90 47.19 -9.95
C ARG E 260 -22.78 46.53 -10.77
N GLN E 261 -21.95 45.71 -10.11
CA GLN E 261 -20.77 45.13 -10.74
C GLN E 261 -20.68 43.61 -10.61
N THR E 262 -21.62 43.02 -9.87
CA THR E 262 -21.53 41.61 -9.49
C THR E 262 -22.82 40.81 -9.69
N MET E 263 -22.69 39.49 -9.58
CA MET E 263 -23.79 38.64 -9.12
C MET E 263 -23.31 37.88 -7.89
N HIS E 264 -24.26 37.34 -7.12
CA HIS E 264 -23.95 36.46 -5.99
C HIS E 264 -25.03 35.39 -5.79
N ARG E 265 -24.65 34.31 -5.11
CA ARG E 265 -25.58 33.22 -4.72
C ARG E 265 -25.09 32.51 -3.47
N VAL E 266 -26.04 31.95 -2.71
CA VAL E 266 -25.70 31.09 -1.59
C VAL E 266 -25.84 29.63 -2.03
N ARG E 267 -24.85 28.81 -1.71
CA ARG E 267 -24.92 27.38 -2.02
C ARG E 267 -25.76 26.67 -0.96
N ARG E 268 -26.34 25.53 -1.34
CA ARG E 268 -27.25 24.76 -0.45
C ARG E 268 -26.63 24.50 0.93
N TYR E 269 -27.46 24.68 1.94
CA TYR E 269 -27.04 24.46 3.31
C TYR E 269 -28.02 23.55 4.02
N ASP E 270 -27.52 22.90 5.07
CA ASP E 270 -28.31 22.06 5.96
C ASP E 270 -29.35 22.91 6.71
N GLN E 271 -30.61 22.80 6.24
CA GLN E 271 -31.76 23.55 6.78
C GLN E 271 -32.03 23.33 8.27
N SER E 272 -31.67 22.14 8.79
CA SER E 272 -31.79 21.81 10.21
C SER E 272 -30.97 22.72 11.15
N GLN E 273 -29.78 23.14 10.71
CA GLN E 273 -28.86 23.95 11.53
C GLN E 273 -29.10 25.47 11.37
N PRO E 274 -29.04 26.25 12.49
CA PRO E 274 -29.25 27.70 12.40
C PRO E 274 -28.17 28.43 11.60
N ARG E 275 -28.63 29.27 10.67
CA ARG E 275 -27.78 30.10 9.82
C ARG E 275 -28.28 31.55 9.90
N ASP E 276 -27.61 32.35 10.73
CA ASP E 276 -28.02 33.74 10.98
C ASP E 276 -27.14 34.78 10.26
N MET E 277 -27.67 35.23 9.13
CA MET E 277 -27.00 36.18 8.25
C MET E 277 -27.88 37.42 8.11
N ARG E 278 -27.29 38.58 8.37
CA ARG E 278 -28.02 39.86 8.42
C ARG E 278 -27.45 40.84 7.41
N ARG E 279 -28.33 41.39 6.57
CA ARG E 279 -27.93 42.27 5.47
C ARG E 279 -28.34 43.73 5.65
N ALA E 280 -27.37 44.62 5.48
CA ALA E 280 -27.62 46.05 5.32
C ALA E 280 -27.56 46.40 3.82
N THR E 281 -28.52 47.19 3.36
CA THR E 281 -28.68 47.50 1.93
C THR E 281 -28.67 49.01 1.68
N VAL E 282 -27.74 49.45 0.83
CA VAL E 282 -27.63 50.86 0.42
C VAL E 282 -28.43 51.06 -0.88
N ALA E 283 -29.41 51.96 -0.81
CA ALA E 283 -30.30 52.28 -1.95
C ALA E 283 -29.52 52.80 -3.14
N GLY E 284 -30.00 52.45 -4.34
CA GLY E 284 -29.41 52.93 -5.59
C GLY E 284 -29.54 54.43 -5.74
N THR E 285 -28.58 55.01 -6.46
CA THR E 285 -28.44 56.46 -6.59
C THR E 285 -28.70 56.95 -8.04
N GLU E 286 -29.07 56.01 -8.91
CA GLU E 286 -29.38 56.24 -10.33
C GLU E 286 -30.06 55.00 -10.96
N PRO E 287 -30.91 55.18 -12.01
CA PRO E 287 -31.41 53.99 -12.70
C PRO E 287 -30.44 53.51 -13.81
N THR E 288 -30.81 52.43 -14.51
CA THR E 288 -30.11 52.02 -15.74
C THR E 288 -30.94 52.38 -16.99
N VAL E 289 -32.26 52.47 -16.82
CA VAL E 289 -33.19 52.97 -17.84
C VAL E 289 -34.50 53.49 -17.22
N THR F 2 6.45 -1.92 -19.06
CA THR F 2 6.32 -0.50 -19.53
C THR F 2 6.45 0.56 -18.41
N ILE F 3 6.63 0.13 -17.15
CA ILE F 3 6.96 1.06 -16.03
C ILE F 3 8.38 1.62 -16.21
N ALA F 4 8.49 2.94 -16.18
CA ALA F 4 9.77 3.67 -16.25
C ALA F 4 9.83 4.71 -15.13
N ILE F 5 11.00 4.81 -14.49
CA ILE F 5 11.19 5.74 -13.37
C ILE F 5 12.34 6.71 -13.65
N ARG F 6 12.06 8.00 -13.53
CA ARG F 6 13.10 9.05 -13.58
C ARG F 6 13.34 9.58 -12.17
N GLN F 7 14.59 9.61 -11.74
CA GLN F 7 14.95 10.14 -10.41
C GLN F 7 14.88 11.67 -10.40
N LEU F 8 14.26 12.24 -9.37
CA LEU F 8 14.04 13.69 -9.33
C LEU F 8 14.98 14.48 -8.42
N GLN F 9 15.61 13.82 -7.46
CA GLN F 9 16.50 14.50 -6.52
C GLN F 9 17.76 13.65 -6.28
N THR F 10 18.82 14.31 -5.85
CA THR F 10 20.11 13.68 -5.58
C THR F 10 19.97 12.35 -4.87
N HIS F 11 19.19 12.33 -3.79
CA HIS F 11 19.10 11.15 -2.92
C HIS F 11 17.92 10.22 -3.19
N PHE F 12 16.82 10.77 -3.70
CA PHE F 12 15.55 10.05 -3.74
C PHE F 12 14.54 10.68 -4.70
N VAL F 13 13.31 10.13 -4.68
CA VAL F 13 12.14 10.60 -5.46
C VAL F 13 12.22 10.07 -6.87
N GLY F 14 11.22 9.28 -7.26
CA GLY F 14 11.08 8.81 -8.63
C GLY F 14 9.78 9.27 -9.31
N GLN F 15 9.91 9.75 -10.54
CA GLN F 15 8.77 10.06 -11.39
C GLN F 15 8.43 8.84 -12.24
N VAL F 16 7.22 8.36 -12.09
CA VAL F 16 6.81 7.09 -12.66
C VAL F 16 5.91 7.34 -13.88
N SER F 17 6.25 6.70 -15.00
CA SER F 17 5.39 6.70 -16.19
C SER F 17 5.09 5.27 -16.62
N GLY F 18 4.08 5.11 -17.48
CA GLY F 18 3.68 3.80 -18.01
C GLY F 18 2.58 3.10 -17.21
N LEU F 19 1.92 3.84 -16.31
CA LEU F 19 0.82 3.33 -15.51
C LEU F 19 -0.39 4.21 -15.58
N ASP F 20 -1.53 3.57 -15.79
CA ASP F 20 -2.82 4.23 -15.80
C ASP F 20 -3.53 3.76 -14.53
N LEU F 21 -3.59 4.66 -13.53
CA LEU F 21 -4.16 4.29 -12.23
C LEU F 21 -5.69 4.17 -12.16
N ARG F 22 -6.38 4.46 -13.29
CA ARG F 22 -7.81 4.14 -13.45
C ARG F 22 -8.05 2.64 -13.56
N LYS F 23 -6.98 1.88 -13.84
CA LYS F 23 -7.04 0.43 -14.07
C LYS F 23 -6.38 -0.36 -12.94
N PRO F 24 -6.92 -1.56 -12.60
CA PRO F 24 -6.32 -2.41 -11.56
C PRO F 24 -4.89 -2.78 -11.95
N LEU F 25 -3.97 -2.78 -10.98
CA LEU F 25 -2.59 -3.19 -11.22
C LEU F 25 -2.46 -4.71 -11.41
N THR F 26 -1.53 -5.14 -12.27
CA THR F 26 -1.12 -6.54 -12.32
C THR F 26 -0.24 -6.87 -11.08
N PRO F 27 -0.13 -8.16 -10.69
CA PRO F 27 0.78 -8.48 -9.57
C PRO F 27 2.20 -7.94 -9.80
N GLY F 28 2.63 -7.90 -11.07
CA GLY F 28 3.99 -7.50 -11.43
C GLY F 28 4.17 -6.00 -11.27
N GLU F 29 3.14 -5.25 -11.67
CA GLU F 29 3.13 -3.80 -11.48
C GLU F 29 3.12 -3.41 -9.99
N ALA F 30 2.30 -4.10 -9.19
CA ALA F 30 2.26 -3.90 -7.72
C ALA F 30 3.64 -4.13 -7.09
N ARG F 31 4.29 -5.22 -7.48
CA ARG F 31 5.66 -5.52 -7.03
C ARG F 31 6.66 -4.44 -7.43
N GLU F 32 6.59 -4.00 -8.70
CA GLU F 32 7.44 -2.93 -9.25
C GLU F 32 7.26 -1.60 -8.52
N VAL F 33 6.00 -1.23 -8.28
CA VAL F 33 5.70 0.00 -7.57
C VAL F 33 6.27 -0.04 -6.15
N GLU F 34 5.99 -1.12 -5.42
CA GLU F 34 6.45 -1.25 -4.03
C GLU F 34 7.99 -1.25 -3.91
N SER F 35 8.65 -1.94 -4.84
CA SER F 35 10.12 -1.95 -4.89
CA SER F 35 10.12 -1.95 -4.88
C SER F 35 10.67 -0.55 -5.18
N ALA F 36 9.95 0.21 -6.01
CA ALA F 36 10.31 1.61 -6.31
C ALA F 36 10.09 2.48 -5.07
N MET F 37 9.04 2.20 -4.31
CA MET F 37 8.82 2.85 -3.02
C MET F 37 9.92 2.54 -2.00
N ASP F 38 10.38 1.28 -1.98
CA ASP F 38 11.49 0.87 -1.12
C ASP F 38 12.76 1.65 -1.47
N LYS F 39 13.08 1.70 -2.77
CA LYS F 39 14.23 2.43 -3.30
C LYS F 39 14.13 3.97 -3.17
N TYR F 40 13.09 4.56 -3.77
CA TYR F 40 13.00 6.02 -3.94
C TYR F 40 12.28 6.75 -2.81
N ALA F 41 11.52 6.00 -2.00
CA ALA F 41 10.74 6.54 -0.86
C ALA F 41 9.56 7.47 -1.20
N VAL F 42 9.63 8.19 -2.31
CA VAL F 42 8.55 9.05 -2.80
C VAL F 42 8.41 8.83 -4.32
N LEU F 43 7.17 8.64 -4.77
CA LEU F 43 6.89 8.45 -6.19
C LEU F 43 5.85 9.45 -6.66
N VAL F 44 6.16 10.09 -7.80
CA VAL F 44 5.33 11.14 -8.41
C VAL F 44 4.71 10.54 -9.67
N PHE F 45 3.38 10.60 -9.78
CA PHE F 45 2.64 10.11 -10.97
C PHE F 45 1.90 11.31 -11.56
N HIS F 46 2.35 11.80 -12.72
CA HIS F 46 1.66 12.90 -13.41
C HIS F 46 0.45 12.36 -14.16
N ASP F 47 -0.52 13.25 -14.42
CA ASP F 47 -1.66 12.98 -15.33
C ASP F 47 -2.52 11.78 -14.91
N GLN F 48 -2.88 11.73 -13.63
CA GLN F 48 -3.71 10.65 -13.07
C GLN F 48 -5.06 11.21 -12.60
N ASP F 49 -5.94 11.37 -13.57
CA ASP F 49 -7.28 11.89 -13.37
C ASP F 49 -8.14 10.71 -12.90
N ILE F 50 -8.15 10.49 -11.59
CA ILE F 50 -8.79 9.31 -10.99
C ILE F 50 -9.87 9.69 -9.97
N THR F 51 -10.70 8.71 -9.63
CA THR F 51 -11.74 8.88 -8.62
C THR F 51 -11.17 8.47 -7.27
N ASP F 52 -11.85 8.86 -6.20
CA ASP F 52 -11.55 8.41 -4.83
C ASP F 52 -11.43 6.88 -4.74
N GLU F 53 -12.38 6.17 -5.38
CA GLU F 53 -12.37 4.69 -5.42
C GLU F 53 -11.16 4.10 -6.14
N GLN F 54 -10.86 4.62 -7.32
CA GLN F 54 -9.62 4.25 -8.05
C GLN F 54 -8.34 4.56 -7.26
N GLN F 55 -8.32 5.71 -6.57
CA GLN F 55 -7.19 6.07 -5.69
C GLN F 55 -7.00 5.04 -4.56
N MET F 56 -8.08 4.75 -3.84
CA MET F 56 -8.06 3.79 -2.75
C MET F 56 -7.70 2.38 -3.23
N ALA F 57 -8.21 1.99 -4.41
CA ALA F 57 -7.93 0.65 -4.95
C ALA F 57 -6.43 0.50 -5.22
N PHE F 58 -5.82 1.55 -5.78
CA PHE F 58 -4.38 1.59 -6.02
C PHE F 58 -3.62 1.38 -4.71
N ALA F 59 -3.99 2.17 -3.69
CA ALA F 59 -3.42 2.10 -2.34
C ALA F 59 -3.52 0.73 -1.69
N LEU F 60 -4.64 0.04 -1.89
CA LEU F 60 -4.89 -1.22 -1.19
C LEU F 60 -4.05 -2.42 -1.69
N ASN F 61 -3.27 -2.23 -2.77
CA ASN F 61 -2.26 -3.19 -3.21
C ASN F 61 -1.16 -3.33 -2.17
N PHE F 62 -1.01 -2.30 -1.34
CA PHE F 62 0.16 -2.15 -0.45
C PHE F 62 -0.13 -2.39 1.01
N GLY F 63 -1.38 -2.72 1.33
CA GLY F 63 -1.80 -3.05 2.70
C GLY F 63 -3.27 -2.78 2.88
N GLN F 64 -3.62 -2.34 4.09
CA GLN F 64 -4.99 -2.05 4.50
C GLN F 64 -5.11 -0.55 4.79
N ARG F 65 -6.34 -0.04 4.85
CA ARG F 65 -6.60 1.33 5.33
C ARG F 65 -6.19 1.46 6.80
N GLU F 66 -5.68 2.62 7.16
CA GLU F 66 -5.32 2.92 8.55
C GLU F 66 -6.55 2.98 9.49
N THR F 104 -10.55 19.13 11.07
CA THR F 104 -10.15 19.30 9.67
C THR F 104 -9.14 20.44 9.56
N HIS F 105 -9.43 21.54 10.24
CA HIS F 105 -8.58 22.73 10.23
C HIS F 105 -7.25 22.49 10.98
N LEU F 106 -7.35 21.83 12.14
CA LEU F 106 -6.21 21.39 12.96
C LEU F 106 -5.28 20.42 12.24
N PHE F 107 -5.89 19.52 11.47
CA PHE F 107 -5.17 18.58 10.60
C PHE F 107 -4.38 19.38 9.54
N ASN F 108 -5.04 20.34 8.89
CA ASN F 108 -4.39 21.14 7.83
C ASN F 108 -3.23 21.97 8.37
N LEU F 109 -3.42 22.58 9.55
CA LEU F 109 -2.40 23.41 10.15
C LEU F 109 -1.17 22.61 10.57
N GLY F 110 -1.39 21.46 11.22
CA GLY F 110 -0.33 20.54 11.61
C GLY F 110 0.48 20.00 10.45
N ASN F 111 -0.12 19.99 9.25
CA ASN F 111 0.56 19.54 8.03
C ASN F 111 1.61 20.54 7.52
N CYS F 112 1.60 21.74 8.08
CA CYS F 112 2.61 22.77 7.75
C CYS F 112 3.93 22.56 8.50
N LEU F 113 3.90 21.69 9.51
CA LEU F 113 5.10 21.26 10.24
C LEU F 113 5.65 19.96 9.64
N TRP F 114 6.97 19.83 9.60
CA TRP F 114 7.65 18.59 9.20
C TRP F 114 7.19 17.42 10.09
N HIS F 115 6.64 16.40 9.45
CA HIS F 115 6.13 15.24 10.15
C HIS F 115 6.17 13.95 9.31
N SER F 116 5.93 12.84 9.99
CA SER F 116 5.72 11.53 9.37
C SER F 116 4.33 11.09 9.87
N ASP F 117 3.50 10.61 8.96
CA ASP F 117 2.07 10.41 9.27
C ASP F 117 1.86 9.37 10.36
N SER F 118 0.98 9.70 11.29
CA SER F 118 0.54 8.80 12.35
C SER F 118 1.66 8.29 13.26
N SER F 119 2.72 9.07 13.43
CA SER F 119 3.84 8.65 14.26
C SER F 119 3.48 8.60 15.76
N PHE F 120 2.38 9.26 16.14
CA PHE F 120 1.73 9.17 17.46
C PHE F 120 0.91 7.88 17.69
N ARG F 121 0.82 7.01 16.69
CA ARG F 121 0.17 5.70 16.81
C ARG F 121 1.22 4.65 17.10
N PRO F 122 0.91 3.63 17.94
CA PRO F 122 1.93 2.60 18.22
C PRO F 122 2.35 1.82 16.96
N ILE F 123 1.43 1.63 16.01
CA ILE F 123 1.80 1.10 14.70
C ILE F 123 1.58 2.24 13.68
N PRO F 124 2.68 2.91 13.27
CA PRO F 124 2.55 4.11 12.44
C PRO F 124 2.36 3.79 10.95
N ALA F 125 1.97 4.79 10.16
CA ALA F 125 1.60 4.61 8.75
C ALA F 125 2.71 4.10 7.85
N LYS F 126 2.30 3.31 6.87
CA LYS F 126 3.18 2.84 5.82
C LYS F 126 3.19 3.91 4.70
N PHE F 127 2.34 3.77 3.69
CA PHE F 127 2.29 4.71 2.57
C PHE F 127 1.16 5.71 2.75
N SER F 128 1.42 6.95 2.34
CA SER F 128 0.37 7.93 2.15
C SER F 128 0.35 8.37 0.71
N LEU F 129 -0.84 8.74 0.23
CA LEU F 129 -1.09 9.08 -1.17
C LEU F 129 -1.92 10.38 -1.24
N LEU F 130 -1.45 11.32 -2.04
CA LEU F 130 -2.15 12.58 -2.22
C LEU F 130 -2.42 12.84 -3.70
N SER F 131 -3.68 13.11 -4.01
CA SER F 131 -4.18 13.32 -5.38
C SER F 131 -4.67 14.78 -5.54
N ALA F 132 -4.12 15.51 -6.50
CA ALA F 132 -4.49 16.92 -6.70
C ALA F 132 -5.70 17.07 -7.62
N ARG F 133 -6.86 17.35 -7.02
CA ARG F 133 -8.10 17.55 -7.78
C ARG F 133 -8.33 19.01 -8.18
N VAL F 134 -7.97 19.93 -7.27
CA VAL F 134 -7.95 21.38 -7.50
C VAL F 134 -6.68 21.93 -6.82
N VAL F 135 -5.83 22.56 -7.62
CA VAL F 135 -4.53 23.08 -7.21
C VAL F 135 -4.63 24.59 -6.97
N ASN F 136 -4.25 25.01 -5.77
CA ASN F 136 -4.05 26.41 -5.40
C ASN F 136 -2.83 26.95 -6.16
N PRO F 137 -2.99 28.04 -6.94
CA PRO F 137 -1.84 28.60 -7.69
C PRO F 137 -0.80 29.35 -6.83
N THR F 138 -1.20 29.80 -5.65
CA THR F 138 -0.29 30.56 -4.78
C THR F 138 0.03 29.80 -3.50
N GLY F 139 1.25 29.28 -3.43
CA GLY F 139 1.73 28.50 -2.28
C GLY F 139 1.28 27.06 -2.29
N GLY F 140 1.50 26.37 -1.18
CA GLY F 140 1.06 24.99 -1.01
C GLY F 140 1.88 23.92 -1.71
N ASN F 141 3.15 24.20 -2.00
CA ASN F 141 4.12 23.13 -2.35
C ASN F 141 4.14 22.08 -1.24
N THR F 142 4.32 20.83 -1.62
CA THR F 142 4.54 19.77 -0.62
C THR F 142 6.01 19.38 -0.68
N GLU F 143 6.65 19.42 0.47
CA GLU F 143 8.10 19.17 0.54
C GLU F 143 8.37 17.85 1.21
N PHE F 144 9.40 17.17 0.74
CA PHE F 144 9.79 15.83 1.24
C PHE F 144 11.26 15.81 1.61
N ALA F 145 11.57 15.12 2.70
CA ALA F 145 12.94 14.98 3.18
C ALA F 145 13.30 13.50 3.35
N ASP F 146 14.45 13.10 2.81
CA ASP F 146 14.92 11.71 2.85
C ASP F 146 15.67 11.48 4.17
N MET F 147 15.01 10.80 5.10
CA MET F 147 15.56 10.53 6.43
C MET F 147 16.70 9.49 6.46
N ARG F 148 16.83 8.70 5.38
CA ARG F 148 17.92 7.73 5.28
C ARG F 148 19.20 8.46 4.91
N ALA F 149 19.11 9.34 3.93
CA ALA F 149 20.23 10.18 3.50
C ALA F 149 20.66 11.12 4.62
N ALA F 150 19.68 11.67 5.34
CA ALA F 150 19.95 12.52 6.52
C ALA F 150 20.76 11.76 7.57
N TYR F 151 20.32 10.55 7.91
CA TYR F 151 21.06 9.65 8.81
C TYR F 151 22.49 9.38 8.34
N ASP F 152 22.64 9.01 7.05
CA ASP F 152 23.95 8.62 6.51
C ASP F 152 24.99 9.74 6.66
N ALA F 153 24.53 10.98 6.53
CA ALA F 153 25.36 12.17 6.57
C ALA F 153 25.84 12.55 7.97
N LEU F 154 25.26 11.96 9.02
CA LEU F 154 25.72 12.19 10.40
C LEU F 154 27.14 11.64 10.59
N ASP F 155 27.92 12.23 11.49
CA ASP F 155 29.26 11.68 11.79
C ASP F 155 29.15 10.42 12.64
N ASP F 156 30.23 9.64 12.69
CA ASP F 156 30.25 8.34 13.39
C ASP F 156 29.82 8.39 14.85
N GLU F 157 30.26 9.43 15.57
CA GLU F 157 29.93 9.61 16.99
C GLU F 157 28.46 9.95 17.25
N THR F 158 27.90 10.84 16.43
CA THR F 158 26.47 11.15 16.48
C THR F 158 25.64 9.87 16.23
N LYS F 159 26.01 9.11 15.19
CA LYS F 159 25.35 7.83 14.89
C LYS F 159 25.38 6.89 16.11
N ALA F 160 26.53 6.79 16.77
CA ALA F 160 26.65 5.98 17.99
C ALA F 160 25.85 6.54 19.17
N GLU F 161 25.80 7.86 19.31
CA GLU F 161 25.03 8.53 20.37
C GLU F 161 23.51 8.27 20.30
N ILE F 162 22.95 8.29 19.08
CA ILE F 162 21.49 8.27 18.90
C ILE F 162 20.92 6.86 18.67
N GLU F 163 21.82 5.89 18.46
CA GLU F 163 21.46 4.50 18.12
C GLU F 163 20.32 3.90 18.96
N ASP F 164 20.36 4.09 20.28
CA ASP F 164 19.39 3.45 21.19
C ASP F 164 18.31 4.38 21.74
N LEU F 165 18.30 5.64 21.28
CA LEU F 165 17.36 6.63 21.79
C LEU F 165 15.93 6.34 21.32
N VAL F 166 14.97 6.73 22.17
CA VAL F 166 13.56 6.46 21.93
C VAL F 166 12.82 7.78 22.13
N CYS F 167 11.90 8.10 21.22
CA CYS F 167 11.10 9.33 21.32
C CYS F 167 9.68 9.05 21.78
N GLU F 168 9.10 10.02 22.47
CA GLU F 168 7.67 10.00 22.79
C GLU F 168 6.92 10.86 21.77
N HIS F 169 6.01 10.23 21.04
CA HIS F 169 5.18 10.89 20.03
C HIS F 169 3.73 11.04 20.48
N SER F 170 3.17 12.24 20.27
CA SER F 170 1.78 12.54 20.62
C SER F 170 1.29 13.78 19.86
N LEU F 171 0.01 13.76 19.52
CA LEU F 171 -0.69 14.94 18.96
C LEU F 171 -0.58 16.14 19.88
N MET F 172 -0.43 15.90 21.19
CA MET F 172 -0.25 16.98 22.16
C MET F 172 1.05 17.77 21.94
N TYR F 173 2.08 17.11 21.44
CA TYR F 173 3.35 17.76 21.16
C TYR F 173 3.30 18.64 19.92
N SER F 174 2.81 18.08 18.80
CA SER F 174 2.68 18.81 17.55
C SER F 174 1.65 19.94 17.62
N ARG F 175 0.51 19.67 18.26
CA ARG F 175 -0.49 20.73 18.51
C ARG F 175 0.01 21.78 19.50
N GLY F 176 0.80 21.34 20.48
CA GLY F 176 1.55 22.23 21.39
C GLY F 176 2.39 23.26 20.65
N SER F 177 3.16 22.78 19.66
CA SER F 177 3.94 23.67 18.80
CA SER F 177 3.94 23.66 18.79
C SER F 177 3.07 24.71 18.08
N LEU F 178 1.84 24.33 17.73
CA LEU F 178 0.88 25.28 17.11
C LEU F 178 0.17 26.17 18.15
N GLY F 179 0.49 25.98 19.43
CA GLY F 179 -0.03 26.83 20.49
C GLY F 179 -1.11 26.26 21.40
N PHE F 180 -1.41 24.97 21.27
CA PHE F 180 -2.40 24.30 22.13
C PHE F 180 -1.70 23.44 23.16
N THR F 181 -1.53 23.99 24.36
CA THR F 181 -0.78 23.31 25.43
C THR F 181 -1.65 22.63 26.49
N GLU F 182 -2.87 23.14 26.68
CA GLU F 182 -3.79 22.57 27.68
C GLU F 182 -4.71 21.49 27.15
N TYR F 183 -4.77 20.38 27.90
CA TYR F 183 -5.53 19.19 27.51
C TYR F 183 -6.29 18.61 28.71
N THR F 184 -7.52 18.18 28.48
CA THR F 184 -8.37 17.58 29.50
C THR F 184 -7.90 16.16 29.81
N ASP F 185 -8.37 15.60 30.93
CA ASP F 185 -7.94 14.28 31.40
C ASP F 185 -8.27 13.11 30.46
N GLU F 186 -9.37 13.23 29.71
CA GLU F 186 -9.75 12.21 28.70
C GLU F 186 -9.02 12.42 27.35
N GLU F 187 -8.62 13.66 27.08
CA GLU F 187 -7.77 13.99 25.93
C GLU F 187 -6.36 13.45 26.14
N LYS F 188 -5.89 13.50 27.39
CA LYS F 188 -4.59 12.97 27.78
C LYS F 188 -4.50 11.47 27.55
N GLN F 189 -5.60 10.75 27.75
CA GLN F 189 -5.68 9.32 27.43
C GLN F 189 -5.82 9.09 25.93
N MET F 190 -6.67 9.90 25.29
CA MET F 190 -6.88 9.91 23.84
C MET F 190 -5.57 10.11 23.06
N PHE F 191 -4.70 10.97 23.60
CA PHE F 191 -3.44 11.30 22.97
C PHE F 191 -2.23 10.82 23.79
N LYS F 192 -2.38 9.75 24.56
CA LYS F 192 -1.27 9.22 25.38
C LYS F 192 -0.04 8.96 24.51
N PRO F 193 1.13 9.52 24.90
CA PRO F 193 2.33 9.37 24.09
C PRO F 193 2.69 7.93 23.83
N VAL F 194 3.12 7.64 22.60
CA VAL F 194 3.67 6.32 22.25
C VAL F 194 5.20 6.40 22.06
N LEU F 195 5.88 5.28 22.27
CA LEU F 195 7.30 5.20 22.04
C LEU F 195 7.63 4.86 20.58
N GLN F 196 8.67 5.50 20.04
CA GLN F 196 9.24 5.16 18.71
C GLN F 196 10.75 5.30 18.75
N ARG F 197 11.45 4.35 18.13
CA ARG F 197 12.90 4.46 17.93
C ARG F 197 13.24 5.76 17.20
N LEU F 198 14.27 6.46 17.68
CA LEU F 198 14.82 7.60 16.95
C LEU F 198 15.52 7.14 15.63
N VAL F 199 16.13 5.95 15.66
CA VAL F 199 16.76 5.33 14.50
C VAL F 199 15.99 4.05 14.17
N ARG F 200 15.27 4.08 13.06
CA ARG F 200 14.51 2.93 12.60
C ARG F 200 15.22 2.25 11.44
N THR F 201 14.85 1.00 11.17
CA THR F 201 15.42 0.19 10.10
C THR F 201 14.29 -0.25 9.16
N HIS F 202 14.48 -0.05 7.85
CA HIS F 202 13.45 -0.43 6.86
C HIS F 202 13.38 -1.95 6.77
N PRO F 203 12.14 -2.54 6.76
CA PRO F 203 12.12 -4.01 6.80
C PRO F 203 12.60 -4.69 5.53
N VAL F 204 12.61 -3.99 4.40
CA VAL F 204 13.04 -4.60 3.11
C VAL F 204 14.55 -4.47 2.87
N HIS F 205 15.07 -3.25 2.74
CA HIS F 205 16.49 -3.05 2.44
C HIS F 205 17.36 -2.83 3.69
N ARG F 206 16.70 -2.65 4.84
CA ARG F 206 17.35 -2.53 6.14
C ARG F 206 18.26 -1.29 6.32
N ARG F 207 17.99 -0.26 5.52
CA ARG F 207 18.64 1.03 5.72
C ARG F 207 18.10 1.69 6.98
N LYS F 208 19.02 2.28 7.75
CA LYS F 208 18.67 3.08 8.91
C LYS F 208 18.23 4.45 8.46
N SER F 209 17.28 5.02 9.18
CA SER F 209 16.87 6.41 8.96
C SER F 209 16.47 7.05 10.26
N LEU F 210 16.52 8.39 10.28
CA LEU F 210 16.05 9.16 11.41
C LEU F 210 14.53 9.20 11.40
N TYR F 211 13.94 8.74 12.50
CA TYR F 211 12.50 8.79 12.66
C TYR F 211 12.11 10.09 13.38
N LEU F 212 12.10 11.16 12.59
CA LEU F 212 11.77 12.49 13.07
C LEU F 212 10.33 12.83 12.71
N SER F 213 9.73 13.72 13.49
CA SER F 213 8.31 14.07 13.33
C SER F 213 7.93 15.17 14.30
N SER F 214 7.07 16.08 13.85
CA SER F 214 6.49 17.12 14.71
C SER F 214 5.76 16.53 15.93
N HIS F 215 5.30 15.29 15.84
CA HIS F 215 4.63 14.60 16.95
C HIS F 215 5.60 14.21 18.08
N ALA F 216 6.89 14.10 17.78
CA ALA F 216 7.90 13.73 18.77
C ALA F 216 8.22 14.95 19.63
N GLY F 217 7.98 14.83 20.93
CA GLY F 217 8.17 15.97 21.84
C GLY F 217 9.14 15.73 22.98
N LYS F 218 9.79 14.57 23.00
CA LYS F 218 10.66 14.17 24.11
C LYS F 218 11.51 12.98 23.69
N ILE F 219 12.76 12.94 24.17
CA ILE F 219 13.53 11.70 24.18
C ILE F 219 13.46 11.10 25.61
N ALA F 220 13.10 9.81 25.69
CA ALA F 220 12.83 9.10 26.96
C ALA F 220 13.97 9.10 27.99
N SER F 221 15.21 8.88 27.54
CA SER F 221 16.39 8.83 28.42
C SER F 221 17.06 10.19 28.70
N MET F 222 16.40 11.28 28.33
CA MET F 222 16.98 12.63 28.48
C MET F 222 16.03 13.56 29.22
N SER F 223 16.58 14.61 29.81
CA SER F 223 15.79 15.71 30.34
C SER F 223 14.99 16.32 29.19
N VAL F 224 13.80 16.84 29.50
CA VAL F 224 12.90 17.40 28.49
C VAL F 224 13.61 18.43 27.58
N PRO F 225 14.23 19.50 28.16
CA PRO F 225 14.89 20.50 27.30
C PRO F 225 16.05 19.98 26.44
N GLU F 226 16.94 19.17 26.99
CA GLU F 226 18.07 18.61 26.22
C GLU F 226 17.60 17.70 25.08
N GLY F 227 16.64 16.83 25.37
CA GLY F 227 16.02 15.97 24.36
C GLY F 227 15.44 16.75 23.19
N ARG F 228 14.68 17.81 23.52
CA ARG F 228 14.02 18.61 22.50
C ARG F 228 15.01 19.40 21.67
N LEU F 229 16.10 19.84 22.32
CA LEU F 229 17.16 20.53 21.60
C LEU F 229 17.88 19.61 20.65
N LEU F 230 18.09 18.35 21.07
CA LEU F 230 18.70 17.33 20.21
C LEU F 230 17.83 17.06 18.98
N LEU F 231 16.52 16.91 19.20
CA LEU F 231 15.54 16.72 18.12
C LEU F 231 15.48 17.93 17.20
N ARG F 232 15.53 19.13 17.77
CA ARG F 232 15.54 20.36 16.98
C ARG F 232 16.73 20.41 16.02
N ASP F 233 17.93 20.09 16.53
CA ASP F 233 19.14 20.00 15.72
C ASP F 233 19.09 18.89 14.67
N LEU F 234 18.48 17.76 15.03
CA LEU F 234 18.34 16.66 14.06
C LEU F 234 17.42 17.04 12.91
N ASN F 235 16.30 17.69 13.22
CA ASN F 235 15.35 18.22 12.22
C ASN F 235 15.97 19.29 11.30
N GLU F 236 16.76 20.18 11.88
CA GLU F 236 17.47 21.19 11.11
C GLU F 236 18.47 20.50 10.16
N HIS F 237 19.23 19.54 10.69
CA HIS F 237 20.15 18.78 9.85
C HIS F 237 19.42 18.06 8.71
N ALA F 238 18.34 17.36 9.04
CA ALA F 238 17.66 16.46 8.13
C ALA F 238 16.87 17.14 7.01
N THR F 239 16.57 18.43 7.20
CA THR F 239 15.76 19.18 6.25
C THR F 239 16.58 20.29 5.57
N GLN F 240 17.90 20.13 5.54
CA GLN F 240 18.75 20.98 4.72
C GLN F 240 18.39 20.71 3.25
N PRO F 241 18.54 21.72 2.37
CA PRO F 241 18.12 21.55 0.96
C PRO F 241 18.68 20.31 0.24
N GLU F 242 19.89 19.86 0.61
CA GLU F 242 20.47 18.65 0.03
C GLU F 242 19.63 17.37 0.25
N PHE F 243 18.79 17.35 1.29
CA PHE F 243 17.93 16.17 1.57
C PHE F 243 16.46 16.38 1.21
N VAL F 244 16.12 17.53 0.61
CA VAL F 244 14.74 17.92 0.41
C VAL F 244 14.40 17.96 -1.08
N TYR F 245 13.24 17.38 -1.42
CA TYR F 245 12.63 17.54 -2.73
C TYR F 245 11.39 18.44 -2.56
N VAL F 246 11.27 19.45 -3.41
CA VAL F 246 10.11 20.34 -3.40
C VAL F 246 9.17 19.90 -4.52
N HIS F 247 7.94 19.53 -4.15
CA HIS F 247 6.92 19.21 -5.18
C HIS F 247 5.98 20.39 -5.43
N LYS F 248 6.06 20.90 -6.66
CA LYS F 248 5.18 21.97 -7.13
C LYS F 248 4.02 21.28 -7.84
N TRP F 249 2.83 21.37 -7.26
CA TRP F 249 1.67 20.60 -7.71
C TRP F 249 1.15 20.96 -9.11
N LYS F 250 0.81 19.94 -9.89
CA LYS F 250 0.03 20.08 -11.14
C LYS F 250 -1.30 19.33 -10.99
N LEU F 251 -2.34 19.85 -11.65
CA LEU F 251 -3.64 19.20 -11.69
C LEU F 251 -3.51 17.74 -12.06
N HIS F 252 -4.13 16.89 -11.26
CA HIS F 252 -4.14 15.41 -11.45
C HIS F 252 -2.88 14.64 -11.04
N ASP F 253 -1.87 15.33 -10.51
CA ASP F 253 -0.72 14.63 -9.89
C ASP F 253 -1.21 13.66 -8.83
N LEU F 254 -0.52 12.54 -8.73
CA LEU F 254 -0.62 11.70 -7.55
C LEU F 254 0.80 11.52 -7.01
N VAL F 255 0.97 11.82 -5.73
CA VAL F 255 2.25 11.64 -5.04
C VAL F 255 2.03 10.62 -3.92
N MET F 256 2.83 9.56 -3.95
CA MET F 256 2.80 8.55 -2.90
C MET F 256 4.17 8.51 -2.19
N TRP F 257 4.15 8.54 -0.86
CA TRP F 257 5.37 8.53 -0.06
C TRP F 257 5.36 7.50 1.08
N ASP F 258 6.55 7.06 1.47
CA ASP F 258 6.71 6.09 2.54
C ASP F 258 7.04 6.83 3.82
N ASN F 259 6.07 6.86 4.73
CA ASN F 259 6.26 7.53 6.03
C ASN F 259 7.39 6.92 6.88
N ARG F 260 7.83 5.71 6.51
CA ARG F 260 8.88 5.01 7.24
C ARG F 260 10.28 5.47 6.86
N GLN F 261 10.38 6.28 5.79
CA GLN F 261 11.69 6.72 5.26
C GLN F 261 11.82 8.24 5.10
N THR F 262 10.77 8.99 5.42
CA THR F 262 10.70 10.40 5.10
C THR F 262 10.06 11.23 6.19
N MET F 263 10.23 12.54 6.06
CA MET F 263 9.25 13.51 6.58
C MET F 263 8.65 14.25 5.38
N HIS F 264 7.53 14.91 5.62
CA HIS F 264 6.94 15.82 4.65
C HIS F 264 6.26 17.00 5.35
N ARG F 265 5.99 18.06 4.57
CA ARG F 265 5.22 19.21 5.04
C ARG F 265 4.58 19.89 3.84
N VAL F 266 3.48 20.60 4.08
CA VAL F 266 2.89 21.49 3.09
C VAL F 266 3.31 22.92 3.42
N ARG F 267 3.74 23.66 2.40
CA ARG F 267 4.08 25.05 2.57
C ARG F 267 2.82 25.91 2.63
N ARG F 268 2.99 27.09 3.22
CA ARG F 268 1.95 28.11 3.38
C ARG F 268 1.20 28.41 2.09
N TYR F 269 -0.13 28.55 2.19
CA TYR F 269 -0.97 28.95 1.06
C TYR F 269 -2.13 29.84 1.50
N ASP F 270 -2.65 30.61 0.54
CA ASP F 270 -3.84 31.45 0.71
C ASP F 270 -5.09 30.59 0.90
N GLN F 271 -5.60 30.55 2.14
CA GLN F 271 -6.78 29.74 2.51
C GLN F 271 -8.09 30.18 1.85
N SER F 272 -8.10 31.38 1.27
CA SER F 272 -9.25 31.90 0.52
C SER F 272 -9.36 31.32 -0.90
N GLN F 273 -8.30 30.66 -1.38
CA GLN F 273 -8.32 30.00 -2.70
C GLN F 273 -8.83 28.54 -2.61
N PRO F 274 -9.49 28.04 -3.69
CA PRO F 274 -9.88 26.62 -3.65
C PRO F 274 -8.68 25.68 -3.72
N ARG F 275 -8.69 24.69 -2.83
CA ARG F 275 -7.70 23.61 -2.80
C ARG F 275 -8.44 22.31 -2.53
N ASP F 276 -8.10 21.27 -3.30
CA ASP F 276 -8.77 19.98 -3.17
C ASP F 276 -7.76 18.85 -3.36
N MET F 277 -7.24 18.37 -2.22
CA MET F 277 -6.23 17.32 -2.20
C MET F 277 -6.82 16.14 -1.44
N ARG F 278 -6.85 14.98 -2.10
CA ARG F 278 -7.52 13.79 -1.54
C ARG F 278 -6.46 12.80 -1.07
N ARG F 279 -6.62 12.36 0.18
CA ARG F 279 -5.64 11.53 0.89
C ARG F 279 -6.10 10.07 1.01
N ALA F 280 -5.16 9.14 0.87
CA ALA F 280 -5.36 7.76 1.26
C ALA F 280 -4.13 7.32 2.02
N THR F 281 -4.34 6.56 3.08
CA THR F 281 -3.24 6.09 3.93
C THR F 281 -3.35 4.58 4.11
N VAL F 282 -2.21 3.93 3.98
CA VAL F 282 -2.06 2.51 4.21
C VAL F 282 -1.50 2.27 5.62
N ALA F 283 -2.18 1.42 6.38
CA ALA F 283 -1.80 1.06 7.75
C ALA F 283 -0.39 0.46 7.79
N GLY F 284 0.28 0.74 8.91
CA GLY F 284 1.58 0.15 9.20
C GLY F 284 1.44 -1.35 9.37
N THR F 285 2.49 -2.04 8.95
CA THR F 285 2.55 -3.49 8.90
C THR F 285 3.53 -4.02 9.94
N GLU F 286 4.21 -3.09 10.65
CA GLU F 286 5.13 -3.38 11.79
C GLU F 286 5.34 -2.14 12.73
N PRO F 287 5.60 -2.37 14.04
CA PRO F 287 5.95 -1.25 14.94
C PRO F 287 7.47 -0.96 14.96
N THR F 288 7.91 0.08 15.66
CA THR F 288 9.35 0.31 15.84
C THR F 288 9.86 -0.13 17.22
N VAL F 289 9.01 -0.04 18.25
CA VAL F 289 9.29 -0.59 19.61
C VAL F 289 8.04 -1.17 20.28
N GLN F 290 8.18 -1.53 21.56
CA GLN F 290 7.06 -2.04 22.38
C GLN F 290 6.59 -0.99 23.39
N ILE G 3 40.79 53.37 14.75
CA ILE G 3 39.91 52.17 14.53
C ILE G 3 39.91 51.71 13.07
N ALA G 4 40.29 50.45 12.86
CA ALA G 4 40.22 49.78 11.57
C ALA G 4 39.19 48.67 11.63
N ILE G 5 38.29 48.61 10.63
CA ILE G 5 37.20 47.61 10.57
C ILE G 5 37.31 46.70 9.33
N ARG G 6 37.20 45.39 9.57
CA ARG G 6 37.22 44.37 8.52
C ARG G 6 35.88 43.62 8.48
N GLN G 7 35.19 43.69 7.34
CA GLN G 7 33.89 43.03 7.17
C GLN G 7 34.05 41.51 7.10
N LEU G 8 33.21 40.78 7.84
CA LEU G 8 33.38 39.33 8.02
C LEU G 8 32.31 38.46 7.37
N GLN G 9 31.18 39.06 7.01
CA GLN G 9 30.11 38.35 6.32
C GLN G 9 29.64 39.26 5.20
N THR G 10 29.01 38.65 4.18
CA THR G 10 28.57 39.35 2.96
C THR G 10 27.72 40.59 3.24
N HIS G 11 26.79 40.46 4.19
CA HIS G 11 25.84 41.52 4.51
C HIS G 11 26.22 42.39 5.73
N PHE G 12 27.05 41.87 6.64
CA PHE G 12 27.25 42.47 7.99
C PHE G 12 28.44 41.88 8.75
N VAL G 13 28.59 42.28 10.01
CA VAL G 13 29.68 41.87 10.93
C VAL G 13 30.99 42.55 10.58
N GLY G 14 31.57 43.20 11.59
CA GLY G 14 32.86 43.86 11.44
C GLY G 14 33.81 43.43 12.53
N GLN G 15 35.05 43.21 12.14
CA GLN G 15 36.11 42.93 13.07
C GLN G 15 36.90 44.21 13.32
N VAL G 16 37.02 44.58 14.60
CA VAL G 16 37.60 45.87 14.98
C VAL G 16 38.99 45.71 15.57
N SER G 17 39.96 46.41 14.98
CA SER G 17 41.29 46.49 15.57
C SER G 17 41.66 47.93 15.86
N GLY G 18 42.64 48.12 16.75
CA GLY G 18 43.10 49.43 17.18
C GLY G 18 42.53 49.91 18.52
N LEU G 19 41.68 49.10 19.16
CA LEU G 19 41.16 49.44 20.49
C LEU G 19 41.70 48.54 21.58
N ASP G 20 42.15 49.14 22.67
CA ASP G 20 42.49 48.44 23.90
C ASP G 20 41.40 48.69 24.95
N LEU G 21 40.57 47.67 25.18
CA LEU G 21 39.41 47.82 26.08
C LEU G 21 39.76 47.85 27.59
N ARG G 22 41.05 47.68 27.93
CA ARG G 22 41.54 47.95 29.29
CA ARG G 22 41.54 47.94 29.29
C ARG G 22 41.56 49.46 29.55
N LYS G 23 41.41 50.24 28.48
CA LYS G 23 41.45 51.71 28.55
C LYS G 23 40.08 52.37 28.29
N PRO G 24 39.79 53.52 28.95
CA PRO G 24 38.62 54.31 28.61
C PRO G 24 38.64 54.73 27.13
N LEU G 25 37.46 54.75 26.50
CA LEU G 25 37.34 55.25 25.14
C LEU G 25 37.31 56.77 25.14
N THR G 26 37.97 57.37 24.14
CA THR G 26 37.79 58.79 23.81
C THR G 26 36.38 58.98 23.23
N PRO G 27 35.86 60.23 23.21
CA PRO G 27 34.53 60.43 22.60
C PRO G 27 34.45 60.01 21.12
N GLY G 28 35.54 60.25 20.39
CA GLY G 28 35.65 59.87 18.98
C GLY G 28 35.59 58.36 18.80
N GLU G 29 36.40 57.64 19.56
CA GLU G 29 36.34 56.18 19.63
C GLU G 29 34.94 55.64 19.92
N ALA G 30 34.26 56.21 20.92
CA ALA G 30 32.90 55.80 21.29
C ALA G 30 31.93 56.02 20.13
N ARG G 31 32.09 57.17 19.47
CA ARG G 31 31.29 57.59 18.32
C ARG G 31 31.49 56.67 17.10
N GLU G 32 32.73 56.29 16.83
CA GLU G 32 33.08 55.39 15.72
C GLU G 32 32.56 53.96 15.97
N VAL G 33 32.73 53.46 17.19
CA VAL G 33 32.20 52.14 17.59
C VAL G 33 30.67 52.08 17.44
N GLU G 34 29.96 53.11 17.89
CA GLU G 34 28.51 53.09 17.78
C GLU G 34 28.01 53.18 16.33
N SER G 35 28.67 54.01 15.51
CA SER G 35 28.37 54.06 14.06
C SER G 35 28.64 52.71 13.39
N ALA G 36 29.73 52.06 13.82
CA ALA G 36 30.08 50.71 13.34
C ALA G 36 29.03 49.67 13.74
N MET G 37 28.49 49.82 14.94
CA MET G 37 27.37 49.00 15.42
C MET G 37 26.10 49.25 14.59
N ASP G 38 25.87 50.51 14.21
CA ASP G 38 24.74 50.85 13.37
C ASP G 38 24.87 50.18 12.01
N LYS G 39 26.07 50.24 11.45
CA LYS G 39 26.35 49.71 10.11
C LYS G 39 26.45 48.17 10.07
N TYR G 40 27.33 47.58 10.90
CA TYR G 40 27.67 46.16 10.85
C TYR G 40 26.83 45.24 11.75
N ALA G 41 26.09 45.83 12.70
CA ALA G 41 25.18 45.11 13.62
C ALA G 41 25.84 44.18 14.65
N VAL G 42 27.02 43.64 14.32
CA VAL G 42 27.79 42.77 15.21
C VAL G 42 29.24 43.21 15.05
N LEU G 43 29.97 43.33 16.16
CA LEU G 43 31.39 43.66 16.13
C LEU G 43 32.22 42.66 16.92
N VAL G 44 33.36 42.29 16.33
CA VAL G 44 34.27 41.30 16.89
C VAL G 44 35.58 41.99 17.25
N PHE G 45 35.98 41.85 18.53
CA PHE G 45 37.22 42.44 19.06
C PHE G 45 38.06 41.29 19.62
N HIS G 46 39.13 40.93 18.91
CA HIS G 46 40.06 39.89 19.35
C HIS G 46 40.98 40.40 20.45
N ASP G 47 41.46 39.46 21.26
CA ASP G 47 42.52 39.69 22.28
C ASP G 47 42.23 40.80 23.29
N GLN G 48 41.05 40.76 23.89
CA GLN G 48 40.67 41.73 24.92
C GLN G 48 40.62 41.00 26.24
N ASP G 49 41.79 40.91 26.87
CA ASP G 49 41.93 40.23 28.16
C ASP G 49 41.54 41.23 29.24
N ILE G 50 40.23 41.37 29.46
CA ILE G 50 39.70 42.40 30.33
C ILE G 50 39.00 41.82 31.55
N THR G 51 38.71 42.69 32.52
CA THR G 51 37.92 42.37 33.71
C THR G 51 36.45 42.68 33.47
N ASP G 52 35.57 42.12 34.33
CA ASP G 52 34.15 42.46 34.38
C ASP G 52 33.92 43.98 34.40
N GLU G 53 34.67 44.68 35.25
CA GLU G 53 34.52 46.13 35.38
C GLU G 53 34.88 46.87 34.08
N GLN G 54 35.96 46.45 33.42
CA GLN G 54 36.37 47.05 32.14
C GLN G 54 35.36 46.78 31.01
N GLN G 55 34.78 45.58 31.01
CA GLN G 55 33.77 45.19 30.03
C GLN G 55 32.51 46.05 30.18
N MET G 56 32.05 46.21 31.43
CA MET G 56 30.90 47.08 31.74
C MET G 56 31.19 48.56 31.43
N ALA G 57 32.36 49.04 31.85
CA ALA G 57 32.78 50.41 31.53
C ALA G 57 32.72 50.65 30.02
N PHE G 58 33.20 49.67 29.23
CA PHE G 58 33.12 49.73 27.78
C PHE G 58 31.67 49.80 27.29
N ALA G 59 30.83 48.88 27.77
CA ALA G 59 29.37 48.87 27.47
C ALA G 59 28.66 50.19 27.77
N LEU G 60 29.07 50.83 28.88
CA LEU G 60 28.38 52.01 29.40
C LEU G 60 28.60 53.28 28.58
N ASN G 61 29.56 53.23 27.65
CA ASN G 61 29.70 54.26 26.61
C ASN G 61 28.42 54.36 25.76
N PHE G 62 27.65 53.27 25.71
CA PHE G 62 26.54 53.14 24.75
C PHE G 62 25.14 53.18 25.39
N GLY G 63 25.09 53.38 26.71
CA GLY G 63 23.84 53.60 27.44
C GLY G 63 23.99 53.30 28.92
N GLN G 64 22.96 52.68 29.49
CA GLN G 64 22.92 52.22 30.91
C GLN G 64 22.74 50.72 31.00
N ARG G 65 22.96 50.17 32.20
CA ARG G 65 22.66 48.76 32.51
C ARG G 65 21.18 48.49 32.36
N GLU G 66 20.87 47.32 31.84
CA GLU G 66 19.51 46.80 31.91
C GLU G 66 19.22 46.36 33.33
N ASP G 67 18.07 46.78 33.86
CA ASP G 67 17.62 46.49 35.23
C ASP G 67 17.63 44.99 35.58
N THR G 104 21.69 30.25 35.82
CA THR G 104 20.91 29.01 35.79
C THR G 104 21.11 28.23 34.49
N HIS G 105 20.70 26.96 34.54
CA HIS G 105 20.70 26.05 33.41
C HIS G 105 19.71 26.48 32.31
N LEU G 106 18.53 26.95 32.74
CA LEU G 106 17.43 27.31 31.85
C LEU G 106 17.78 28.43 30.86
N PHE G 107 18.51 29.43 31.35
CA PHE G 107 19.02 30.54 30.53
C PHE G 107 19.95 30.03 29.43
N ASN G 108 20.88 29.14 29.80
CA ASN G 108 21.84 28.60 28.87
C ASN G 108 21.18 27.77 27.79
N LEU G 109 20.16 27.02 28.17
CA LEU G 109 19.36 26.21 27.24
C LEU G 109 18.55 27.07 26.27
N GLY G 110 17.85 28.07 26.81
CA GLY G 110 17.13 29.08 26.02
C GLY G 110 18.00 29.73 24.96
N ASN G 111 19.30 29.86 25.26
CA ASN G 111 20.24 30.51 24.34
C ASN G 111 20.54 29.70 23.07
N CYS G 112 20.18 28.41 23.10
CA CYS G 112 20.30 27.52 21.94
C CYS G 112 19.23 27.76 20.85
N LEU G 113 18.21 28.56 21.18
CA LEU G 113 17.16 28.96 20.25
C LEU G 113 17.51 30.33 19.70
N TRP G 114 17.19 30.57 18.42
CA TRP G 114 17.35 31.88 17.81
C TRP G 114 16.52 32.92 18.58
N HIS G 115 17.19 33.98 19.04
CA HIS G 115 16.53 34.99 19.88
C HIS G 115 17.20 36.36 19.76
N SER G 116 16.49 37.38 20.26
CA SER G 116 17.01 38.73 20.45
C SER G 116 16.84 38.99 21.95
N ASP G 117 17.91 39.43 22.59
CA ASP G 117 17.93 39.56 24.06
C ASP G 117 16.86 40.48 24.62
N SER G 118 16.19 40.01 25.69
CA SER G 118 15.20 40.80 26.43
C SER G 118 14.01 41.28 25.59
N SER G 119 13.65 40.52 24.54
CA SER G 119 12.53 40.92 23.69
C SER G 119 11.19 40.81 24.42
N PHE G 120 11.16 40.04 25.51
CA PHE G 120 10.01 39.91 26.44
C PHE G 120 9.87 41.09 27.43
N ARG G 121 10.77 42.07 27.34
CA ARG G 121 10.68 43.28 28.15
C ARG G 121 10.03 44.38 27.33
N PRO G 122 9.24 45.29 27.96
CA PRO G 122 8.57 46.35 27.19
C PRO G 122 9.55 47.28 26.45
N ILE G 123 10.69 47.57 27.06
CA ILE G 123 11.79 48.24 26.38
C ILE G 123 12.92 47.21 26.26
N PRO G 124 13.13 46.66 25.04
CA PRO G 124 14.09 45.57 24.87
C PRO G 124 15.54 46.05 24.74
N ALA G 125 16.49 45.14 24.94
CA ALA G 125 17.92 45.46 24.94
C ALA G 125 18.37 46.21 23.68
N LYS G 126 19.30 47.15 23.88
CA LYS G 126 20.07 47.75 22.81
C LYS G 126 21.24 46.81 22.43
N PHE G 127 22.40 46.96 23.09
CA PHE G 127 23.57 46.11 22.84
C PHE G 127 23.78 45.04 23.92
N SER G 128 24.24 43.85 23.49
CA SER G 128 24.78 42.84 24.38
C SER G 128 26.26 42.63 24.00
N LEU G 129 27.06 42.31 25.02
CA LEU G 129 28.49 42.15 24.90
C LEU G 129 28.86 40.85 25.59
N LEU G 130 29.59 39.99 24.88
CA LEU G 130 30.01 38.71 25.43
C LEU G 130 31.52 38.52 25.32
N SER G 131 32.14 38.25 26.47
CA SER G 131 33.60 38.14 26.61
C SER G 131 33.98 36.68 26.89
N ALA G 132 34.96 36.14 26.16
CA ALA G 132 35.33 34.72 26.30
C ALA G 132 36.51 34.52 27.26
N ARG G 133 36.17 34.13 28.49
CA ARG G 133 37.15 33.93 29.57
C ARG G 133 37.70 32.52 29.61
N VAL G 134 36.85 31.53 29.31
CA VAL G 134 37.26 30.13 29.12
C VAL G 134 36.48 29.56 27.93
N VAL G 135 37.21 29.11 26.91
CA VAL G 135 36.62 28.59 25.67
C VAL G 135 36.49 27.06 25.71
N ASN G 136 35.24 26.59 25.53
CA ASN G 136 34.91 25.18 25.37
C ASN G 136 35.39 24.72 23.99
N PRO G 137 36.27 23.70 23.93
CA PRO G 137 36.82 23.30 22.62
C PRO G 137 35.87 22.48 21.72
N THR G 138 34.81 21.90 22.29
CA THR G 138 33.95 20.97 21.53
CA THR G 138 33.91 20.98 21.56
C THR G 138 32.93 21.68 20.61
N GLY G 139 32.05 22.50 21.16
CA GLY G 139 31.04 23.18 20.35
C GLY G 139 30.91 24.64 20.73
N GLY G 140 29.67 25.11 20.85
CA GLY G 140 29.39 26.44 21.39
C GLY G 140 29.80 27.62 20.53
N ASN G 141 29.81 27.42 19.20
CA ASN G 141 29.82 28.55 18.26
C ASN G 141 28.60 29.42 18.57
N THR G 142 28.77 30.73 18.39
CA THR G 142 27.65 31.66 18.45
C THR G 142 27.34 32.14 17.04
N GLU G 143 26.08 32.03 16.65
CA GLU G 143 25.65 32.38 15.32
C GLU G 143 24.78 33.62 15.39
N PHE G 144 24.89 34.47 14.36
CA PHE G 144 24.20 35.74 14.26
C PHE G 144 23.48 35.81 12.93
N ALA G 145 22.25 36.32 12.95
CA ALA G 145 21.46 36.45 11.74
C ALA G 145 21.10 37.92 11.51
N ASP G 146 21.34 38.41 10.29
CA ASP G 146 21.07 39.81 9.92
C ASP G 146 19.59 39.97 9.56
N MET G 147 18.84 40.62 10.44
CA MET G 147 17.41 40.75 10.29
C MET G 147 16.99 41.79 9.27
N ARG G 148 17.91 42.70 8.93
CA ARG G 148 17.71 43.73 7.91
C ARG G 148 17.79 43.10 6.52
N ALA G 149 18.90 42.39 6.26
CA ALA G 149 19.09 41.66 5.02
C ALA G 149 17.96 40.65 4.81
N ALA G 150 17.56 39.98 5.90
CA ALA G 150 16.43 39.04 5.91
C ALA G 150 15.13 39.72 5.49
N TYR G 151 14.89 40.91 6.04
CA TYR G 151 13.72 41.69 5.68
C TYR G 151 13.74 42.05 4.20
N ASP G 152 14.87 42.57 3.71
CA ASP G 152 14.99 43.08 2.34
C ASP G 152 14.68 42.03 1.27
N ALA G 153 15.11 40.80 1.55
CA ALA G 153 15.00 39.65 0.64
C ALA G 153 13.59 39.06 0.52
N LEU G 154 12.67 39.48 1.39
CA LEU G 154 11.26 39.06 1.30
C LEU G 154 10.59 39.66 0.05
N ASP G 155 9.57 38.98 -0.48
CA ASP G 155 8.78 39.53 -1.59
C ASP G 155 7.83 40.64 -1.12
N ASP G 156 7.40 41.48 -2.07
CA ASP G 156 6.53 42.64 -1.79
C ASP G 156 5.23 42.30 -1.10
N GLU G 157 4.66 41.14 -1.45
CA GLU G 157 3.42 40.66 -0.85
C GLU G 157 3.59 40.42 0.66
N THR G 158 4.73 39.84 1.03
CA THR G 158 5.00 39.51 2.43
C THR G 158 5.29 40.78 3.24
N LYS G 159 6.11 41.66 2.67
CA LYS G 159 6.35 42.98 3.26
C LYS G 159 5.05 43.72 3.54
N ALA G 160 4.14 43.71 2.56
CA ALA G 160 2.81 44.29 2.71
C ALA G 160 1.99 43.59 3.79
N GLU G 161 2.12 42.26 3.86
CA GLU G 161 1.37 41.45 4.82
C GLU G 161 1.77 41.72 6.28
N ILE G 162 3.08 41.88 6.50
CA ILE G 162 3.61 41.92 7.87
C ILE G 162 3.73 43.34 8.48
N GLU G 163 3.84 44.35 7.62
CA GLU G 163 4.07 45.77 7.99
C GLU G 163 3.58 46.23 9.38
N ASP G 164 2.33 45.95 9.71
CA ASP G 164 1.73 46.46 10.94
C ASP G 164 1.39 45.37 11.96
N LEU G 165 1.88 44.15 11.71
CA LEU G 165 1.68 43.04 12.65
C LEU G 165 2.48 43.25 13.95
N VAL G 166 1.90 42.76 15.04
CA VAL G 166 2.44 42.96 16.39
C VAL G 166 2.50 41.60 17.07
N CYS G 167 3.69 41.24 17.58
CA CYS G 167 3.86 39.96 18.27
C CYS G 167 3.77 40.12 19.78
N GLU G 168 3.38 39.03 20.44
CA GLU G 168 3.42 38.96 21.88
C GLU G 168 4.67 38.16 22.26
N HIS G 169 5.54 38.77 23.08
CA HIS G 169 6.79 38.15 23.52
C HIS G 169 6.72 37.85 25.00
N SER G 170 7.14 36.64 25.38
CA SER G 170 7.20 36.23 26.79
C SER G 170 8.16 35.07 26.97
N LEU G 171 8.77 35.00 28.16
CA LEU G 171 9.61 33.88 28.56
C LEU G 171 8.84 32.56 28.58
N MET G 172 7.53 32.64 28.81
CA MET G 172 6.65 31.46 28.78
C MET G 172 6.63 30.82 27.39
N TYR G 173 6.76 31.62 26.35
CA TYR G 173 6.79 31.12 24.98
C TYR G 173 8.09 30.39 24.67
N SER G 174 9.23 31.03 24.95
CA SER G 174 10.54 30.42 24.69
C SER G 174 10.76 29.15 25.54
N ARG G 175 10.41 29.25 26.82
CA ARG G 175 10.48 28.08 27.71
C ARG G 175 9.45 27.02 27.35
N GLY G 176 8.32 27.45 26.76
CA GLY G 176 7.35 26.55 26.09
C GLY G 176 8.00 25.64 25.06
N SER G 177 8.78 26.21 24.16
CA SER G 177 9.50 25.45 23.13
C SER G 177 10.47 24.44 23.71
N LEU G 178 11.00 24.74 24.90
CA LEU G 178 11.88 23.82 25.63
C LEU G 178 11.12 22.75 26.41
N GLY G 179 9.79 22.89 26.47
CA GLY G 179 8.91 21.91 27.12
C GLY G 179 8.25 22.31 28.43
N PHE G 180 8.50 23.53 28.89
CA PHE G 180 7.86 24.07 30.09
C PHE G 180 6.62 24.85 29.70
N THR G 181 5.45 24.22 29.83
CA THR G 181 4.18 24.83 29.42
C THR G 181 3.28 25.25 30.59
N GLU G 182 3.49 24.64 31.76
CA GLU G 182 2.66 24.88 32.96
C GLU G 182 3.19 26.04 33.79
N TYR G 183 2.33 27.05 33.99
CA TYR G 183 2.67 28.25 34.76
C TYR G 183 1.60 28.61 35.77
N THR G 184 2.03 28.79 37.02
CA THR G 184 1.19 29.29 38.11
C THR G 184 0.83 30.75 37.83
N ASP G 185 -0.29 31.21 38.40
CA ASP G 185 -0.77 32.58 38.23
C ASP G 185 0.21 33.64 38.75
N GLU G 186 1.06 33.23 39.70
CA GLU G 186 2.21 34.02 40.15
C GLU G 186 3.19 34.27 38.99
N GLU G 187 3.59 33.19 38.31
CA GLU G 187 4.50 33.25 37.15
C GLU G 187 3.89 33.95 35.93
N LYS G 188 2.59 33.72 35.67
CA LYS G 188 1.85 34.35 34.57
C LYS G 188 1.83 35.89 34.63
N GLN G 189 1.92 36.42 35.85
CA GLN G 189 2.03 37.86 36.07
C GLN G 189 3.46 38.33 35.87
N MET G 190 4.41 37.59 36.45
CA MET G 190 5.85 37.85 36.34
C MET G 190 6.29 37.87 34.87
N PHE G 191 5.77 36.92 34.08
CA PHE G 191 6.12 36.74 32.67
C PHE G 191 5.02 37.23 31.72
N LYS G 192 4.19 38.16 32.19
CA LYS G 192 3.13 38.78 31.38
C LYS G 192 3.67 39.18 30.00
N PRO G 193 3.05 38.66 28.92
CA PRO G 193 3.47 38.97 27.55
C PRO G 193 3.45 40.46 27.22
N VAL G 194 4.45 40.92 26.47
CA VAL G 194 4.53 42.31 26.02
C VAL G 194 4.47 42.38 24.49
N LEU G 195 4.11 43.56 23.98
CA LEU G 195 3.91 43.74 22.55
C LEU G 195 5.17 44.30 21.90
N GLN G 196 5.51 43.78 20.73
CA GLN G 196 6.60 44.31 19.90
C GLN G 196 6.15 44.30 18.46
N ARG G 197 6.59 45.29 17.69
CA ARG G 197 6.37 45.31 16.23
C ARG G 197 7.13 44.15 15.59
N LEU G 198 6.45 43.44 14.69
CA LEU G 198 7.12 42.44 13.84
C LEU G 198 8.14 43.08 12.89
N VAL G 199 7.82 44.28 12.40
CA VAL G 199 8.74 45.05 11.57
C VAL G 199 9.12 46.30 12.36
N ARG G 200 10.40 46.39 12.70
CA ARG G 200 10.94 47.53 13.44
C ARG G 200 11.88 48.33 12.54
N THR G 201 12.13 49.58 12.92
CA THR G 201 12.93 50.52 12.15
C THR G 201 14.03 51.05 13.06
N HIS G 202 15.25 51.04 12.57
CA HIS G 202 16.41 51.45 13.34
C HIS G 202 16.42 52.98 13.48
N PRO G 203 16.66 53.48 14.71
CA PRO G 203 16.53 54.93 14.92
C PRO G 203 17.58 55.77 14.20
N VAL G 204 18.70 55.20 13.81
CA VAL G 204 19.74 55.98 13.13
C VAL G 204 19.64 55.92 11.60
N HIS G 205 19.82 54.74 11.01
CA HIS G 205 19.83 54.62 9.54
C HIS G 205 18.47 54.36 8.88
N ARG G 206 17.45 54.18 9.73
CA ARG G 206 16.04 53.98 9.31
C ARG G 206 15.72 52.68 8.54
N ARG G 207 16.68 51.74 8.49
CA ARG G 207 16.42 50.44 7.88
C ARG G 207 15.40 49.63 8.66
N LYS G 208 14.46 49.04 7.92
CA LYS G 208 13.50 48.10 8.46
C LYS G 208 14.18 46.74 8.66
N SER G 209 13.70 45.98 9.64
CA SER G 209 14.22 44.64 9.93
C SER G 209 13.15 43.81 10.62
N LEU G 210 13.29 42.50 10.49
CA LEU G 210 12.36 41.56 11.11
C LEU G 210 12.68 41.42 12.60
N TYR G 211 11.71 41.73 13.45
CA TYR G 211 11.92 41.60 14.88
C TYR G 211 11.50 40.19 15.25
N LEU G 212 12.44 39.26 15.12
CA LEU G 212 12.17 37.87 15.39
C LEU G 212 12.87 37.46 16.66
N SER G 213 12.26 36.50 17.36
CA SER G 213 12.77 36.02 18.64
C SER G 213 12.00 34.79 19.12
N SER G 214 12.70 33.90 19.81
CA SER G 214 12.10 32.71 20.42
C SER G 214 11.04 33.05 21.48
N HIS G 215 11.18 34.25 22.06
CA HIS G 215 10.21 34.77 23.03
C HIS G 215 8.85 35.11 22.39
N ALA G 216 8.82 35.38 21.08
CA ALA G 216 7.55 35.63 20.37
C ALA G 216 6.79 34.34 20.12
N GLY G 217 5.56 34.28 20.63
CA GLY G 217 4.74 33.08 20.50
C GLY G 217 3.34 33.27 19.94
N LYS G 218 3.04 34.49 19.47
CA LYS G 218 1.70 34.83 18.96
C LYS G 218 1.79 36.13 18.17
N ILE G 219 0.99 36.24 17.11
CA ILE G 219 0.72 37.54 16.49
C ILE G 219 -0.67 38.01 16.98
N ALA G 220 -0.71 39.25 17.49
CA ALA G 220 -1.90 39.83 18.12
C ALA G 220 -3.19 39.79 17.27
N SER G 221 -3.07 40.09 15.97
CA SER G 221 -4.23 40.15 15.06
C SER G 221 -4.55 38.83 14.30
N MET G 222 -3.83 37.76 14.63
CA MET G 222 -4.01 36.48 13.96
C MET G 222 -4.47 35.42 14.96
N SER G 223 -5.08 34.34 14.46
CA SER G 223 -5.33 33.17 15.31
C SER G 223 -3.97 32.61 15.78
N VAL G 224 -3.96 31.98 16.96
CA VAL G 224 -2.73 31.43 17.55
C VAL G 224 -1.92 30.52 16.56
N PRO G 225 -2.57 29.50 15.94
CA PRO G 225 -1.75 28.60 15.10
C PRO G 225 -1.21 29.26 13.85
N GLU G 226 -2.04 30.06 13.17
CA GLU G 226 -1.67 30.73 11.92
C GLU G 226 -0.57 31.77 12.09
N GLY G 227 -0.62 32.50 13.20
CA GLY G 227 0.43 33.46 13.57
C GLY G 227 1.73 32.76 13.85
N ARG G 228 1.68 31.71 14.67
CA ARG G 228 2.85 30.91 14.98
C ARG G 228 3.48 30.31 13.73
N LEU G 229 2.65 29.80 12.82
CA LEU G 229 3.11 29.30 11.53
C LEU G 229 3.79 30.36 10.68
N LEU G 230 3.24 31.58 10.70
CA LEU G 230 3.85 32.70 9.99
C LEU G 230 5.23 33.07 10.58
N LEU G 231 5.31 33.16 11.91
CA LEU G 231 6.60 33.38 12.60
C LEU G 231 7.62 32.29 12.27
N ARG G 232 7.18 31.04 12.27
CA ARG G 232 8.02 29.89 11.89
C ARG G 232 8.64 30.05 10.48
N ASP G 233 7.82 30.40 9.48
CA ASP G 233 8.30 30.66 8.12
C ASP G 233 9.28 31.82 8.02
N LEU G 234 8.98 32.90 8.72
CA LEU G 234 9.86 34.08 8.77
C LEU G 234 11.21 33.73 9.40
N ASN G 235 11.17 32.95 10.49
CA ASN G 235 12.39 32.52 11.20
C ASN G 235 13.27 31.62 10.34
N GLU G 236 12.63 30.73 9.59
CA GLU G 236 13.31 29.83 8.69
C GLU G 236 13.96 30.63 7.56
N HIS G 237 13.22 31.60 7.02
CA HIS G 237 13.71 32.50 5.98
C HIS G 237 14.91 33.30 6.47
N ALA G 238 14.77 33.88 7.66
CA ALA G 238 15.74 34.83 8.20
C ALA G 238 17.07 34.19 8.66
N THR G 239 17.08 32.86 8.83
CA THR G 239 18.26 32.14 9.35
C THR G 239 18.89 31.16 8.33
N GLN G 240 18.51 31.32 7.07
CA GLN G 240 19.23 30.72 5.94
C GLN G 240 20.71 31.15 5.96
N PRO G 241 21.63 30.29 5.46
CA PRO G 241 23.07 30.59 5.52
C PRO G 241 23.49 31.96 4.98
N GLU G 242 22.80 32.45 3.95
CA GLU G 242 23.09 33.75 3.35
C GLU G 242 22.94 34.94 4.32
N PHE G 243 22.16 34.78 5.39
CA PHE G 243 21.98 35.86 6.40
C PHE G 243 22.72 35.59 7.72
N VAL G 244 23.53 34.52 7.76
CA VAL G 244 24.12 34.06 9.01
C VAL G 244 25.64 34.22 9.03
N TYR G 245 26.15 34.77 10.13
CA TYR G 245 27.57 34.71 10.48
C TYR G 245 27.75 33.75 11.66
N VAL G 246 28.65 32.78 11.48
CA VAL G 246 29.01 31.79 12.49
C VAL G 246 30.29 32.30 13.17
N HIS G 247 30.24 32.52 14.48
CA HIS G 247 31.43 32.92 15.23
C HIS G 247 32.05 31.74 15.97
N LYS G 248 33.31 31.45 15.64
CA LYS G 248 34.11 30.42 16.32
C LYS G 248 34.98 31.15 17.33
N TRP G 249 34.80 30.80 18.60
CA TRP G 249 35.38 31.53 19.71
C TRP G 249 36.87 31.31 19.89
N LYS G 250 37.56 32.36 20.31
CA LYS G 250 38.96 32.34 20.63
C LYS G 250 39.05 33.03 21.96
N LEU G 251 39.94 32.53 22.82
CA LEU G 251 40.19 33.09 24.15
C LEU G 251 40.39 34.60 24.09
N HIS G 252 39.65 35.29 24.97
CA HIS G 252 39.67 36.76 25.11
C HIS G 252 39.01 37.53 23.95
N ASP G 253 38.27 36.83 23.09
CA ASP G 253 37.38 37.53 22.17
C ASP G 253 36.36 38.33 22.98
N LEU G 254 35.92 39.45 22.41
CA LEU G 254 34.70 40.08 22.83
C LEU G 254 33.84 40.31 21.60
N VAL G 255 32.58 39.91 21.70
CA VAL G 255 31.64 40.16 20.61
C VAL G 255 30.49 41.01 21.12
N MET G 256 30.24 42.12 20.43
CA MET G 256 29.13 43.00 20.76
C MET G 256 28.13 43.00 19.61
N TRP G 257 26.86 42.82 19.93
CA TRP G 257 25.85 42.83 18.90
C TRP G 257 24.66 43.72 19.23
N ASP G 258 24.01 44.22 18.18
CA ASP G 258 22.82 45.04 18.31
C ASP G 258 21.58 44.16 18.24
N ASN G 259 20.93 43.97 19.39
CA ASN G 259 19.69 43.19 19.47
C ASN G 259 18.56 43.74 18.60
N ARG G 260 18.65 45.03 18.26
CA ARG G 260 17.64 45.69 17.45
C ARG G 260 17.74 45.30 15.98
N GLN G 261 18.86 44.68 15.59
CA GLN G 261 19.11 44.37 14.17
C GLN G 261 19.35 42.89 13.88
N THR G 262 19.33 42.05 14.91
CA THR G 262 19.82 40.69 14.78
C THR G 262 19.01 39.68 15.56
N MET G 263 19.29 38.40 15.29
CA MET G 263 19.06 37.34 16.25
C MET G 263 20.40 36.66 16.51
N HIS G 264 20.49 35.88 17.57
CA HIS G 264 21.66 35.06 17.80
C HIS G 264 21.26 33.77 18.50
N ARG G 265 22.15 32.79 18.46
CA ARG G 265 22.01 31.54 19.21
C ARG G 265 23.36 30.88 19.48
N VAL G 266 23.43 30.05 20.51
CA VAL G 266 24.62 29.24 20.76
C VAL G 266 24.37 27.81 20.26
N ARG G 267 25.36 27.21 19.60
CA ARG G 267 25.26 25.82 19.18
C ARG G 267 25.61 24.88 20.32
N ARG G 268 25.21 23.60 20.18
CA ARG G 268 25.47 22.58 21.19
C ARG G 268 26.95 22.48 21.56
N TYR G 269 27.22 22.27 22.84
CA TYR G 269 28.59 22.03 23.33
C TYR G 269 28.55 20.95 24.40
N ASP G 270 29.71 20.37 24.70
CA ASP G 270 29.84 19.44 25.83
C ASP G 270 29.76 20.21 27.16
N GLN G 271 28.62 20.08 27.81
CA GLN G 271 28.27 20.80 29.03
C GLN G 271 29.10 20.44 30.27
N SER G 272 29.80 19.31 30.22
CA SER G 272 30.63 18.88 31.34
C SER G 272 32.02 19.59 31.33
N GLN G 273 32.42 20.16 30.20
CA GLN G 273 33.63 21.00 30.11
C GLN G 273 33.35 22.48 30.48
N PRO G 274 34.37 23.20 31.02
CA PRO G 274 34.09 24.61 31.39
C PRO G 274 33.86 25.53 30.18
N ARG G 275 32.93 26.47 30.36
CA ARG G 275 32.60 27.49 29.37
C ARG G 275 32.29 28.77 30.16
N ASP G 276 33.23 29.71 30.15
CA ASP G 276 33.07 30.94 30.91
C ASP G 276 32.92 32.11 29.94
N MET G 277 31.66 32.50 29.72
CA MET G 277 31.29 33.57 28.80
C MET G 277 30.54 34.60 29.61
N ARG G 278 31.10 35.79 29.76
CA ARG G 278 30.50 36.84 30.58
C ARG G 278 29.75 37.89 29.76
N ARG G 279 28.51 38.17 30.17
CA ARG G 279 27.65 39.12 29.48
C ARG G 279 27.48 40.46 30.20
N ALA G 280 27.48 41.52 29.39
CA ALA G 280 27.00 42.84 29.77
C ALA G 280 25.89 43.24 28.77
N THR G 281 24.84 43.87 29.29
CA THR G 281 23.70 44.28 28.46
C THR G 281 23.42 45.76 28.67
N VAL G 282 23.32 46.50 27.56
CA VAL G 282 22.93 47.91 27.55
C VAL G 282 21.43 47.98 27.32
N ALA G 283 20.74 48.63 28.26
CA ALA G 283 19.30 48.78 28.24
C ALA G 283 18.82 49.55 27.01
N GLY G 284 17.65 49.16 26.51
CA GLY G 284 17.01 49.85 25.40
C GLY G 284 16.73 51.31 25.69
N THR G 285 16.73 52.10 24.62
CA THR G 285 16.64 53.56 24.69
C THR G 285 15.38 54.05 23.95
N GLU G 286 14.63 53.10 23.39
CA GLU G 286 13.32 53.33 22.73
C GLU G 286 12.47 52.02 22.65
N PRO G 287 11.14 52.11 22.90
CA PRO G 287 10.25 50.95 22.68
C PRO G 287 9.93 50.77 21.19
N THR G 288 9.29 49.65 20.82
CA THR G 288 8.83 49.46 19.42
C THR G 288 7.34 49.79 19.20
N VAL G 289 6.51 49.58 20.22
CA VAL G 289 5.08 49.99 20.23
C VAL G 289 4.64 50.59 21.56
N GLN G 290 3.39 51.06 21.59
CA GLN G 290 2.75 51.76 22.72
C GLN G 290 3.47 53.07 23.11
#